data_6WEL
#
_entry.id   6WEL
#
_cell.length_a   1.00
_cell.length_b   1.00
_cell.length_c   1.00
_cell.angle_alpha   90.00
_cell.angle_beta   90.00
_cell.angle_gamma   90.00
#
_symmetry.space_group_name_H-M   'P 1'
#
loop_
_entity.id
_entity.type
_entity.pdbx_description
1 polymer 'Cyclic nucleotide-gated cation channel'
2 non-polymer 1-PALMITOYL-2-LINOLEOYL-SN-GLYCERO-3-PHOSPHOCHOLINE
3 non-polymer 1,2-DILAUROYL-SN-GLYCERO-3-PHOSPHATE
4 non-polymer 'SODIUM ION'
#
_entity_poly.entity_id   1
_entity_poly.type   'polypeptide(L)'
_entity_poly.pdbx_seq_one_letter_code
;MSTAEPAPDPTNPSTSGLAPTTNGIGSPPPTASAATKFSILTKFLRRKNQVHTTTAQQNEFMQKYMPNGNSNAVQPAATG
GQPASSDGGSAIEVPPPKESYAVRIRKYLANYTQDPSTDNFYYWTCVVTVAYIYNLLFVIARQVFNDLIGPSSQSLCRFY
NGTLNSTTQVECTYNMLTNMKEMPTYSQYPDLGWSKYWHFRMLWVFFDLLMDCVYLIDTFLNYRMGYMDQGLVVREAEKV
TKAYWQSKQYRIDGISLIPLDYILGWPIPYINWRGLPILRLNRLIRYKRVRNCLERTETRSSMPNAFRVVVVVWYIVIII
HWNACLYFWISEWIGLGTDAWVYGHLNKQSLPDDITDTLLRRYVYSFYWSTLILTTIGEVPSPVRNIEYAFVTLDLMCGV
LIVATIAGNVGSMISNMSAARTEFQNKMDGIKQYMELRKVSKQLEIRVIKWFDYLWTNKQSLSDQQVLKVLPDKLQAEIA
MQVHFETLRKVRIFQDCEAGLLAELVLKLQLQVFSPGDFICKKGDIGREMYIVKRGRLQVVDDDGKKVFVTLQEGSVFGE
LSILNIAGSKNGNRRTANVRSVGYTDLFVLSKTDLWNALREYPDARKLLLAKGREILKKDNLLDENAPEEQKTVEEIAEH
LNNAVKVLQTRMARLIVEHSSTEGKLMKRIEMLEKHLSRYKALARRQKTMHGVSIDGGDISTDGVDERVRPPRLRQTKTI
DLPTGTESESLLK
;
_entity_poly.pdbx_strand_id   A,B,C,D
#
loop_
_chem_comp.id
_chem_comp.type
_chem_comp.name
_chem_comp.formula
CPL non-polymer 1-PALMITOYL-2-LINOLEOYL-SN-GLYCERO-3-PHOSPHOCHOLINE 'C42 H80 N O8 P'
NA non-polymer 'SODIUM ION' 'Na 1'
PX2 non-polymer 1,2-DILAUROYL-SN-GLYCERO-3-PHOSPHATE 'C27 H52 O8 P -1'
#
# COMPACT_ATOMS: atom_id res chain seq x y z
N ARG A 104 -45.88 25.87 -27.50
CA ARG A 104 -46.52 24.58 -27.32
C ARG A 104 -45.49 23.46 -27.36
N ILE A 105 -45.98 22.22 -27.55
CA ILE A 105 -45.10 21.06 -27.57
C ILE A 105 -44.10 21.17 -28.71
N ARG A 106 -44.57 21.52 -29.91
CA ARG A 106 -43.69 21.60 -31.06
C ARG A 106 -42.60 22.66 -30.84
N LYS A 107 -43.00 23.82 -30.32
CA LYS A 107 -42.02 24.88 -30.05
C LYS A 107 -41.00 24.43 -29.02
N TYR A 108 -41.47 23.86 -27.91
CA TYR A 108 -40.56 23.46 -26.85
C TYR A 108 -39.57 22.41 -27.33
N LEU A 109 -40.05 21.43 -28.08
CA LEU A 109 -39.16 20.36 -28.53
C LEU A 109 -38.27 20.81 -29.67
N ALA A 110 -38.70 21.79 -30.46
CA ALA A 110 -37.84 22.29 -31.52
C ALA A 110 -36.74 23.19 -30.96
N ASN A 111 -37.00 23.83 -29.83
CA ASN A 111 -35.98 24.72 -29.25
C ASN A 111 -35.08 24.01 -28.24
N TYR A 112 -35.56 22.93 -27.63
CA TYR A 112 -34.91 22.31 -26.48
C TYR A 112 -33.45 21.96 -26.75
N THR A 113 -32.61 22.18 -25.73
CA THR A 113 -31.22 21.75 -25.71
C THR A 113 -30.84 21.46 -24.26
N GLN A 114 -29.97 20.48 -24.06
CA GLN A 114 -29.72 19.90 -22.74
C GLN A 114 -28.42 20.44 -22.12
N ASP A 115 -28.48 20.71 -20.82
CA ASP A 115 -27.29 21.02 -20.04
C ASP A 115 -26.85 19.79 -19.29
N PRO A 116 -25.67 19.23 -19.56
CA PRO A 116 -25.28 17.98 -18.91
C PRO A 116 -24.99 18.08 -17.42
N SER A 117 -24.73 19.27 -16.90
CA SER A 117 -24.30 19.44 -15.52
C SER A 117 -25.44 19.60 -14.54
N THR A 118 -26.69 19.49 -14.99
CA THR A 118 -27.83 19.63 -14.10
C THR A 118 -27.94 18.41 -13.18
N ASP A 119 -28.83 18.51 -12.20
CA ASP A 119 -29.16 17.37 -11.37
C ASP A 119 -30.22 16.50 -12.02
N ASN A 120 -31.12 17.11 -12.79
CA ASN A 120 -32.09 16.32 -13.53
C ASN A 120 -31.40 15.41 -14.53
N PHE A 121 -30.31 15.86 -15.13
CA PHE A 121 -29.60 14.99 -16.04
C PHE A 121 -28.92 13.85 -15.30
N TYR A 122 -28.47 14.08 -14.07
CA TYR A 122 -27.94 12.98 -13.27
C TYR A 122 -29.01 11.94 -12.97
N TYR A 123 -30.21 12.39 -12.60
CA TYR A 123 -31.29 11.44 -12.36
C TYR A 123 -31.66 10.71 -13.64
N TRP A 124 -31.54 11.37 -14.77
CA TRP A 124 -31.77 10.70 -16.05
C TRP A 124 -30.72 9.62 -16.31
N THR A 125 -29.44 9.93 -16.05
CA THR A 125 -28.41 8.91 -16.23
C THR A 125 -28.66 7.73 -15.32
N CYS A 126 -29.26 7.95 -14.15
CA CYS A 126 -29.63 6.83 -13.29
C CYS A 126 -30.75 6.00 -13.89
N VAL A 127 -31.72 6.65 -14.53
CA VAL A 127 -32.77 5.91 -15.24
C VAL A 127 -32.19 5.06 -16.36
N VAL A 128 -31.25 5.63 -17.12
CA VAL A 128 -30.62 4.88 -18.19
C VAL A 128 -29.77 3.74 -17.65
N THR A 129 -29.17 3.92 -16.47
CA THR A 129 -28.44 2.83 -15.84
C THR A 129 -29.38 1.71 -15.43
N VAL A 130 -30.58 2.04 -14.95
CA VAL A 130 -31.56 1.00 -14.65
C VAL A 130 -31.93 0.22 -15.90
N ALA A 131 -32.13 0.92 -17.02
CA ALA A 131 -32.48 0.22 -18.26
C ALA A 131 -31.33 -0.66 -18.75
N TYR A 132 -30.10 -0.16 -18.64
CA TYR A 132 -28.94 -0.94 -19.02
C TYR A 132 -28.82 -2.20 -18.17
N ILE A 133 -29.02 -2.08 -16.86
CA ILE A 133 -28.92 -3.23 -15.97
C ILE A 133 -30.04 -4.22 -16.25
N TYR A 134 -31.20 -3.73 -16.66
CA TYR A 134 -32.25 -4.64 -17.13
C TYR A 134 -31.75 -5.51 -18.27
N ASN A 135 -31.18 -4.89 -19.30
CA ASN A 135 -30.69 -5.66 -20.43
C ASN A 135 -29.57 -6.61 -20.04
N LEU A 136 -28.61 -6.11 -19.24
CA LEU A 136 -27.45 -6.88 -18.80
C LEU A 136 -27.84 -8.22 -18.20
N LEU A 137 -28.85 -8.25 -17.35
CA LEU A 137 -29.27 -9.48 -16.71
C LEU A 137 -30.16 -10.29 -17.64
N PHE A 138 -31.19 -9.68 -18.19
CA PHE A 138 -32.30 -10.48 -18.67
C PHE A 138 -32.12 -10.95 -20.09
N VAL A 139 -31.25 -10.33 -20.88
CA VAL A 139 -31.07 -10.86 -22.23
C VAL A 139 -30.36 -12.21 -22.19
N ILE A 140 -29.28 -12.32 -21.43
CA ILE A 140 -28.58 -13.58 -21.30
C ILE A 140 -29.42 -14.58 -20.50
N ALA A 141 -30.16 -14.11 -19.50
CA ALA A 141 -31.02 -15.03 -18.77
C ALA A 141 -32.09 -15.61 -19.67
N ARG A 142 -32.66 -14.83 -20.58
CA ARG A 142 -33.72 -15.36 -21.43
C ARG A 142 -33.15 -16.20 -22.57
N GLN A 143 -31.90 -15.96 -22.96
CA GLN A 143 -31.29 -16.84 -23.95
C GLN A 143 -31.03 -18.22 -23.36
N VAL A 144 -30.36 -18.28 -22.21
CA VAL A 144 -29.96 -19.58 -21.68
C VAL A 144 -31.10 -20.25 -20.95
N PHE A 145 -31.80 -19.53 -20.10
CA PHE A 145 -32.93 -20.05 -19.36
C PHE A 145 -34.25 -19.72 -20.05
N ASN A 146 -34.47 -20.34 -21.20
CA ASN A 146 -35.61 -20.15 -22.09
C ASN A 146 -36.98 -20.09 -21.43
N ASP A 147 -37.21 -20.90 -20.40
CA ASP A 147 -38.53 -20.94 -19.78
C ASP A 147 -38.91 -19.64 -19.08
N LEU A 148 -38.01 -18.67 -19.01
CA LEU A 148 -38.36 -17.38 -18.43
C LEU A 148 -39.49 -16.71 -19.18
N ILE A 149 -39.67 -17.02 -20.47
CA ILE A 149 -40.79 -16.49 -21.22
C ILE A 149 -41.94 -17.47 -21.33
N GLY A 150 -41.83 -18.62 -20.69
CA GLY A 150 -42.80 -19.68 -20.84
C GLY A 150 -42.25 -20.79 -21.69
N PRO A 151 -42.45 -22.04 -21.27
CA PRO A 151 -41.94 -23.16 -22.05
C PRO A 151 -42.53 -23.22 -23.45
N SER A 152 -41.64 -23.39 -24.43
CA SER A 152 -42.02 -23.58 -25.81
C SER A 152 -42.31 -25.03 -26.15
N SER A 153 -41.91 -25.96 -25.30
CA SER A 153 -42.07 -27.37 -25.54
C SER A 153 -42.59 -28.02 -24.27
N GLN A 154 -43.07 -29.25 -24.42
CA GLN A 154 -43.64 -30.04 -23.35
C GLN A 154 -42.59 -31.02 -22.84
N SER A 155 -42.42 -31.08 -21.53
CA SER A 155 -41.54 -32.08 -20.93
C SER A 155 -42.27 -33.40 -20.84
N LEU A 156 -41.64 -34.46 -21.34
CA LEU A 156 -42.22 -35.78 -21.36
C LEU A 156 -41.36 -36.73 -20.55
N CYS A 157 -41.98 -37.41 -19.59
CA CYS A 157 -41.34 -38.38 -18.73
C CYS A 157 -41.82 -39.77 -19.10
N ARG A 158 -40.94 -40.76 -18.96
CA ARG A 158 -41.30 -42.16 -19.20
C ARG A 158 -41.83 -42.74 -17.91
N PHE A 159 -43.13 -42.95 -17.85
CA PHE A 159 -43.82 -43.28 -16.61
C PHE A 159 -44.27 -44.73 -16.63
N TYR A 160 -44.13 -45.41 -15.49
CA TYR A 160 -44.65 -46.75 -15.32
C TYR A 160 -45.95 -46.66 -14.52
N ASN A 161 -47.06 -47.00 -15.16
CA ASN A 161 -48.36 -46.91 -14.53
C ASN A 161 -48.54 -48.00 -13.47
N ASN A 165 -49.18 -50.61 -15.02
CA ASN A 165 -49.52 -51.66 -15.96
C ASN A 165 -48.43 -51.79 -17.03
N SER A 166 -47.91 -50.65 -17.47
CA SER A 166 -46.86 -50.62 -18.49
C SER A 166 -46.18 -49.26 -18.44
N THR A 167 -45.14 -49.12 -19.26
CA THR A 167 -44.34 -47.89 -19.33
C THR A 167 -44.68 -47.12 -20.59
N THR A 168 -45.15 -45.88 -20.42
CA THR A 168 -45.49 -45.01 -21.53
C THR A 168 -44.93 -43.61 -21.26
N GLN A 169 -45.05 -42.73 -22.25
CA GLN A 169 -44.45 -41.40 -22.22
C GLN A 169 -45.55 -40.36 -22.03
N VAL A 170 -45.54 -39.70 -20.87
CA VAL A 170 -46.58 -38.75 -20.50
C VAL A 170 -45.91 -37.44 -20.08
N GLU A 171 -46.73 -36.41 -19.93
CA GLU A 171 -46.24 -35.11 -19.52
C GLU A 171 -45.79 -35.14 -18.07
N CYS A 172 -44.60 -34.64 -17.80
CA CYS A 172 -44.00 -34.73 -16.48
C CYS A 172 -44.80 -33.94 -15.46
N THR A 173 -45.02 -34.54 -14.30
CA THR A 173 -45.51 -33.85 -13.13
C THR A 173 -44.31 -33.47 -12.28
N TYR A 174 -44.53 -32.90 -11.09
CA TYR A 174 -43.40 -32.61 -10.22
C TYR A 174 -42.91 -33.84 -9.47
N ASN A 175 -43.74 -34.87 -9.33
CA ASN A 175 -43.28 -36.12 -8.79
C ASN A 175 -42.46 -36.92 -9.79
N MET A 176 -42.64 -36.66 -11.09
CA MET A 176 -41.82 -37.30 -12.10
C MET A 176 -40.48 -36.61 -12.28
N LEU A 177 -40.33 -35.39 -11.80
CA LEU A 177 -39.09 -34.64 -11.92
C LEU A 177 -38.30 -34.68 -10.61
N THR A 178 -38.69 -35.55 -9.70
CA THR A 178 -37.98 -35.79 -8.45
C THR A 178 -37.46 -37.22 -8.49
N ASN A 179 -36.23 -37.42 -8.02
CA ASN A 179 -35.62 -38.75 -7.96
C ASN A 179 -35.58 -39.42 -9.32
N MET A 180 -35.17 -38.67 -10.33
CA MET A 180 -35.22 -39.16 -11.70
C MET A 180 -34.13 -40.19 -11.94
N LYS A 181 -34.45 -41.16 -12.81
CA LYS A 181 -33.48 -42.11 -13.32
C LYS A 181 -32.94 -41.70 -14.67
N GLU A 182 -33.56 -40.71 -15.29
CA GLU A 182 -33.06 -40.10 -16.52
C GLU A 182 -33.78 -38.77 -16.70
N MET A 183 -33.25 -37.97 -17.58
CA MET A 183 -33.82 -36.66 -17.82
C MET A 183 -35.00 -36.75 -18.78
N PRO A 184 -35.95 -35.83 -18.68
CA PRO A 184 -37.09 -35.85 -19.60
C PRO A 184 -36.73 -35.38 -20.99
N THR A 185 -37.59 -35.69 -21.94
CA THR A 185 -37.44 -35.23 -23.31
C THR A 185 -38.55 -34.26 -23.64
N TYR A 186 -38.33 -33.46 -24.68
CA TYR A 186 -39.20 -32.33 -24.98
C TYR A 186 -39.89 -32.50 -26.33
N SER A 187 -41.09 -31.96 -26.43
CA SER A 187 -41.88 -32.00 -27.63
C SER A 187 -42.52 -30.64 -27.83
N GLN A 188 -42.14 -29.94 -28.90
CA GLN A 188 -42.60 -28.58 -29.12
C GLN A 188 -44.11 -28.49 -29.17
N TYR A 189 -44.63 -27.36 -28.73
CA TYR A 189 -46.02 -27.05 -28.96
C TYR A 189 -46.20 -26.62 -30.42
N PRO A 190 -47.40 -26.78 -30.98
CA PRO A 190 -47.61 -26.31 -32.36
C PRO A 190 -47.43 -24.81 -32.46
N ASP A 191 -48.08 -24.04 -31.60
CA ASP A 191 -47.81 -22.61 -31.43
C ASP A 191 -46.90 -22.51 -30.22
N LEU A 192 -45.71 -21.96 -30.39
CA LEU A 192 -44.64 -22.33 -29.48
C LEU A 192 -44.88 -21.80 -28.08
N GLY A 193 -45.94 -22.31 -27.46
CA GLY A 193 -46.36 -21.91 -26.14
C GLY A 193 -47.12 -20.61 -26.09
N TRP A 194 -47.60 -20.11 -27.23
CA TRP A 194 -48.13 -18.76 -27.26
C TRP A 194 -49.51 -18.69 -26.64
N SER A 195 -50.32 -19.72 -26.81
CA SER A 195 -51.65 -19.69 -26.22
C SER A 195 -51.61 -19.84 -24.71
N LYS A 196 -50.57 -20.48 -24.19
CA LYS A 196 -50.47 -20.73 -22.76
C LYS A 196 -49.72 -19.64 -22.00
N TYR A 197 -48.84 -18.91 -22.67
CA TYR A 197 -47.93 -18.00 -21.98
C TYR A 197 -47.88 -16.63 -22.61
N TRP A 198 -48.90 -16.25 -23.37
CA TRP A 198 -48.89 -14.93 -24.01
C TRP A 198 -48.87 -13.81 -22.99
N HIS A 199 -49.37 -14.04 -21.78
CA HIS A 199 -49.33 -13.02 -20.76
C HIS A 199 -47.91 -12.79 -20.25
N PHE A 200 -47.18 -13.86 -19.98
CA PHE A 200 -45.76 -13.74 -19.67
C PHE A 200 -45.00 -13.03 -20.77
N ARG A 201 -45.30 -13.40 -22.03
CA ARG A 201 -44.55 -12.86 -23.14
C ARG A 201 -44.89 -11.40 -23.39
N MET A 202 -46.14 -10.99 -23.14
CA MET A 202 -46.50 -9.59 -23.28
C MET A 202 -45.95 -8.75 -22.14
N LEU A 203 -45.83 -9.31 -20.95
CA LEU A 203 -45.11 -8.63 -19.88
C LEU A 203 -43.65 -8.37 -20.26
N TRP A 204 -42.98 -9.39 -20.79
CA TRP A 204 -41.60 -9.19 -21.24
C TRP A 204 -41.52 -8.16 -22.36
N VAL A 205 -42.45 -8.21 -23.31
CA VAL A 205 -42.45 -7.27 -24.42
C VAL A 205 -42.68 -5.85 -23.92
N PHE A 206 -43.53 -5.69 -22.91
CA PHE A 206 -43.79 -4.37 -22.36
C PHE A 206 -42.54 -3.80 -21.70
N PHE A 207 -41.83 -4.60 -20.91
CA PHE A 207 -40.62 -4.06 -20.32
C PHE A 207 -39.53 -3.81 -21.37
N ASP A 208 -39.52 -4.60 -22.44
CA ASP A 208 -38.60 -4.34 -23.53
C ASP A 208 -38.89 -3.00 -24.19
N LEU A 209 -40.17 -2.73 -24.45
CA LEU A 209 -40.55 -1.45 -25.06
C LEU A 209 -40.31 -0.29 -24.12
N LEU A 210 -40.53 -0.48 -22.83
CA LEU A 210 -40.24 0.56 -21.85
C LEU A 210 -38.77 0.93 -21.87
N MET A 211 -37.88 -0.06 -21.81
CA MET A 211 -36.46 0.24 -21.80
C MET A 211 -35.99 0.78 -23.14
N ASP A 212 -36.65 0.41 -24.24
CA ASP A 212 -36.29 0.97 -25.53
C ASP A 212 -36.77 2.40 -25.67
N CYS A 213 -37.90 2.76 -25.05
CA CYS A 213 -38.31 4.15 -25.01
C CYS A 213 -37.34 4.98 -24.18
N VAL A 214 -36.84 4.42 -23.08
CA VAL A 214 -35.76 5.08 -22.34
C VAL A 214 -34.56 5.33 -23.26
N TYR A 215 -34.21 4.33 -24.07
CA TYR A 215 -33.09 4.50 -24.98
C TYR A 215 -33.37 5.58 -26.04
N LEU A 216 -34.63 5.70 -26.45
CA LEU A 216 -34.97 6.73 -27.44
C LEU A 216 -34.92 8.13 -26.85
N ILE A 217 -35.46 8.30 -25.64
CA ILE A 217 -35.33 9.58 -24.95
C ILE A 217 -33.86 9.93 -24.79
N ASP A 218 -33.03 8.95 -24.46
CA ASP A 218 -31.61 9.21 -24.29
C ASP A 218 -30.97 9.60 -25.61
N THR A 219 -31.39 9.01 -26.71
CA THR A 219 -30.80 9.37 -28.00
C THR A 219 -31.23 10.77 -28.42
N PHE A 220 -32.44 11.18 -28.06
CA PHE A 220 -32.85 12.55 -28.31
C PHE A 220 -32.05 13.54 -27.46
N LEU A 221 -31.94 13.28 -26.15
CA LEU A 221 -31.14 14.15 -25.31
C LEU A 221 -29.68 14.21 -25.75
N ASN A 222 -29.17 13.13 -26.36
CA ASN A 222 -27.85 13.20 -26.98
C ASN A 222 -27.87 14.06 -28.23
N TYR A 223 -28.97 14.05 -28.96
CA TYR A 223 -29.09 14.87 -30.16
C TYR A 223 -29.01 16.36 -29.80
N ARG A 224 -29.78 16.78 -28.81
CA ARG A 224 -29.80 18.16 -28.34
C ARG A 224 -28.95 18.33 -27.09
N MET A 225 -27.65 18.10 -27.19
CA MET A 225 -26.79 18.00 -26.03
C MET A 225 -25.81 19.16 -26.00
N GLY A 226 -25.83 19.94 -24.92
CA GLY A 226 -24.94 21.07 -24.79
C GLY A 226 -23.54 20.66 -24.35
N TYR A 227 -22.55 21.33 -24.91
CA TYR A 227 -21.15 21.02 -24.64
C TYR A 227 -20.41 22.27 -24.17
N MET A 228 -19.24 22.06 -23.59
CA MET A 228 -18.43 23.15 -23.06
C MET A 228 -17.56 23.75 -24.15
N ASP A 229 -17.57 25.08 -24.24
CA ASP A 229 -16.77 25.80 -25.22
C ASP A 229 -16.42 27.16 -24.64
N GLN A 230 -15.12 27.42 -24.47
CA GLN A 230 -14.62 28.65 -23.84
C GLN A 230 -15.13 28.80 -22.42
N GLY A 231 -15.12 27.70 -21.67
CA GLY A 231 -15.57 27.74 -20.30
C GLY A 231 -17.07 27.90 -20.12
N LEU A 232 -17.84 27.91 -21.19
CA LEU A 232 -19.29 28.01 -21.13
C LEU A 232 -19.93 26.80 -21.80
N VAL A 233 -21.14 26.48 -21.38
CA VAL A 233 -21.93 25.41 -21.99
C VAL A 233 -22.72 26.00 -23.16
N VAL A 234 -22.52 25.50 -24.37
CA VAL A 234 -23.16 26.01 -25.56
C VAL A 234 -24.57 25.56 -25.63
N ARG A 235 -25.53 26.41 -25.92
CA ARG A 235 -26.90 25.98 -25.92
C ARG A 235 -27.69 26.40 -27.09
N GLU A 236 -27.10 26.41 -28.24
CA GLU A 236 -27.78 26.87 -29.40
C GLU A 236 -28.10 25.64 -30.14
N ALA A 237 -29.36 25.39 -30.50
CA ALA A 237 -29.77 24.12 -31.09
C ALA A 237 -29.04 23.76 -32.30
N GLU A 238 -28.75 24.68 -33.11
CA GLU A 238 -27.97 24.47 -34.33
C GLU A 238 -26.57 23.98 -34.01
N LYS A 239 -25.91 24.62 -33.03
CA LYS A 239 -24.55 24.24 -32.68
C LYS A 239 -24.51 22.85 -32.07
N VAL A 240 -25.45 22.53 -31.17
CA VAL A 240 -25.38 21.26 -30.47
C VAL A 240 -25.67 20.10 -31.42
N THR A 241 -26.62 20.27 -32.34
CA THR A 241 -26.88 19.21 -33.30
C THR A 241 -25.74 19.07 -34.30
N LYS A 242 -25.12 20.18 -34.68
CA LYS A 242 -23.96 20.09 -35.56
C LYS A 242 -22.82 19.37 -34.87
N ALA A 243 -22.62 19.61 -33.58
CA ALA A 243 -21.58 18.90 -32.84
C ALA A 243 -21.93 17.43 -32.66
N TYR A 244 -23.23 17.12 -32.56
CA TYR A 244 -23.66 15.73 -32.50
C TYR A 244 -23.33 15.00 -33.79
N TRP A 245 -23.60 15.63 -34.94
CA TRP A 245 -23.30 14.97 -36.22
C TRP A 245 -21.80 14.92 -36.50
N GLN A 246 -21.05 15.93 -36.07
CA GLN A 246 -19.61 15.92 -36.27
C GLN A 246 -18.98 14.75 -35.51
N SER A 247 -19.25 14.67 -34.22
CA SER A 247 -18.98 13.44 -33.50
C SER A 247 -19.79 12.31 -34.12
N LYS A 248 -19.41 11.08 -33.79
CA LYS A 248 -20.10 9.91 -34.30
C LYS A 248 -20.87 9.21 -33.19
N GLN A 249 -21.53 10.01 -32.35
CA GLN A 249 -22.41 9.45 -31.33
C GLN A 249 -23.60 8.77 -31.96
N TYR A 250 -23.99 9.20 -33.16
CA TYR A 250 -25.15 8.60 -33.80
C TYR A 250 -24.90 7.16 -34.21
N ARG A 251 -23.64 6.80 -34.47
CA ARG A 251 -23.32 5.40 -34.75
C ARG A 251 -23.68 4.52 -33.58
N ILE A 252 -23.16 4.85 -32.39
CA ILE A 252 -23.44 4.06 -31.20
C ILE A 252 -24.92 4.15 -30.84
N ASP A 253 -25.54 5.29 -31.08
CA ASP A 253 -26.95 5.44 -30.74
C ASP A 253 -27.84 4.58 -31.64
N GLY A 254 -27.45 4.42 -32.90
CA GLY A 254 -28.25 3.63 -33.82
C GLY A 254 -27.97 2.14 -33.73
N ILE A 255 -26.71 1.77 -33.53
CA ILE A 255 -26.38 0.36 -33.35
C ILE A 255 -27.07 -0.21 -32.12
N SER A 256 -27.24 0.60 -31.09
CA SER A 256 -27.84 0.14 -29.84
C SER A 256 -29.35 0.09 -29.89
N LEU A 257 -29.97 0.48 -30.97
CA LEU A 257 -31.38 0.41 -31.00
C LEU A 257 -31.99 -0.32 -32.12
N ILE A 258 -31.23 -1.03 -32.88
CA ILE A 258 -31.69 -1.84 -34.00
C ILE A 258 -32.73 -2.84 -33.50
N PRO A 259 -33.99 -2.72 -33.92
CA PRO A 259 -35.07 -3.55 -33.35
C PRO A 259 -35.09 -4.96 -33.93
N LEU A 260 -33.92 -5.60 -33.98
CA LEU A 260 -33.83 -6.92 -34.57
C LEU A 260 -34.47 -7.96 -33.67
N ASP A 261 -34.42 -7.75 -32.35
CA ASP A 261 -34.97 -8.72 -31.42
C ASP A 261 -36.49 -8.75 -31.45
N TYR A 262 -37.12 -7.72 -32.01
CA TYR A 262 -38.57 -7.71 -32.03
C TYR A 262 -39.12 -8.63 -33.11
N ILE A 263 -38.38 -8.82 -34.19
CA ILE A 263 -38.85 -9.70 -35.24
C ILE A 263 -38.28 -11.11 -35.07
N LEU A 264 -37.04 -11.22 -34.61
CA LEU A 264 -36.36 -12.51 -34.56
C LEU A 264 -36.02 -12.98 -33.16
N GLY A 265 -36.48 -12.32 -32.12
CA GLY A 265 -36.15 -12.72 -30.77
C GLY A 265 -37.23 -13.47 -30.03
N TRP A 266 -38.37 -13.73 -30.66
CA TRP A 266 -39.50 -14.36 -30.02
C TRP A 266 -39.90 -15.58 -30.83
N PRO A 267 -40.57 -16.55 -30.21
CA PRO A 267 -40.99 -17.74 -30.96
C PRO A 267 -42.05 -17.38 -31.98
N ILE A 268 -41.76 -17.65 -33.25
CA ILE A 268 -42.70 -17.52 -34.35
C ILE A 268 -43.11 -18.93 -34.78
N PRO A 269 -44.32 -19.38 -34.45
CA PRO A 269 -44.68 -20.77 -34.78
C PRO A 269 -44.88 -21.04 -36.25
N TYR A 270 -45.13 -20.01 -37.08
CA TYR A 270 -45.46 -20.26 -38.47
C TYR A 270 -44.26 -20.74 -39.27
N ILE A 271 -43.06 -20.24 -38.94
CA ILE A 271 -41.84 -20.69 -39.60
C ILE A 271 -41.01 -21.60 -38.70
N ASN A 272 -41.56 -22.01 -37.56
CA ASN A 272 -40.84 -22.80 -36.55
C ASN A 272 -39.53 -22.13 -36.16
N TRP A 273 -39.60 -20.83 -35.92
CA TRP A 273 -38.48 -20.09 -35.35
C TRP A 273 -38.62 -20.09 -33.84
N ARG A 274 -37.61 -20.61 -33.16
CA ARG A 274 -37.69 -20.72 -31.71
C ARG A 274 -37.33 -19.44 -30.99
N GLY A 275 -36.82 -18.45 -31.68
CA GLY A 275 -36.44 -17.23 -31.01
C GLY A 275 -34.95 -17.16 -30.77
N LEU A 276 -34.45 -15.94 -30.67
CA LEU A 276 -33.04 -15.70 -30.38
C LEU A 276 -32.94 -14.46 -29.51
N PRO A 277 -33.19 -14.59 -28.22
CA PRO A 277 -33.12 -13.43 -27.34
C PRO A 277 -31.78 -12.75 -27.32
N ILE A 278 -30.71 -13.43 -27.74
CA ILE A 278 -29.38 -12.85 -27.69
C ILE A 278 -29.19 -11.71 -28.67
N LEU A 279 -30.14 -11.49 -29.57
CA LEU A 279 -30.08 -10.37 -30.52
C LEU A 279 -30.35 -9.03 -29.87
N ARG A 280 -30.75 -8.98 -28.60
CA ARG A 280 -30.91 -7.75 -27.87
C ARG A 280 -29.63 -7.33 -27.17
N LEU A 281 -28.52 -7.99 -27.47
CA LEU A 281 -27.26 -7.67 -26.82
C LEU A 281 -26.61 -6.43 -27.39
N ASN A 282 -27.14 -5.87 -28.48
CA ASN A 282 -26.64 -4.60 -28.97
C ASN A 282 -27.05 -3.44 -28.08
N ARG A 283 -28.06 -3.63 -27.23
CA ARG A 283 -28.41 -2.62 -26.25
C ARG A 283 -27.30 -2.37 -25.26
N LEU A 284 -26.31 -3.26 -25.19
CA LEU A 284 -25.25 -3.17 -24.21
C LEU A 284 -24.07 -2.35 -24.70
N ILE A 285 -24.21 -1.69 -25.85
CA ILE A 285 -23.16 -0.81 -26.36
C ILE A 285 -23.16 0.53 -25.64
N ARG A 286 -24.28 0.93 -25.01
CA ARG A 286 -24.38 2.20 -24.33
C ARG A 286 -23.82 2.20 -22.92
N TYR A 287 -22.59 1.74 -22.74
CA TYR A 287 -22.04 1.63 -21.39
C TYR A 287 -21.45 2.94 -20.89
N LYS A 288 -21.26 3.94 -21.77
CA LYS A 288 -20.64 5.18 -21.34
C LYS A 288 -21.55 5.98 -20.44
N ARG A 289 -22.85 5.97 -20.72
CA ARG A 289 -23.79 6.65 -19.84
C ARG A 289 -23.83 6.01 -18.46
N VAL A 290 -23.63 4.69 -18.39
CA VAL A 290 -23.61 3.97 -17.12
C VAL A 290 -22.33 4.28 -16.35
N ARG A 291 -21.19 4.26 -17.03
CA ARG A 291 -19.94 4.62 -16.39
C ARG A 291 -19.97 6.06 -15.90
N ASN A 292 -20.57 6.95 -16.69
CA ASN A 292 -20.76 8.33 -16.28
C ASN A 292 -21.60 8.43 -15.02
N CYS A 293 -22.72 7.70 -14.98
CA CYS A 293 -23.56 7.73 -13.80
C CYS A 293 -22.81 7.25 -12.56
N LEU A 294 -21.98 6.23 -12.69
CA LEU A 294 -21.28 5.71 -11.52
C LEU A 294 -20.15 6.65 -11.09
N GLU A 295 -19.45 7.24 -12.05
CA GLU A 295 -18.46 8.27 -11.73
C GLU A 295 -19.10 9.44 -11.00
N ARG A 296 -20.28 9.87 -11.45
CA ARG A 296 -20.96 10.99 -10.79
C ARG A 296 -21.51 10.58 -9.44
N THR A 297 -21.90 9.32 -9.27
CA THR A 297 -22.40 8.89 -7.97
C THR A 297 -21.28 8.79 -6.95
N GLU A 298 -20.06 8.50 -7.40
CA GLU A 298 -18.94 8.45 -6.48
C GLU A 298 -18.59 9.82 -5.94
N THR A 299 -18.66 10.85 -6.78
CA THR A 299 -18.31 12.20 -6.34
C THR A 299 -19.37 12.78 -5.41
N ARG A 300 -20.65 12.54 -5.71
CA ARG A 300 -21.72 12.97 -4.83
C ARG A 300 -21.80 12.17 -3.55
N SER A 301 -20.95 11.15 -3.38
CA SER A 301 -21.10 10.25 -2.26
C SER A 301 -20.40 10.77 -1.02
N SER A 302 -21.02 10.56 0.13
CA SER A 302 -20.39 10.83 1.41
C SER A 302 -19.49 9.69 1.87
N MET A 303 -19.47 8.58 1.14
CA MET A 303 -18.64 7.42 1.46
C MET A 303 -18.00 6.91 0.19
N PRO A 304 -17.05 7.65 -0.36
CA PRO A 304 -16.53 7.31 -1.69
C PRO A 304 -15.67 6.05 -1.74
N ASN A 305 -15.02 5.68 -0.65
CA ASN A 305 -14.29 4.40 -0.63
C ASN A 305 -15.27 3.23 -0.56
N ALA A 306 -16.24 3.32 0.33
CA ALA A 306 -17.24 2.28 0.45
C ALA A 306 -18.00 2.09 -0.85
N PHE A 307 -18.37 3.19 -1.51
CA PHE A 307 -19.11 3.09 -2.76
C PHE A 307 -18.30 2.40 -3.83
N ARG A 308 -17.00 2.67 -3.88
CA ARG A 308 -16.14 2.02 -4.86
C ARG A 308 -16.08 0.52 -4.64
N VAL A 309 -15.94 0.10 -3.38
CA VAL A 309 -15.96 -1.33 -3.08
C VAL A 309 -17.32 -1.94 -3.43
N VAL A 310 -18.41 -1.21 -3.17
CA VAL A 310 -19.75 -1.72 -3.46
C VAL A 310 -19.94 -1.91 -4.97
N VAL A 311 -19.42 -1.00 -5.76
CA VAL A 311 -19.56 -1.11 -7.21
C VAL A 311 -18.76 -2.28 -7.74
N VAL A 312 -17.58 -2.53 -7.18
CA VAL A 312 -16.82 -3.70 -7.59
C VAL A 312 -17.56 -4.99 -7.20
N VAL A 313 -18.21 -5.00 -6.04
CA VAL A 313 -18.98 -6.17 -5.63
C VAL A 313 -20.16 -6.40 -6.58
N TRP A 314 -20.82 -5.33 -7.00
CA TRP A 314 -21.89 -5.43 -8.00
C TRP A 314 -21.36 -6.00 -9.31
N TYR A 315 -20.18 -5.58 -9.73
CA TYR A 315 -19.57 -6.15 -10.94
C TYR A 315 -19.35 -7.65 -10.78
N ILE A 316 -18.86 -8.07 -9.62
CA ILE A 316 -18.59 -9.48 -9.39
C ILE A 316 -19.88 -10.29 -9.43
N VAL A 317 -20.96 -9.73 -8.89
CA VAL A 317 -22.23 -10.46 -8.87
C VAL A 317 -22.78 -10.66 -10.27
N ILE A 318 -22.60 -9.66 -11.14
CA ILE A 318 -23.05 -9.76 -12.52
C ILE A 318 -22.19 -10.73 -13.31
N ILE A 319 -20.88 -10.73 -13.04
CA ILE A 319 -20.02 -11.75 -13.63
C ILE A 319 -20.43 -13.14 -13.20
N ILE A 320 -20.77 -13.33 -11.92
CA ILE A 320 -21.22 -14.63 -11.45
C ILE A 320 -22.53 -15.04 -12.12
N HIS A 321 -23.42 -14.08 -12.37
CA HIS A 321 -24.66 -14.38 -13.09
C HIS A 321 -24.39 -14.82 -14.53
N TRP A 322 -23.52 -14.10 -15.23
CA TRP A 322 -23.19 -14.48 -16.61
C TRP A 322 -22.47 -15.81 -16.67
N ASN A 323 -21.64 -16.11 -15.67
CA ASN A 323 -20.95 -17.39 -15.63
C ASN A 323 -21.86 -18.53 -15.20
N ALA A 324 -22.93 -18.22 -14.46
CA ALA A 324 -23.96 -19.21 -14.19
C ALA A 324 -24.70 -19.59 -15.46
N CYS A 325 -25.03 -18.59 -16.27
CA CYS A 325 -25.64 -18.85 -17.56
C CYS A 325 -24.70 -19.60 -18.48
N LEU A 326 -23.41 -19.30 -18.41
CA LEU A 326 -22.43 -20.04 -19.21
C LEU A 326 -22.30 -21.49 -18.75
N TYR A 327 -22.24 -21.73 -17.45
CA TYR A 327 -22.22 -23.09 -16.94
C TYR A 327 -23.42 -23.88 -17.41
N PHE A 328 -24.62 -23.29 -17.34
CA PHE A 328 -25.79 -24.06 -17.74
C PHE A 328 -25.87 -24.25 -19.25
N TRP A 329 -25.40 -23.26 -20.03
CA TRP A 329 -25.39 -23.43 -21.48
C TRP A 329 -24.41 -24.52 -21.88
N ILE A 330 -23.25 -24.59 -21.24
CA ILE A 330 -22.28 -25.65 -21.53
C ILE A 330 -22.83 -27.00 -21.09
N SER A 331 -23.53 -27.05 -19.96
CA SER A 331 -24.13 -28.29 -19.50
C SER A 331 -25.18 -28.79 -20.46
N GLU A 332 -25.98 -27.87 -21.00
CA GLU A 332 -27.04 -28.25 -21.93
C GLU A 332 -26.50 -28.62 -23.29
N TRP A 333 -25.36 -28.04 -23.69
CA TRP A 333 -24.75 -28.37 -24.95
C TRP A 333 -24.05 -29.72 -24.90
N ILE A 334 -23.43 -30.06 -23.78
CA ILE A 334 -22.87 -31.38 -23.58
C ILE A 334 -23.98 -32.41 -23.45
N GLY A 335 -25.08 -32.05 -22.79
CA GLY A 335 -26.25 -32.89 -22.60
C GLY A 335 -26.49 -32.98 -21.11
N LEU A 336 -27.72 -32.69 -20.69
CA LEU A 336 -28.02 -32.69 -19.27
C LEU A 336 -28.13 -34.12 -18.75
N GLY A 337 -27.45 -34.38 -17.64
CA GLY A 337 -27.48 -35.69 -17.03
C GLY A 337 -26.58 -36.72 -17.65
N THR A 338 -25.62 -36.31 -18.47
CA THR A 338 -24.76 -37.26 -19.16
C THR A 338 -23.51 -37.61 -18.38
N ASP A 339 -23.05 -36.75 -17.49
CA ASP A 339 -21.98 -37.11 -16.57
C ASP A 339 -22.28 -36.45 -15.23
N ALA A 340 -21.35 -36.58 -14.29
CA ALA A 340 -21.54 -36.12 -12.92
C ALA A 340 -21.10 -34.69 -12.72
N TRP A 341 -20.76 -33.97 -13.77
CA TRP A 341 -20.37 -32.58 -13.69
C TRP A 341 -21.44 -31.64 -14.21
N VAL A 342 -22.14 -32.02 -15.26
CA VAL A 342 -23.21 -31.19 -15.79
C VAL A 342 -24.43 -31.25 -14.86
N TYR A 343 -25.24 -30.20 -14.91
CA TYR A 343 -26.52 -30.21 -14.23
C TYR A 343 -27.32 -31.41 -14.72
N GLY A 344 -27.92 -32.14 -13.80
CA GLY A 344 -28.70 -33.30 -14.16
C GLY A 344 -28.76 -34.29 -13.03
N HIS A 345 -29.26 -35.47 -13.36
CA HIS A 345 -29.57 -36.48 -12.36
C HIS A 345 -28.34 -37.26 -11.91
N LEU A 346 -27.26 -37.25 -12.69
CA LEU A 346 -26.02 -37.89 -12.28
C LEU A 346 -25.16 -36.98 -11.43
N ASN A 347 -25.42 -35.69 -11.45
CA ASN A 347 -24.83 -34.73 -10.53
C ASN A 347 -25.75 -34.72 -9.31
N LYS A 348 -25.30 -35.34 -8.23
CA LYS A 348 -26.09 -35.50 -7.02
C LYS A 348 -26.03 -34.29 -6.11
N GLN A 349 -25.26 -33.28 -6.46
CA GLN A 349 -25.37 -31.97 -5.85
C GLN A 349 -26.40 -31.12 -6.56
N SER A 350 -26.51 -31.25 -7.89
CA SER A 350 -27.58 -30.64 -8.65
C SER A 350 -28.93 -31.09 -8.13
N LEU A 351 -29.17 -32.39 -8.19
CA LEU A 351 -30.46 -32.98 -7.88
C LEU A 351 -30.27 -34.02 -6.80
N PRO A 352 -30.29 -33.62 -5.54
CA PRO A 352 -30.27 -34.59 -4.44
C PRO A 352 -31.55 -35.36 -4.34
N ASP A 353 -31.73 -36.05 -3.20
CA ASP A 353 -32.78 -37.05 -3.07
C ASP A 353 -34.16 -36.49 -3.40
N ASP A 354 -34.68 -35.58 -2.58
CA ASP A 354 -36.08 -35.20 -2.70
C ASP A 354 -36.25 -33.85 -3.36
N ILE A 355 -35.41 -33.55 -4.33
CA ILE A 355 -35.34 -32.24 -4.98
C ILE A 355 -35.92 -32.37 -6.38
N THR A 356 -36.73 -31.38 -6.77
CA THR A 356 -37.40 -31.36 -8.06
C THR A 356 -36.61 -30.54 -9.06
N ASP A 357 -36.62 -30.98 -10.32
CA ASP A 357 -35.98 -30.27 -11.41
C ASP A 357 -36.92 -29.21 -11.92
N THR A 358 -36.66 -27.96 -11.57
CA THR A 358 -37.47 -26.83 -12.00
C THR A 358 -36.54 -25.77 -12.59
N LEU A 359 -37.14 -24.73 -13.17
CA LEU A 359 -36.36 -23.60 -13.67
C LEU A 359 -35.64 -22.88 -12.54
N LEU A 360 -36.32 -22.72 -11.40
CA LEU A 360 -35.68 -22.15 -10.23
C LEU A 360 -34.51 -22.99 -9.76
N ARG A 361 -34.62 -24.31 -9.78
CA ARG A 361 -33.51 -25.16 -9.36
C ARG A 361 -32.33 -25.05 -10.31
N ARG A 362 -32.59 -25.01 -11.61
CA ARG A 362 -31.51 -24.87 -12.59
C ARG A 362 -30.75 -23.57 -12.37
N TYR A 363 -31.46 -22.47 -12.19
CA TYR A 363 -30.77 -21.21 -11.97
C TYR A 363 -30.06 -21.18 -10.61
N VAL A 364 -30.70 -21.70 -9.57
CA VAL A 364 -30.12 -21.66 -8.23
C VAL A 364 -28.84 -22.48 -8.18
N TYR A 365 -28.87 -23.68 -8.76
CA TYR A 365 -27.66 -24.49 -8.75
C TYR A 365 -26.56 -23.89 -9.62
N SER A 366 -26.91 -23.33 -10.78
CA SER A 366 -25.87 -22.74 -11.62
C SER A 366 -25.24 -21.53 -10.96
N PHE A 367 -26.04 -20.74 -10.24
CA PHE A 367 -25.49 -19.59 -9.53
C PHE A 367 -24.58 -20.02 -8.39
N TYR A 368 -24.96 -21.06 -7.64
CA TYR A 368 -24.10 -21.57 -6.58
C TYR A 368 -22.81 -22.15 -7.14
N TRP A 369 -22.89 -22.93 -8.22
CA TRP A 369 -21.71 -23.46 -8.88
C TRP A 369 -20.76 -22.33 -9.27
N SER A 370 -21.30 -21.29 -9.90
CA SER A 370 -20.47 -20.21 -10.39
C SER A 370 -19.88 -19.39 -9.25
N THR A 371 -20.61 -19.25 -8.15
CA THR A 371 -20.06 -18.57 -6.99
C THR A 371 -18.90 -19.35 -6.38
N LEU A 372 -19.02 -20.67 -6.31
CA LEU A 372 -17.94 -21.46 -5.72
C LEU A 372 -16.74 -21.54 -6.64
N ILE A 373 -16.94 -21.44 -7.94
CA ILE A 373 -15.82 -21.53 -8.86
C ILE A 373 -15.10 -20.18 -8.98
N LEU A 374 -15.84 -19.09 -9.05
CA LEU A 374 -15.20 -17.79 -9.25
C LEU A 374 -14.69 -17.17 -7.96
N THR A 375 -15.01 -17.73 -6.81
CA THR A 375 -14.39 -17.37 -5.55
C THR A 375 -13.30 -18.35 -5.15
N THR A 376 -13.02 -19.33 -6.02
CA THR A 376 -11.99 -20.34 -5.85
C THR A 376 -12.17 -21.17 -4.58
N ILE A 377 -13.43 -21.38 -4.19
CA ILE A 377 -13.73 -22.31 -3.11
C ILE A 377 -13.74 -23.74 -3.62
N GLY A 378 -14.41 -23.98 -4.74
CA GLY A 378 -14.27 -25.21 -5.49
C GLY A 378 -14.87 -26.44 -4.87
N GLU A 379 -15.93 -26.29 -4.08
CA GLU A 379 -16.60 -27.44 -3.47
C GLU A 379 -17.72 -27.95 -4.36
N VAL A 380 -17.38 -28.24 -5.60
CA VAL A 380 -18.33 -28.71 -6.62
C VAL A 380 -17.74 -29.97 -7.23
N PRO A 381 -18.56 -30.74 -7.94
CA PRO A 381 -18.02 -31.93 -8.61
C PRO A 381 -16.88 -31.61 -9.56
N SER A 382 -15.92 -32.53 -9.64
CA SER A 382 -14.80 -32.38 -10.54
C SER A 382 -15.25 -32.62 -11.98
N PRO A 383 -14.56 -32.02 -12.95
CA PRO A 383 -14.92 -32.27 -14.34
C PRO A 383 -14.64 -33.71 -14.72
N VAL A 384 -15.25 -34.14 -15.81
CA VAL A 384 -15.18 -35.52 -16.26
C VAL A 384 -14.54 -35.63 -17.63
N ARG A 385 -14.94 -34.77 -18.55
CA ARG A 385 -14.45 -34.78 -19.92
C ARG A 385 -13.39 -33.71 -20.14
N ASN A 386 -12.66 -33.84 -21.24
CA ASN A 386 -11.57 -32.90 -21.53
C ASN A 386 -12.09 -31.49 -21.72
N ILE A 387 -13.27 -31.35 -22.32
CA ILE A 387 -13.84 -30.03 -22.57
C ILE A 387 -14.27 -29.38 -21.25
N GLU A 388 -14.77 -30.19 -20.32
CA GLU A 388 -15.11 -29.68 -18.99
C GLU A 388 -13.86 -29.30 -18.21
N TYR A 389 -12.80 -30.08 -18.35
CA TYR A 389 -11.52 -29.74 -17.74
C TYR A 389 -11.01 -28.40 -18.25
N ALA A 390 -11.08 -28.18 -19.56
CA ALA A 390 -10.64 -26.91 -20.14
C ALA A 390 -11.46 -25.75 -19.60
N PHE A 391 -12.79 -25.87 -19.63
CA PHE A 391 -13.66 -24.82 -19.12
C PHE A 391 -13.35 -24.52 -17.65
N VAL A 392 -13.21 -25.56 -16.83
CA VAL A 392 -13.06 -25.34 -15.41
C VAL A 392 -11.68 -24.79 -15.08
N THR A 393 -10.64 -25.22 -15.79
CA THR A 393 -9.32 -24.64 -15.58
C THR A 393 -9.32 -23.15 -15.88
N LEU A 394 -9.88 -22.77 -17.02
CA LEU A 394 -9.97 -21.36 -17.38
C LEU A 394 -10.81 -20.58 -16.37
N ASP A 395 -11.93 -21.15 -15.94
CA ASP A 395 -12.83 -20.51 -14.99
C ASP A 395 -12.18 -20.31 -13.64
N LEU A 396 -11.39 -21.28 -13.17
CA LEU A 396 -10.73 -21.14 -11.89
C LEU A 396 -9.59 -20.15 -11.95
N MET A 397 -8.93 -20.00 -13.11
CA MET A 397 -7.92 -18.96 -13.21
C MET A 397 -8.56 -17.56 -13.21
N CYS A 398 -9.68 -17.41 -13.92
CA CYS A 398 -10.47 -16.18 -13.80
C CYS A 398 -10.90 -15.92 -12.37
N GLY A 399 -11.27 -16.97 -11.62
CA GLY A 399 -11.70 -16.79 -10.25
C GLY A 399 -10.57 -16.39 -9.32
N VAL A 400 -9.36 -16.89 -9.57
CA VAL A 400 -8.18 -16.42 -8.86
C VAL A 400 -8.00 -14.93 -9.05
N LEU A 401 -8.12 -14.47 -10.30
CA LEU A 401 -7.98 -13.03 -10.56
C LEU A 401 -9.11 -12.22 -9.94
N ILE A 402 -10.33 -12.76 -9.91
CA ILE A 402 -11.46 -12.06 -9.31
C ILE A 402 -11.29 -11.92 -7.81
N VAL A 403 -10.78 -12.95 -7.15
CA VAL A 403 -10.55 -12.86 -5.71
C VAL A 403 -9.43 -11.87 -5.42
N ALA A 404 -8.39 -11.86 -6.23
CA ALA A 404 -7.32 -10.88 -6.05
C ALA A 404 -7.84 -9.46 -6.27
N THR A 405 -8.80 -9.28 -7.16
CA THR A 405 -9.39 -7.96 -7.38
C THR A 405 -10.22 -7.51 -6.18
N ILE A 406 -11.06 -8.38 -5.64
CA ILE A 406 -11.81 -8.03 -4.43
C ILE A 406 -10.87 -7.68 -3.30
N ALA A 407 -9.85 -8.50 -3.08
CA ALA A 407 -8.90 -8.25 -2.00
C ALA A 407 -8.15 -6.95 -2.22
N GLY A 408 -7.78 -6.64 -3.46
CA GLY A 408 -7.07 -5.41 -3.73
C GLY A 408 -7.90 -4.17 -3.49
N ASN A 409 -9.17 -4.22 -3.86
CA ASN A 409 -10.04 -3.08 -3.62
C ASN A 409 -10.33 -2.88 -2.14
N VAL A 410 -10.56 -3.97 -1.41
CA VAL A 410 -10.79 -3.86 0.02
C VAL A 410 -9.55 -3.37 0.74
N GLY A 411 -8.38 -3.89 0.37
CA GLY A 411 -7.15 -3.46 1.02
C GLY A 411 -6.79 -2.02 0.71
N SER A 412 -7.07 -1.57 -0.51
CA SER A 412 -6.90 -0.17 -0.85
C SER A 412 -7.80 0.73 -0.02
N MET A 413 -9.08 0.36 0.12
CA MET A 413 -9.98 1.14 0.95
C MET A 413 -9.52 1.15 2.41
N ILE A 414 -9.05 0.01 2.92
CA ILE A 414 -8.65 -0.04 4.32
C ILE A 414 -7.41 0.81 4.56
N SER A 415 -6.47 0.81 3.61
CA SER A 415 -5.28 1.63 3.81
C SER A 415 -5.55 3.10 3.59
N ASN A 416 -6.55 3.45 2.78
CA ASN A 416 -6.88 4.87 2.61
C ASN A 416 -7.57 5.43 3.84
N MET A 417 -8.38 4.63 4.50
CA MET A 417 -9.17 5.15 5.62
C MET A 417 -8.41 5.13 6.94
N SER A 418 -7.16 4.69 6.95
CA SER A 418 -6.33 4.74 8.14
C SER A 418 -5.03 5.50 7.89
N ALA A 419 -4.98 6.30 6.83
CA ALA A 419 -3.75 6.99 6.46
C ALA A 419 -3.47 8.17 7.39
N ALA A 420 -4.52 8.86 7.84
CA ALA A 420 -4.34 10.03 8.69
C ALA A 420 -3.88 9.63 10.08
N ARG A 421 -4.48 8.59 10.65
CA ARG A 421 -4.04 8.08 11.95
C ARG A 421 -2.60 7.59 11.88
N THR A 422 -2.22 7.00 10.74
CA THR A 422 -0.85 6.53 10.58
C THR A 422 0.12 7.70 10.52
N GLU A 423 -0.23 8.76 9.79
CA GLU A 423 0.64 9.93 9.72
C GLU A 423 0.79 10.59 11.09
N PHE A 424 -0.32 10.70 11.83
CA PHE A 424 -0.26 11.24 13.18
C PHE A 424 0.65 10.40 14.07
N GLN A 425 0.52 9.08 13.99
CA GLN A 425 1.35 8.22 14.84
C GLN A 425 2.82 8.31 14.45
N ASN A 426 3.11 8.50 13.16
CA ASN A 426 4.49 8.72 12.75
C ASN A 426 5.06 9.98 13.37
N LYS A 427 4.30 11.08 13.32
CA LYS A 427 4.78 12.33 13.92
C LYS A 427 4.99 12.18 15.41
N MET A 428 4.04 11.55 16.10
CA MET A 428 4.18 11.36 17.54
C MET A 428 5.39 10.50 17.88
N ASP A 429 5.63 9.45 17.10
CA ASP A 429 6.81 8.61 17.33
C ASP A 429 8.08 9.39 17.13
N GLY A 430 8.15 10.22 16.09
CA GLY A 430 9.33 11.05 15.90
C GLY A 430 9.58 11.99 17.06
N ILE A 431 8.51 12.61 17.57
CA ILE A 431 8.67 13.52 18.70
C ILE A 431 9.19 12.78 19.92
N LYS A 432 8.63 11.61 20.21
CA LYS A 432 9.08 10.86 21.40
C LYS A 432 10.51 10.40 21.24
N GLN A 433 10.89 9.97 20.04
CA GLN A 433 12.26 9.60 19.76
C GLN A 433 13.20 10.77 20.04
N TYR A 434 12.86 11.96 19.54
CA TYR A 434 13.67 13.14 19.80
C TYR A 434 13.79 13.41 21.29
N MET A 435 12.67 13.39 22.01
CA MET A 435 12.71 13.78 23.41
C MET A 435 13.45 12.75 24.24
N GLU A 436 13.54 11.51 23.75
CA GLU A 436 14.38 10.52 24.42
C GLU A 436 15.86 10.79 24.15
N LEU A 437 16.22 11.02 22.88
CA LEU A 437 17.62 11.23 22.54
C LEU A 437 18.19 12.46 23.23
N ARG A 438 17.42 13.54 23.32
CA ARG A 438 17.91 14.80 23.86
C ARG A 438 17.59 14.98 25.33
N LYS A 439 17.06 13.95 25.99
CA LYS A 439 16.94 13.90 27.44
C LYS A 439 16.08 15.06 27.99
N VAL A 440 14.84 15.09 27.54
CA VAL A 440 13.86 16.04 28.03
C VAL A 440 13.20 15.46 29.27
N SER A 441 12.66 16.32 30.12
CA SER A 441 11.99 15.87 31.33
C SER A 441 10.80 14.98 30.99
N LYS A 442 10.32 14.27 32.02
CA LYS A 442 9.07 13.52 31.87
C LYS A 442 7.87 14.46 31.89
N GLN A 443 7.96 15.54 32.66
CA GLN A 443 6.83 16.46 32.77
C GLN A 443 6.57 17.18 31.45
N LEU A 444 7.62 17.73 30.83
CA LEU A 444 7.44 18.37 29.54
C LEU A 444 7.02 17.35 28.48
N GLU A 445 7.49 16.12 28.62
CA GLU A 445 7.10 15.09 27.65
C GLU A 445 5.62 14.76 27.76
N ILE A 446 5.09 14.64 28.97
CA ILE A 446 3.66 14.38 29.07
C ILE A 446 2.86 15.59 28.66
N ARG A 447 3.41 16.80 28.83
CA ARG A 447 2.72 17.99 28.35
C ARG A 447 2.66 18.02 26.82
N VAL A 448 3.76 17.67 26.15
CA VAL A 448 3.78 17.61 24.70
C VAL A 448 2.78 16.57 24.20
N ILE A 449 2.73 15.41 24.86
CA ILE A 449 1.85 14.36 24.40
C ILE A 449 0.39 14.71 24.65
N LYS A 450 0.09 15.38 25.77
CA LYS A 450 -1.27 15.86 26.00
C LYS A 450 -1.71 16.83 24.92
N TRP A 451 -0.85 17.78 24.57
CA TRP A 451 -1.24 18.78 23.58
C TRP A 451 -1.42 18.14 22.21
N PHE A 452 -0.53 17.20 21.86
CA PHE A 452 -0.66 16.54 20.56
C PHE A 452 -1.91 15.67 20.49
N ASP A 453 -2.22 14.96 21.57
CA ASP A 453 -3.45 14.17 21.62
C ASP A 453 -4.69 15.07 21.52
N TYR A 454 -4.68 16.23 22.18
CA TYR A 454 -5.78 17.16 22.01
C TYR A 454 -5.93 17.61 20.56
N LEU A 455 -4.82 17.97 19.92
CA LEU A 455 -4.90 18.42 18.53
C LEU A 455 -5.42 17.31 17.63
N TRP A 456 -5.15 16.05 17.99
CA TRP A 456 -5.72 14.94 17.23
C TRP A 456 -7.22 14.84 17.47
N THR A 457 -7.64 14.63 18.72
CA THR A 457 -9.05 14.38 18.97
C THR A 457 -9.93 15.61 18.81
N ASN A 458 -9.44 16.68 18.20
CA ASN A 458 -10.25 17.85 17.92
C ASN A 458 -10.10 18.33 16.49
N LYS A 459 -9.34 17.62 15.66
CA LYS A 459 -9.28 17.87 14.21
C LYS A 459 -8.90 19.31 13.90
N GLN A 460 -7.68 19.68 14.26
CA GLN A 460 -7.20 21.04 14.01
C GLN A 460 -6.11 21.14 12.96
N SER A 461 -5.16 20.20 12.95
CA SER A 461 -4.18 20.06 11.87
C SER A 461 -3.10 21.13 11.89
N LEU A 462 -3.27 22.16 12.73
CA LEU A 462 -2.27 23.19 12.97
C LEU A 462 -1.77 23.87 11.70
N SER A 463 -2.55 23.84 10.62
CA SER A 463 -2.11 24.42 9.35
C SER A 463 -3.30 25.02 8.61
N ASP A 464 -3.06 26.15 7.96
CA ASP A 464 -3.97 26.73 6.98
C ASP A 464 -3.51 26.42 5.56
N GLN A 465 -2.53 25.54 5.41
CA GLN A 465 -2.07 25.12 4.10
C GLN A 465 -3.10 24.29 3.36
N GLN A 466 -4.04 23.68 4.09
CA GLN A 466 -5.17 23.03 3.46
C GLN A 466 -5.81 23.94 2.44
N VAL A 467 -6.26 25.12 2.87
CA VAL A 467 -6.81 26.11 1.97
C VAL A 467 -5.73 26.75 1.11
N LEU A 468 -4.55 26.99 1.70
CA LEU A 468 -3.53 27.77 1.02
C LEU A 468 -3.13 27.14 -0.31
N LYS A 469 -2.62 25.91 -0.27
CA LYS A 469 -1.98 25.39 -1.47
C LYS A 469 -2.98 25.19 -2.60
N VAL A 470 -4.03 24.41 -2.36
CA VAL A 470 -4.74 23.75 -3.44
C VAL A 470 -5.83 24.59 -4.08
N LEU A 471 -6.19 25.70 -3.50
CA LEU A 471 -7.25 26.51 -4.08
C LEU A 471 -6.66 27.64 -4.92
N PRO A 472 -7.42 28.16 -5.86
CA PRO A 472 -6.97 29.37 -6.57
C PRO A 472 -7.07 30.60 -5.68
N ASP A 473 -6.20 31.56 -5.97
CA ASP A 473 -6.05 32.74 -5.12
C ASP A 473 -7.36 33.51 -4.96
N LYS A 474 -8.26 33.42 -5.93
CA LYS A 474 -9.56 34.04 -5.78
C LYS A 474 -10.33 33.43 -4.61
N LEU A 475 -10.40 32.10 -4.57
CA LEU A 475 -11.10 31.44 -3.49
C LEU A 475 -10.40 31.64 -2.15
N GLN A 476 -9.06 31.63 -2.15
CA GLN A 476 -8.32 31.88 -0.92
C GLN A 476 -8.63 33.25 -0.37
N ALA A 477 -8.64 34.27 -1.24
CA ALA A 477 -8.94 35.62 -0.80
C ALA A 477 -10.37 35.72 -0.29
N GLU A 478 -11.32 35.08 -0.96
CA GLU A 478 -12.70 35.14 -0.50
C GLU A 478 -12.89 34.46 0.84
N ILE A 479 -12.28 33.29 1.02
CA ILE A 479 -12.38 32.59 2.29
C ILE A 479 -11.73 33.39 3.40
N ALA A 480 -10.57 34.00 3.13
CA ALA A 480 -9.91 34.78 4.16
C ALA A 480 -10.69 36.04 4.50
N MET A 481 -11.33 36.66 3.51
CA MET A 481 -12.11 37.86 3.78
C MET A 481 -13.37 37.53 4.56
N GLN A 482 -13.93 36.35 4.34
CA GLN A 482 -15.13 35.98 5.08
C GLN A 482 -14.83 35.63 6.53
N VAL A 483 -13.61 35.21 6.84
CA VAL A 483 -13.25 34.79 8.19
C VAL A 483 -12.72 35.96 9.02
N HIS A 484 -11.94 36.85 8.41
CA HIS A 484 -11.13 37.80 9.16
C HIS A 484 -11.52 39.26 8.99
N PHE A 485 -12.31 39.62 7.98
CA PHE A 485 -12.44 41.03 7.61
C PHE A 485 -13.25 41.81 8.64
N GLU A 486 -14.40 41.28 9.06
CA GLU A 486 -15.23 42.02 10.00
C GLU A 486 -14.55 42.14 11.35
N THR A 487 -13.81 41.11 11.77
CA THR A 487 -13.02 41.21 12.97
C THR A 487 -11.92 42.26 12.84
N LEU A 488 -11.31 42.35 11.66
CA LEU A 488 -10.20 43.27 11.46
C LEU A 488 -10.65 44.71 11.29
N ARG A 489 -11.89 44.94 10.89
CA ARG A 489 -12.36 46.30 10.65
C ARG A 489 -12.79 47.00 11.93
N LYS A 490 -12.85 46.29 13.05
CA LYS A 490 -13.23 46.86 14.33
C LYS A 490 -12.05 46.98 15.29
N VAL A 491 -10.82 47.09 14.76
CA VAL A 491 -9.62 46.99 15.58
C VAL A 491 -9.20 48.31 16.20
N ARG A 492 -9.88 49.41 15.88
CA ARG A 492 -9.74 50.74 16.45
C ARG A 492 -8.54 51.49 15.89
N ILE A 493 -7.68 50.85 15.10
CA ILE A 493 -6.74 51.56 14.25
C ILE A 493 -7.02 51.32 12.77
N PHE A 494 -7.84 50.32 12.44
CA PHE A 494 -8.23 50.02 11.08
C PHE A 494 -9.66 50.45 10.80
N GLN A 495 -10.28 51.21 11.70
CA GLN A 495 -11.68 51.61 11.50
C GLN A 495 -11.83 52.68 10.44
N ASP A 496 -10.76 53.37 10.06
CA ASP A 496 -10.82 54.46 9.10
C ASP A 496 -9.81 54.24 7.98
N CYS A 497 -9.79 53.03 7.43
CA CYS A 497 -8.91 52.69 6.34
C CYS A 497 -9.72 52.22 5.15
N GLU A 498 -9.06 52.13 4.00
CA GLU A 498 -9.68 51.59 2.80
C GLU A 498 -9.65 50.07 2.83
N ALA A 499 -10.70 49.47 2.26
CA ALA A 499 -10.86 48.03 2.33
C ALA A 499 -9.74 47.26 1.65
N GLY A 500 -9.00 47.89 0.73
CA GLY A 500 -7.92 47.18 0.06
C GLY A 500 -6.80 46.83 1.01
N LEU A 501 -6.42 47.77 1.86
CA LEU A 501 -5.42 47.50 2.90
C LEU A 501 -5.85 46.34 3.77
N LEU A 502 -7.11 46.33 4.21
CA LEU A 502 -7.59 45.28 5.08
C LEU A 502 -7.66 43.95 4.36
N ALA A 503 -7.93 43.94 3.05
CA ALA A 503 -7.88 42.69 2.30
C ALA A 503 -6.46 42.13 2.29
N GLU A 504 -5.47 42.99 1.99
CA GLU A 504 -4.09 42.54 2.03
C GLU A 504 -3.70 42.03 3.42
N LEU A 505 -4.25 42.66 4.47
CA LEU A 505 -3.89 42.25 5.82
C LEU A 505 -4.54 40.93 6.20
N VAL A 506 -5.83 40.75 5.91
CA VAL A 506 -6.49 39.48 6.24
C VAL A 506 -5.83 38.35 5.47
N LEU A 507 -5.11 38.67 4.38
CA LEU A 507 -4.30 37.62 3.77
C LEU A 507 -3.14 37.20 4.66
N LYS A 508 -2.51 38.14 5.36
CA LYS A 508 -1.31 37.87 6.16
C LYS A 508 -1.65 37.80 7.64
N LEU A 509 -2.29 36.72 8.05
CA LEU A 509 -2.60 36.46 9.45
C LEU A 509 -2.19 35.04 9.77
N GLN A 510 -1.49 34.87 10.88
CA GLN A 510 -0.93 33.57 11.24
C GLN A 510 -1.61 33.04 12.48
N LEU A 511 -1.97 31.77 12.46
CA LEU A 511 -2.56 31.12 13.61
C LEU A 511 -1.48 30.71 14.59
N GLN A 512 -1.73 30.96 15.86
CA GLN A 512 -0.91 30.45 16.95
C GLN A 512 -1.84 29.88 18.01
N VAL A 513 -1.53 28.69 18.49
CA VAL A 513 -2.37 27.99 19.46
C VAL A 513 -1.63 27.93 20.79
N PHE A 514 -2.39 28.02 21.87
CA PHE A 514 -1.85 27.96 23.22
C PHE A 514 -2.68 26.99 24.04
N SER A 515 -2.04 26.42 25.05
CA SER A 515 -2.67 25.46 25.94
C SER A 515 -3.06 26.13 27.24
N PRO A 516 -3.79 25.45 28.12
CA PRO A 516 -4.23 26.10 29.36
C PRO A 516 -3.05 26.57 30.19
N GLY A 517 -3.12 27.82 30.65
CA GLY A 517 -2.11 28.37 31.52
C GLY A 517 -0.88 28.92 30.84
N ASP A 518 -0.73 28.71 29.53
CA ASP A 518 0.40 29.25 28.81
C ASP A 518 0.35 30.77 28.79
N PHE A 519 1.52 31.40 28.86
CA PHE A 519 1.62 32.84 28.80
C PHE A 519 1.78 33.28 27.35
N ILE A 520 0.91 34.16 26.90
CA ILE A 520 1.07 34.75 25.57
C ILE A 520 2.25 35.68 25.55
N CYS A 521 2.42 36.47 26.61
CA CYS A 521 3.47 37.47 26.71
C CYS A 521 3.67 37.78 28.18
N LYS A 522 4.82 38.35 28.51
CA LYS A 522 5.12 38.75 29.87
C LYS A 522 5.69 40.15 29.89
N LYS A 523 5.76 40.72 31.09
CA LYS A 523 6.20 42.10 31.25
C LYS A 523 7.64 42.25 30.80
N GLY A 524 7.91 43.34 30.08
CA GLY A 524 9.25 43.62 29.60
C GLY A 524 9.76 42.59 28.61
N ASP A 525 8.92 42.26 27.64
CA ASP A 525 9.24 41.33 26.57
C ASP A 525 9.19 42.07 25.24
N ILE A 526 9.89 41.55 24.24
CA ILE A 526 9.90 42.22 22.94
C ILE A 526 8.53 42.09 22.30
N GLY A 527 7.88 43.22 22.03
CA GLY A 527 6.54 43.20 21.49
C GLY A 527 6.47 43.69 20.07
N ARG A 528 6.20 42.78 19.14
CA ARG A 528 6.26 43.09 17.71
C ARG A 528 5.08 42.46 16.98
N GLU A 529 3.92 42.39 17.64
CA GLU A 529 2.80 41.62 17.12
C GLU A 529 1.50 42.20 17.63
N MET A 530 0.41 41.76 17.02
CA MET A 530 -0.95 42.05 17.46
C MET A 530 -1.72 40.74 17.48
N TYR A 531 -2.50 40.52 18.53
CA TYR A 531 -3.22 39.27 18.72
C TYR A 531 -4.71 39.51 18.63
N ILE A 532 -5.41 38.61 17.95
CA ILE A 532 -6.86 38.59 17.86
C ILE A 532 -7.34 37.28 18.45
N VAL A 533 -8.22 37.36 19.44
CA VAL A 533 -8.66 36.16 20.13
C VAL A 533 -9.78 35.51 19.32
N LYS A 534 -9.49 34.36 18.76
CA LYS A 534 -10.49 33.48 18.17
C LYS A 534 -10.53 32.21 19.00
N ARG A 535 -11.71 31.72 19.29
CA ARG A 535 -11.86 30.40 19.89
C ARG A 535 -11.04 30.24 21.17
N GLY A 536 -11.18 31.17 22.09
CA GLY A 536 -10.52 31.01 23.36
C GLY A 536 -10.94 32.04 24.36
N ARG A 537 -10.06 32.27 25.33
CA ARG A 537 -10.26 33.32 26.33
C ARG A 537 -8.93 33.58 27.02
N LEU A 538 -8.47 34.82 26.99
CA LEU A 538 -7.25 35.22 27.68
C LEU A 538 -7.59 36.04 28.92
N GLN A 539 -6.58 36.29 29.75
CA GLN A 539 -6.77 37.15 30.90
C GLN A 539 -5.44 37.77 31.29
N VAL A 540 -5.48 39.02 31.72
CA VAL A 540 -4.29 39.80 32.05
C VAL A 540 -4.06 39.70 33.56
N VAL A 541 -2.99 39.01 33.94
CA VAL A 541 -2.73 38.65 35.33
C VAL A 541 -1.64 39.55 35.88
N ASP A 542 -1.77 39.93 37.14
CA ASP A 542 -0.88 40.91 37.74
C ASP A 542 0.39 40.26 38.28
N ASP A 543 1.34 40.00 37.40
CA ASP A 543 2.75 39.82 37.76
C ASP A 543 3.04 38.61 38.64
N ASP A 544 2.02 37.90 39.09
CA ASP A 544 2.23 36.70 39.89
C ASP A 544 1.36 35.53 39.46
N GLY A 545 0.34 35.79 38.66
CA GLY A 545 -0.58 34.73 38.31
C GLY A 545 -1.62 34.46 39.36
N LYS A 546 -1.73 35.34 40.36
CA LYS A 546 -2.85 35.26 41.30
C LYS A 546 -3.42 36.68 41.37
N LYS A 547 -4.24 37.00 40.37
CA LYS A 547 -4.99 38.24 40.26
C LYS A 547 -5.65 38.24 38.89
N VAL A 548 -6.44 39.26 38.59
CA VAL A 548 -6.96 39.46 37.25
C VAL A 548 -7.36 40.91 37.10
N PHE A 549 -6.99 41.50 35.97
CA PHE A 549 -7.47 42.85 35.67
C PHE A 549 -8.62 42.80 34.69
N VAL A 550 -8.39 42.20 33.52
CA VAL A 550 -9.42 42.07 32.49
C VAL A 550 -9.34 40.66 31.94
N THR A 551 -10.45 40.21 31.36
CA THR A 551 -10.53 38.93 30.69
C THR A 551 -10.92 39.20 29.25
N LEU A 552 -10.12 38.69 28.32
CA LEU A 552 -10.31 38.96 26.90
C LEU A 552 -11.06 37.80 26.28
N GLN A 553 -12.18 38.09 25.64
CA GLN A 553 -13.04 37.10 25.04
C GLN A 553 -12.75 37.01 23.55
N GLU A 554 -13.44 36.11 22.87
CA GLU A 554 -13.24 35.95 21.44
C GLU A 554 -13.54 37.26 20.71
N GLY A 555 -12.75 37.54 19.69
CA GLY A 555 -12.92 38.74 18.90
C GLY A 555 -12.20 39.96 19.41
N SER A 556 -11.65 39.93 20.62
CA SER A 556 -10.94 41.09 21.13
C SER A 556 -9.52 41.13 20.54
N VAL A 557 -8.84 42.25 20.77
CA VAL A 557 -7.56 42.52 20.16
C VAL A 557 -6.60 43.02 21.24
N PHE A 558 -5.36 42.54 21.19
CA PHE A 558 -4.35 42.92 22.15
C PHE A 558 -3.04 43.18 21.45
N GLY A 559 -2.37 44.27 21.82
CA GLY A 559 -1.08 44.60 21.27
C GLY A 559 -1.12 45.40 19.99
N GLU A 560 -2.17 46.18 19.76
CA GLU A 560 -2.37 46.81 18.47
C GLU A 560 -1.55 48.10 18.32
N LEU A 561 -1.01 48.64 19.40
CA LEU A 561 -0.11 49.78 19.29
C LEU A 561 1.34 49.37 19.19
N SER A 562 1.68 48.17 19.65
CA SER A 562 3.01 47.61 19.47
C SER A 562 3.30 47.22 18.04
N ILE A 563 2.39 47.52 17.11
CA ILE A 563 2.51 47.13 15.72
C ILE A 563 2.87 48.38 14.93
N LEU A 564 2.53 49.54 15.50
CA LEU A 564 2.98 50.82 14.96
C LEU A 564 4.37 51.15 15.51
N ASN A 565 4.92 52.28 15.07
CA ASN A 565 6.22 52.77 15.53
C ASN A 565 6.07 54.25 15.86
N ILE A 566 5.72 54.55 17.11
CA ILE A 566 5.41 55.91 17.49
C ILE A 566 6.67 56.67 17.90
N ALA A 567 7.82 55.98 17.95
CA ALA A 567 9.11 56.66 18.08
C ALA A 567 9.21 57.46 19.38
N GLY A 568 9.32 56.77 20.51
CA GLY A 568 9.34 57.44 21.80
C GLY A 568 7.98 57.37 22.48
N SER A 569 7.47 56.15 22.59
CA SER A 569 6.12 55.92 23.09
C SER A 569 6.09 55.30 24.48
N LYS A 570 7.04 55.64 25.36
CA LYS A 570 6.98 55.21 26.75
C LYS A 570 6.97 53.69 26.88
N ASN A 571 8.13 53.07 26.67
CA ASN A 571 8.27 51.61 26.54
C ASN A 571 7.52 51.10 25.31
N GLY A 572 7.96 51.60 24.16
CA GLY A 572 7.30 51.25 22.91
C GLY A 572 7.52 49.80 22.49
N ASN A 573 8.71 49.26 22.77
CA ASN A 573 9.05 47.93 22.32
C ASN A 573 8.75 46.84 23.33
N ARG A 574 8.67 47.16 24.62
CA ARG A 574 8.44 46.15 25.63
C ARG A 574 6.94 45.94 25.86
N ARG A 575 6.60 44.77 26.39
CA ARG A 575 5.22 44.28 26.29
C ARG A 575 4.28 45.00 27.25
N THR A 576 4.75 45.34 28.44
CA THR A 576 4.07 46.12 29.49
C THR A 576 2.88 45.39 30.12
N ALA A 577 2.65 44.11 29.83
CA ALA A 577 1.56 43.38 30.48
C ALA A 577 1.82 41.89 30.39
N ASN A 578 1.22 41.15 31.31
CA ASN A 578 1.22 39.69 31.30
C ASN A 578 -0.14 39.22 30.80
N VAL A 579 -0.14 38.25 29.89
CA VAL A 579 -1.37 37.70 29.34
C VAL A 579 -1.20 36.19 29.25
N ARG A 580 -2.08 35.45 29.90
CA ARG A 580 -2.03 34.00 29.85
C ARG A 580 -3.36 33.44 29.37
N SER A 581 -3.28 32.25 28.78
CA SER A 581 -4.44 31.57 28.22
C SER A 581 -5.18 30.81 29.31
N VAL A 582 -6.52 30.91 29.30
CA VAL A 582 -7.33 30.19 30.28
C VAL A 582 -7.38 28.71 29.93
N GLY A 583 -7.91 28.39 28.76
CA GLY A 583 -7.86 27.04 28.25
C GLY A 583 -7.09 27.01 26.95
N TYR A 584 -7.50 26.16 26.01
CA TYR A 584 -6.87 26.14 24.70
C TYR A 584 -7.37 27.34 23.90
N THR A 585 -6.45 28.14 23.39
CA THR A 585 -6.76 29.35 22.66
C THR A 585 -6.26 29.24 21.23
N ASP A 586 -6.90 29.98 20.33
CA ASP A 586 -6.52 30.07 18.93
C ASP A 586 -6.36 31.55 18.59
N LEU A 587 -5.15 32.06 18.69
CA LEU A 587 -4.91 33.45 18.35
C LEU A 587 -4.54 33.59 16.88
N PHE A 588 -4.82 34.75 16.31
CA PHE A 588 -4.34 35.13 15.00
C PHE A 588 -3.49 36.37 15.12
N VAL A 589 -2.28 36.32 14.58
CA VAL A 589 -1.26 37.33 14.84
C VAL A 589 -0.98 38.09 13.56
N LEU A 590 -0.99 39.42 13.66
CA LEU A 590 -0.58 40.30 12.58
C LEU A 590 0.77 40.88 12.95
N SER A 591 1.83 40.37 12.33
CA SER A 591 3.18 40.85 12.62
C SER A 591 3.32 42.31 12.23
N LYS A 592 4.33 42.96 12.82
CA LYS A 592 4.63 44.34 12.46
C LYS A 592 5.25 44.44 11.08
N THR A 593 6.13 43.48 10.76
CA THR A 593 6.71 43.40 9.43
C THR A 593 5.62 43.31 8.37
N ASP A 594 4.63 42.43 8.58
CA ASP A 594 3.55 42.29 7.62
C ASP A 594 2.75 43.57 7.48
N LEU A 595 2.42 44.21 8.60
CA LEU A 595 1.68 45.46 8.52
C LEU A 595 2.42 46.48 7.68
N TRP A 596 3.73 46.64 7.88
CA TRP A 596 4.42 47.70 7.16
C TRP A 596 4.67 47.33 5.70
N ASN A 597 4.94 46.04 5.43
CA ASN A 597 5.03 45.59 4.05
C ASN A 597 3.75 45.92 3.28
N ALA A 598 2.59 45.57 3.84
CA ALA A 598 1.33 45.89 3.17
C ALA A 598 1.09 47.39 3.14
N LEU A 599 1.54 48.11 4.17
CA LEU A 599 1.20 49.51 4.31
C LEU A 599 1.96 50.37 3.32
N ARG A 600 3.15 49.94 2.90
CA ARG A 600 3.95 50.76 2.00
C ARG A 600 3.25 50.98 0.68
N GLU A 601 2.31 50.11 0.30
CA GLU A 601 1.55 50.31 -0.93
C GLU A 601 0.46 51.36 -0.78
N TYR A 602 0.01 51.61 0.44
CA TYR A 602 -1.01 52.62 0.72
C TYR A 602 -0.38 53.68 1.60
N PRO A 603 0.13 54.78 1.07
CA PRO A 603 0.84 55.73 1.93
C PRO A 603 -0.13 56.67 2.64
N ASP A 604 -1.30 56.86 2.05
CA ASP A 604 -2.33 57.65 2.71
C ASP A 604 -2.86 56.93 3.94
N ALA A 605 -3.09 55.62 3.82
CA ALA A 605 -3.46 54.83 4.99
C ALA A 605 -2.33 54.78 6.00
N ARG A 606 -1.08 54.83 5.53
CA ARG A 606 0.07 54.81 6.43
C ARG A 606 0.08 56.04 7.33
N LYS A 607 0.04 57.23 6.73
CA LYS A 607 0.05 58.45 7.52
C LYS A 607 -1.13 58.51 8.48
N LEU A 608 -2.27 57.95 8.09
CA LEU A 608 -3.46 58.01 8.91
C LEU A 608 -3.34 57.06 10.10
N LEU A 609 -2.84 55.85 9.85
CA LEU A 609 -2.53 54.91 10.92
C LEU A 609 -1.57 55.52 11.92
N LEU A 610 -0.51 56.18 11.44
CA LEU A 610 0.42 56.83 12.35
C LEU A 610 -0.29 57.87 13.20
N ALA A 611 -1.13 58.70 12.57
CA ALA A 611 -1.86 59.72 13.32
C ALA A 611 -2.75 59.08 14.39
N LYS A 612 -3.49 58.03 14.03
CA LYS A 612 -4.39 57.40 14.98
C LYS A 612 -3.62 56.76 16.12
N GLY A 613 -2.48 56.16 15.83
CA GLY A 613 -1.66 55.57 16.88
C GLY A 613 -1.14 56.61 17.84
N ARG A 614 -0.63 57.74 17.33
CA ARG A 614 -0.20 58.82 18.20
C ARG A 614 -1.34 59.32 19.07
N GLU A 615 -2.54 59.44 18.49
CA GLU A 615 -3.70 59.89 19.25
C GLU A 615 -4.01 58.94 20.38
N ILE A 616 -4.19 57.65 20.06
CA ILE A 616 -4.52 56.66 21.08
C ILE A 616 -3.46 56.61 22.16
N LEU A 617 -2.19 56.74 21.76
CA LEU A 617 -1.10 56.72 22.71
C LEU A 617 -1.19 57.89 23.68
N LYS A 618 -1.41 59.10 23.15
CA LYS A 618 -1.47 60.27 24.02
C LYS A 618 -2.66 60.20 24.96
N LYS A 619 -3.85 59.95 24.43
CA LYS A 619 -5.02 59.83 25.30
C LYS A 619 -4.91 58.63 26.22
N ARG B 104 -23.42 15.57 52.41
CA ARG B 104 -23.81 14.17 52.49
C ARG B 104 -24.08 13.62 51.09
N ILE B 105 -24.75 12.47 51.05
CA ILE B 105 -25.05 11.82 49.78
C ILE B 105 -25.90 12.71 48.90
N ARG B 106 -26.96 13.30 49.47
CA ARG B 106 -27.85 14.14 48.68
C ARG B 106 -27.12 15.34 48.12
N LYS B 107 -26.29 15.99 48.94
CA LYS B 107 -25.52 17.14 48.48
C LYS B 107 -24.56 16.74 47.35
N TYR B 108 -23.82 15.65 47.56
CA TYR B 108 -22.82 15.24 46.57
C TYR B 108 -23.48 14.89 45.24
N LEU B 109 -24.60 14.17 45.29
CA LEU B 109 -25.25 13.77 44.05
C LEU B 109 -26.01 14.92 43.40
N ALA B 110 -26.46 15.89 44.18
CA ALA B 110 -27.12 17.05 43.59
C ALA B 110 -26.12 17.99 42.94
N ASN B 111 -24.88 18.00 43.44
CA ASN B 111 -23.89 18.90 42.88
C ASN B 111 -23.07 18.25 41.78
N TYR B 112 -22.95 16.92 41.78
CA TYR B 112 -22.00 16.19 40.93
C TYR B 112 -22.14 16.54 39.46
N THR B 113 -21.00 16.64 38.78
CA THR B 113 -20.92 16.78 37.33
C THR B 113 -19.62 16.11 36.88
N GLN B 114 -19.63 15.53 35.69
CA GLN B 114 -18.58 14.63 35.23
C GLN B 114 -17.62 15.32 34.27
N ASP B 115 -16.33 15.03 34.43
CA ASP B 115 -15.32 15.43 33.46
C ASP B 115 -14.98 14.25 32.57
N PRO B 116 -15.24 14.32 31.26
CA PRO B 116 -15.03 13.16 30.41
C PRO B 116 -13.57 12.78 30.19
N SER B 117 -12.63 13.68 30.43
CA SER B 117 -11.23 13.44 30.11
C SER B 117 -10.44 12.78 31.23
N THR B 118 -11.10 12.41 32.32
CA THR B 118 -10.41 11.77 33.43
C THR B 118 -10.00 10.34 33.04
N ASP B 119 -9.19 9.72 33.91
CA ASP B 119 -8.88 8.31 33.75
C ASP B 119 -9.95 7.43 34.38
N ASN B 120 -10.59 7.91 35.44
CA ASN B 120 -11.71 7.18 36.01
C ASN B 120 -12.84 7.04 35.02
N PHE B 121 -13.06 8.06 34.20
CA PHE B 121 -14.10 7.94 33.18
C PHE B 121 -13.72 6.93 32.11
N TYR B 122 -12.42 6.81 31.80
CA TYR B 122 -11.98 5.78 30.88
C TYR B 122 -12.25 4.39 31.45
N TYR B 123 -11.93 4.18 32.72
CA TYR B 123 -12.21 2.89 33.33
C TYR B 123 -13.72 2.62 33.38
N TRP B 124 -14.51 3.68 33.53
CA TRP B 124 -15.95 3.51 33.46
C TRP B 124 -16.40 3.08 32.07
N THR B 125 -15.86 3.71 31.03
CA THR B 125 -16.21 3.30 29.68
C THR B 125 -15.83 1.84 29.43
N CYS B 126 -14.78 1.37 30.07
CA CYS B 126 -14.43 -0.04 29.97
C CYS B 126 -15.45 -0.93 30.67
N VAL B 127 -15.97 -0.48 31.81
CA VAL B 127 -17.04 -1.23 32.48
C VAL B 127 -18.29 -1.30 31.59
N VAL B 128 -18.64 -0.19 30.96
CA VAL B 128 -19.80 -0.17 30.08
C VAL B 128 -19.56 -1.03 28.84
N THR B 129 -18.32 -1.12 28.38
CA THR B 129 -18.00 -2.02 27.27
C THR B 129 -18.16 -3.47 27.68
N VAL B 130 -17.80 -3.81 28.91
CA VAL B 130 -18.03 -5.18 29.40
C VAL B 130 -19.52 -5.49 29.43
N ALA B 131 -20.34 -4.54 29.88
CA ALA B 131 -21.79 -4.79 29.92
C ALA B 131 -22.37 -4.91 28.51
N TYR B 132 -21.90 -4.09 27.59
CA TYR B 132 -22.34 -4.18 26.21
C TYR B 132 -21.98 -5.52 25.60
N ILE B 133 -20.76 -6.00 25.84
CA ILE B 133 -20.33 -7.28 25.29
C ILE B 133 -21.11 -8.42 25.92
N TYR B 134 -21.51 -8.27 27.18
CA TYR B 134 -22.41 -9.24 27.78
C TYR B 134 -23.69 -9.36 26.96
N ASN B 135 -24.32 -8.23 26.68
CA ASN B 135 -25.58 -8.26 25.92
C ASN B 135 -25.37 -8.81 24.52
N LEU B 136 -24.30 -8.35 23.84
CA LEU B 136 -23.98 -8.75 22.47
C LEU B 136 -23.97 -10.25 22.29
N LEU B 137 -23.35 -10.97 23.22
CA LEU B 137 -23.26 -12.41 23.11
C LEU B 137 -24.54 -13.08 23.60
N PHE B 138 -24.99 -12.71 24.78
CA PHE B 138 -25.89 -13.63 25.48
C PHE B 138 -27.34 -13.41 25.12
N VAL B 139 -27.71 -12.26 24.56
CA VAL B 139 -29.12 -12.12 24.19
C VAL B 139 -29.45 -13.02 23.00
N ILE B 140 -28.61 -13.00 21.97
CA ILE B 140 -28.82 -13.88 20.82
C ILE B 140 -28.57 -15.33 21.19
N ALA B 141 -27.60 -15.60 22.07
CA ALA B 141 -27.38 -16.96 22.48
C ALA B 141 -28.58 -17.51 23.23
N ARG B 142 -29.24 -16.70 24.06
CA ARG B 142 -30.38 -17.21 24.82
C ARG B 142 -31.63 -17.28 23.97
N GLN B 143 -31.71 -16.47 22.90
CA GLN B 143 -32.83 -16.61 21.99
C GLN B 143 -32.74 -17.90 21.20
N VAL B 144 -31.59 -18.15 20.57
CA VAL B 144 -31.50 -19.30 19.68
C VAL B 144 -31.25 -20.58 20.47
N PHE B 145 -30.31 -20.55 21.41
CA PHE B 145 -29.98 -21.70 22.24
C PHE B 145 -30.71 -21.63 23.57
N ASN B 146 -32.03 -21.79 23.52
CA ASN B 146 -32.95 -21.71 24.64
C ASN B 146 -32.55 -22.43 25.92
N ASP B 147 -31.91 -23.58 25.82
CA ASP B 147 -31.56 -24.33 27.01
C ASP B 147 -30.52 -23.66 27.87
N LEU B 148 -29.97 -22.52 27.44
CA LEU B 148 -29.04 -21.78 28.28
C LEU B 148 -29.67 -21.34 29.59
N ILE B 149 -31.00 -21.18 29.62
CA ILE B 149 -31.69 -20.84 30.85
C ILE B 149 -32.31 -22.05 31.51
N GLY B 150 -32.10 -23.24 30.96
CA GLY B 150 -32.76 -24.43 31.43
C GLY B 150 -33.86 -24.85 30.48
N PRO B 151 -33.94 -26.14 30.17
CA PRO B 151 -34.97 -26.60 29.25
C PRO B 151 -36.38 -26.33 29.75
N SER B 152 -37.21 -25.78 28.87
CA SER B 152 -38.61 -25.54 29.13
C SER B 152 -39.48 -26.73 28.81
N SER B 153 -38.96 -27.71 28.08
CA SER B 153 -39.69 -28.88 27.67
C SER B 153 -38.83 -30.11 27.88
N GLN B 154 -39.48 -31.26 27.84
CA GLN B 154 -38.84 -32.55 28.05
C GLN B 154 -38.56 -33.19 26.70
N SER B 155 -37.35 -33.68 26.51
CA SER B 155 -37.00 -34.44 25.32
C SER B 155 -37.50 -35.87 25.45
N LEU B 156 -38.23 -36.34 24.46
CA LEU B 156 -38.81 -37.67 24.46
C LEU B 156 -38.26 -38.47 23.30
N CYS B 157 -37.71 -39.64 23.61
CA CYS B 157 -37.16 -40.55 22.61
C CYS B 157 -38.06 -41.76 22.51
N ARG B 158 -38.15 -42.32 21.31
CA ARG B 158 -38.91 -43.55 21.08
C ARG B 158 -38.01 -44.73 21.34
N PHE B 159 -38.23 -45.42 22.44
CA PHE B 159 -37.31 -46.42 22.95
C PHE B 159 -37.90 -47.81 22.79
N TYR B 160 -37.07 -48.77 22.38
CA TYR B 160 -37.46 -50.17 22.33
C TYR B 160 -36.89 -50.87 23.56
N ASN B 161 -37.78 -51.33 24.44
CA ASN B 161 -37.37 -51.98 25.67
C ASN B 161 -36.80 -53.36 25.41
N ASN B 165 -39.25 -55.21 24.94
CA ASN B 165 -40.55 -55.87 24.83
C ASN B 165 -41.39 -55.17 23.77
N SER B 166 -41.33 -53.84 23.75
CA SER B 166 -42.08 -53.03 22.80
C SER B 166 -41.46 -51.64 22.72
N THR B 167 -42.00 -50.83 21.82
CA THR B 167 -41.51 -49.48 21.57
C THR B 167 -42.46 -48.46 22.19
N THR B 168 -41.94 -47.66 23.12
CA THR B 168 -42.71 -46.61 23.77
C THR B 168 -41.89 -45.33 23.81
N GLN B 169 -42.52 -44.25 24.27
CA GLN B 169 -41.93 -42.91 24.26
C GLN B 169 -41.56 -42.50 25.68
N VAL B 170 -40.25 -42.40 25.94
CA VAL B 170 -39.73 -42.11 27.26
C VAL B 170 -38.79 -40.92 27.19
N GLU B 171 -38.42 -40.40 28.35
CA GLU B 171 -37.51 -39.27 28.42
C GLU B 171 -36.11 -39.69 28.01
N CYS B 172 -35.49 -38.92 27.11
CA CYS B 172 -34.22 -39.30 26.53
C CYS B 172 -33.13 -39.32 27.59
N THR B 173 -32.30 -40.35 27.56
CA THR B 173 -31.05 -40.39 28.28
C THR B 173 -29.94 -39.96 27.34
N TYR B 174 -28.69 -40.02 27.76
CA TYR B 174 -27.59 -39.70 26.86
C TYR B 174 -27.26 -40.84 25.92
N ASN B 175 -27.62 -42.07 26.27
CA ASN B 175 -27.48 -43.17 25.34
C ASN B 175 -28.56 -43.16 24.28
N MET B 176 -29.69 -42.52 24.53
CA MET B 176 -30.73 -42.36 23.53
C MET B 176 -30.45 -41.22 22.58
N LEU B 177 -29.55 -40.31 22.92
CA LEU B 177 -29.20 -39.18 22.08
C LEU B 177 -27.88 -39.41 21.36
N THR B 178 -27.40 -40.65 21.36
CA THR B 178 -26.23 -41.07 20.61
C THR B 178 -26.69 -42.09 19.57
N ASN B 179 -26.14 -41.97 18.37
CA ASN B 179 -26.44 -42.91 17.28
C ASN B 179 -27.93 -42.93 16.97
N MET B 180 -28.54 -41.76 16.90
CA MET B 180 -29.97 -41.66 16.73
C MET B 180 -30.39 -42.04 15.32
N LYS B 181 -31.57 -42.65 15.22
CA LYS B 181 -32.23 -42.90 13.95
C LYS B 181 -33.26 -41.84 13.62
N GLU B 182 -33.58 -40.98 14.58
CA GLU B 182 -34.42 -39.82 14.36
C GLU B 182 -34.23 -38.89 15.54
N MET B 183 -34.67 -37.67 15.38
CA MET B 183 -34.52 -36.67 16.42
C MET B 183 -35.63 -36.82 17.46
N PRO B 184 -35.36 -36.43 18.70
CA PRO B 184 -36.40 -36.52 19.74
C PRO B 184 -37.46 -35.44 19.59
N THR B 185 -38.59 -35.66 20.25
CA THR B 185 -39.67 -34.70 20.29
C THR B 185 -39.80 -34.14 21.70
N TYR B 186 -40.44 -32.99 21.82
CA TYR B 186 -40.47 -32.23 23.05
C TYR B 186 -41.87 -32.11 23.61
N SER B 187 -41.96 -32.05 24.93
CA SER B 187 -43.23 -31.92 25.64
C SER B 187 -43.03 -30.93 26.77
N GLN B 188 -43.71 -29.79 26.69
CA GLN B 188 -43.50 -28.72 27.66
C GLN B 188 -43.75 -29.18 29.09
N TYR B 189 -43.04 -28.58 30.01
CA TYR B 189 -43.36 -28.73 31.41
C TYR B 189 -44.58 -27.88 31.73
N PRO B 190 -45.35 -28.24 32.76
CA PRO B 190 -46.47 -27.39 33.13
C PRO B 190 -46.03 -26.00 33.58
N ASP B 191 -45.05 -25.93 34.48
CA ASP B 191 -44.36 -24.68 34.81
C ASP B 191 -43.06 -24.74 34.02
N LEU B 192 -42.84 -23.77 33.15
CA LEU B 192 -41.97 -24.03 32.02
C LEU B 192 -40.53 -24.21 32.47
N GLY B 193 -40.30 -25.28 33.23
CA GLY B 193 -39.00 -25.59 33.77
C GLY B 193 -38.62 -24.79 34.98
N TRP B 194 -39.57 -24.10 35.62
CA TRP B 194 -39.21 -23.14 36.65
C TRP B 194 -38.83 -23.83 37.95
N SER B 195 -39.47 -24.94 38.28
CA SER B 195 -39.13 -25.63 39.51
C SER B 195 -37.78 -26.32 39.42
N LYS B 196 -37.35 -26.68 38.22
CA LYS B 196 -36.11 -27.40 38.03
C LYS B 196 -34.91 -26.51 37.78
N TYR B 197 -35.13 -25.30 37.26
CA TYR B 197 -34.03 -24.47 36.79
C TYR B 197 -34.12 -23.03 37.29
N TRP B 198 -34.86 -22.79 38.38
CA TRP B 198 -34.98 -21.43 38.89
C TRP B 198 -33.64 -20.87 39.32
N HIS B 199 -32.69 -21.71 39.70
CA HIS B 199 -31.38 -21.22 40.08
C HIS B 199 -30.61 -20.70 38.87
N PHE B 200 -30.63 -21.45 37.76
CA PHE B 200 -30.06 -20.95 36.51
C PHE B 200 -30.72 -19.64 36.10
N ARG B 201 -32.04 -19.58 36.23
CA ARG B 201 -32.77 -18.42 35.74
C ARG B 201 -32.55 -17.21 36.64
N MET B 202 -32.36 -17.42 37.95
CA MET B 202 -32.06 -16.31 38.84
C MET B 202 -30.63 -15.83 38.66
N LEU B 203 -29.71 -16.73 38.34
CA LEU B 203 -28.36 -16.28 37.96
C LEU B 203 -28.41 -15.40 36.73
N TRP B 204 -29.15 -15.81 35.69
CA TRP B 204 -29.28 -14.96 34.51
C TRP B 204 -29.93 -13.63 34.84
N VAL B 205 -30.98 -13.65 35.67
CA VAL B 205 -31.66 -12.42 36.05
C VAL B 205 -30.75 -11.50 36.83
N PHE B 206 -29.88 -12.06 37.68
CA PHE B 206 -28.96 -11.24 38.44
C PHE B 206 -27.95 -10.55 37.52
N PHE B 207 -27.40 -11.28 36.55
CA PHE B 207 -26.46 -10.59 35.66
C PHE B 207 -27.18 -9.60 34.77
N ASP B 208 -28.44 -9.85 34.44
CA ASP B 208 -29.22 -8.87 33.69
C ASP B 208 -29.40 -7.59 34.49
N LEU B 209 -29.75 -7.72 35.77
CA LEU B 209 -29.92 -6.54 36.62
C LEU B 209 -28.61 -5.83 36.87
N LEU B 210 -27.51 -6.58 37.00
CA LEU B 210 -26.21 -5.97 37.15
C LEU B 210 -25.85 -5.11 35.95
N MET B 211 -26.01 -5.64 34.74
CA MET B 211 -25.67 -4.86 33.57
C MET B 211 -26.65 -3.71 33.35
N ASP B 212 -27.88 -3.85 33.81
CA ASP B 212 -28.83 -2.75 33.68
C ASP B 212 -28.54 -1.66 34.70
N CYS B 213 -28.02 -2.01 35.88
CA CYS B 213 -27.55 -1.00 36.81
C CYS B 213 -26.34 -0.26 36.25
N VAL B 214 -25.44 -0.98 35.58
CA VAL B 214 -24.37 -0.29 34.86
C VAL B 214 -24.93 0.70 33.85
N TYR B 215 -25.98 0.30 33.13
CA TYR B 215 -26.59 1.21 32.16
C TYR B 215 -27.23 2.41 32.84
N LEU B 216 -27.76 2.22 34.05
CA LEU B 216 -28.37 3.35 34.77
C LEU B 216 -27.32 4.32 35.29
N ILE B 217 -26.23 3.80 35.86
CA ILE B 217 -25.12 4.68 36.25
C ILE B 217 -24.61 5.45 35.04
N ASP B 218 -24.54 4.79 33.89
CA ASP B 218 -24.06 5.47 32.69
C ASP B 218 -25.04 6.55 32.25
N THR B 219 -26.34 6.31 32.40
CA THR B 219 -27.30 7.33 31.99
C THR B 219 -27.27 8.53 32.94
N PHE B 220 -26.97 8.28 34.22
CA PHE B 220 -26.79 9.40 35.14
C PHE B 220 -25.54 10.19 34.81
N LEU B 221 -24.41 9.51 34.61
CA LEU B 221 -23.19 10.22 34.22
C LEU B 221 -23.36 10.97 32.91
N ASN B 222 -24.21 10.48 32.02
CA ASN B 222 -24.55 11.26 30.83
C ASN B 222 -25.41 12.47 31.18
N TYR B 223 -26.25 12.33 32.19
CA TYR B 223 -27.09 13.44 32.62
C TYR B 223 -26.24 14.60 33.14
N ARG B 224 -25.29 14.29 34.01
CA ARG B 224 -24.38 15.28 34.58
C ARG B 224 -23.02 15.24 33.89
N MET B 225 -23.00 15.57 32.60
CA MET B 225 -21.82 15.36 31.77
C MET B 225 -21.24 16.69 31.33
N GLY B 226 -19.97 16.92 31.67
CA GLY B 226 -19.31 18.16 31.31
C GLY B 226 -18.84 18.15 29.87
N TYR B 227 -18.96 19.30 29.21
CA TYR B 227 -18.60 19.45 27.82
C TYR B 227 -17.62 20.60 27.64
N MET B 228 -16.97 20.63 26.48
CA MET B 228 -15.96 21.65 26.18
C MET B 228 -16.63 22.89 25.62
N ASP B 229 -16.24 24.05 26.16
CA ASP B 229 -16.77 25.33 25.70
C ASP B 229 -15.70 26.39 25.93
N GLN B 230 -15.25 27.02 24.84
CA GLN B 230 -14.17 28.01 24.87
C GLN B 230 -12.88 27.40 25.41
N GLY B 231 -12.57 26.18 24.97
CA GLY B 231 -11.36 25.51 25.40
C GLY B 231 -11.37 25.04 26.85
N LEU B 232 -12.48 25.17 27.55
CA LEU B 232 -12.61 24.70 28.92
C LEU B 232 -13.76 23.70 29.02
N VAL B 233 -13.68 22.82 30.00
CA VAL B 233 -14.74 21.87 30.29
C VAL B 233 -15.73 22.52 31.25
N VAL B 234 -16.99 22.64 30.86
CA VAL B 234 -18.01 23.29 31.64
C VAL B 234 -18.46 22.43 32.76
N ARG B 235 -18.58 22.89 33.98
CA ARG B 235 -18.93 22.03 35.07
C ARG B 235 -20.00 22.54 35.95
N GLU B 236 -20.97 23.21 35.42
CA GLU B 236 -21.98 23.80 36.21
C GLU B 236 -23.15 22.92 36.02
N ALA B 237 -23.77 22.38 37.06
CA ALA B 237 -24.82 21.38 36.94
C ALA B 237 -25.95 21.81 36.11
N GLU B 238 -26.33 23.02 36.21
CA GLU B 238 -27.41 23.58 35.41
C GLU B 238 -27.06 23.57 33.92
N LYS B 239 -25.83 23.98 33.58
CA LYS B 239 -25.43 24.02 32.19
C LYS B 239 -25.34 22.62 31.59
N VAL B 240 -24.78 21.67 32.34
CA VAL B 240 -24.56 20.34 31.77
C VAL B 240 -25.88 19.61 31.57
N THR B 241 -26.83 19.78 32.50
CA THR B 241 -28.13 19.14 32.32
C THR B 241 -28.92 19.82 31.21
N LYS B 242 -28.78 21.14 31.09
CA LYS B 242 -29.45 21.82 29.98
C LYS B 242 -28.89 21.37 28.64
N ALA B 243 -27.58 21.15 28.57
CA ALA B 243 -26.98 20.65 27.33
C ALA B 243 -27.38 19.21 27.07
N TYR B 244 -27.61 18.43 28.13
CA TYR B 244 -28.11 17.06 27.98
C TYR B 244 -29.51 17.06 27.36
N TRP B 245 -30.39 17.94 27.87
CA TRP B 245 -31.74 17.97 27.33
C TRP B 245 -31.79 18.61 25.94
N GLN B 246 -30.92 19.57 25.65
CA GLN B 246 -30.89 20.16 24.31
C GLN B 246 -30.49 19.12 23.28
N SER B 247 -29.37 18.45 23.50
CA SER B 247 -29.10 17.23 22.77
C SER B 247 -30.19 16.21 23.06
N LYS B 248 -30.26 15.19 22.22
CA LYS B 248 -31.25 14.14 22.38
C LYS B 248 -30.60 12.84 22.81
N GLN B 249 -29.64 12.95 23.73
CA GLN B 249 -29.03 11.76 24.32
C GLN B 249 -30.04 10.99 25.14
N TYR B 250 -31.06 11.67 25.66
CA TYR B 250 -32.04 10.98 26.49
C TYR B 250 -32.89 10.01 25.68
N ARG B 251 -33.06 10.27 24.38
CA ARG B 251 -33.76 9.31 23.53
C ARG B 251 -33.04 7.98 23.50
N ILE B 252 -31.75 8.00 23.17
CA ILE B 252 -30.96 6.77 23.11
C ILE B 252 -30.83 6.16 24.50
N ASP B 253 -30.75 6.99 25.54
CA ASP B 253 -30.61 6.47 26.88
C ASP B 253 -31.88 5.76 27.36
N GLY B 254 -33.05 6.25 26.92
CA GLY B 254 -34.29 5.63 27.34
C GLY B 254 -34.68 4.45 26.49
N ILE B 255 -34.43 4.52 25.18
CA ILE B 255 -34.70 3.38 24.32
C ILE B 255 -33.89 2.17 24.73
N SER B 256 -32.67 2.39 25.22
CA SER B 256 -31.78 1.30 25.59
C SER B 256 -32.07 0.73 26.96
N LEU B 257 -33.04 1.23 27.68
CA LEU B 257 -33.28 0.63 28.93
C LEU B 257 -34.67 0.20 29.19
N ILE B 258 -35.52 0.25 28.21
CA ILE B 258 -36.92 -0.19 28.31
C ILE B 258 -36.96 -1.60 28.87
N PRO B 259 -37.52 -1.81 30.07
CA PRO B 259 -37.45 -3.12 30.73
C PRO B 259 -38.48 -4.10 30.18
N LEU B 260 -38.57 -4.19 28.86
CA LEU B 260 -39.57 -5.06 28.24
C LEU B 260 -39.20 -6.53 28.42
N ASP B 261 -37.90 -6.83 28.45
CA ASP B 261 -37.46 -8.21 28.58
C ASP B 261 -37.74 -8.77 29.96
N TYR B 262 -38.00 -7.93 30.95
CA TYR B 262 -38.24 -8.45 32.29
C TYR B 262 -39.64 -9.02 32.42
N ILE B 263 -40.59 -8.48 31.66
CA ILE B 263 -41.95 -9.01 31.73
C ILE B 263 -42.19 -10.05 30.64
N LEU B 264 -41.61 -9.85 29.47
CA LEU B 264 -41.91 -10.72 28.33
C LEU B 264 -40.73 -11.54 27.83
N GLY B 265 -39.61 -11.55 28.53
CA GLY B 265 -38.45 -12.28 28.07
C GLY B 265 -38.19 -13.60 28.77
N TRP B 266 -39.05 -13.98 29.70
CA TRP B 266 -38.86 -15.19 30.48
C TRP B 266 -40.10 -16.06 30.35
N PRO B 267 -39.97 -17.36 30.59
CA PRO B 267 -41.14 -18.24 30.50
C PRO B 267 -42.13 -17.94 31.61
N ILE B 268 -43.35 -17.57 31.22
CA ILE B 268 -44.46 -17.37 32.15
C ILE B 268 -45.42 -18.55 31.96
N PRO B 269 -45.48 -19.50 32.89
CA PRO B 269 -46.31 -20.69 32.66
C PRO B 269 -47.80 -20.42 32.72
N TYR B 270 -48.24 -19.33 33.35
CA TYR B 270 -49.67 -19.13 33.56
C TYR B 270 -50.39 -18.79 32.26
N ILE B 271 -49.72 -18.05 31.37
CA ILE B 271 -50.30 -17.73 30.07
C ILE B 271 -49.65 -18.54 28.94
N ASN B 272 -48.83 -19.53 29.29
CA ASN B 272 -48.07 -20.31 28.32
C ASN B 272 -47.26 -19.42 27.38
N TRP B 273 -46.59 -18.44 27.97
CA TRP B 273 -45.63 -17.62 27.25
C TRP B 273 -44.26 -18.25 27.37
N ARG B 274 -43.65 -18.58 26.24
CA ARG B 274 -42.37 -19.26 26.29
C ARG B 274 -41.19 -18.32 26.46
N GLY B 275 -41.40 -17.02 26.38
CA GLY B 275 -40.30 -16.11 26.54
C GLY B 275 -39.82 -15.60 25.20
N LEU B 276 -39.22 -14.43 25.22
CA LEU B 276 -38.66 -13.81 24.02
C LEU B 276 -37.40 -13.05 24.43
N PRO B 277 -36.29 -13.77 24.63
CA PRO B 277 -35.05 -13.09 25.03
C PRO B 277 -34.58 -12.02 24.06
N ILE B 278 -35.05 -12.04 22.81
CA ILE B 278 -34.59 -11.08 21.82
C ILE B 278 -35.07 -9.68 22.10
N LEU B 279 -35.97 -9.49 23.07
CA LEU B 279 -36.44 -8.16 23.44
C LEU B 279 -35.41 -7.37 24.23
N ARG B 280 -34.29 -7.97 24.61
CA ARG B 280 -33.21 -7.25 25.26
C ARG B 280 -32.21 -6.71 24.26
N LEU B 281 -32.55 -6.74 22.98
CA LEU B 281 -31.63 -6.26 21.95
C LEU B 281 -31.63 -4.75 21.84
N ASN B 282 -32.52 -4.05 22.55
CA ASN B 282 -32.44 -2.59 22.59
C ASN B 282 -31.28 -2.11 23.44
N ARG B 283 -30.72 -2.96 24.29
CA ARG B 283 -29.52 -2.62 25.02
C ARG B 283 -28.34 -2.39 24.10
N LEU B 284 -28.44 -2.80 22.85
CA LEU B 284 -27.33 -2.71 21.91
C LEU B 284 -27.31 -1.39 21.16
N ILE B 285 -28.16 -0.45 21.55
CA ILE B 285 -28.15 0.88 20.94
C ILE B 285 -27.02 1.74 21.49
N ARG B 286 -26.49 1.43 22.66
CA ARG B 286 -25.42 2.21 23.26
C ARG B 286 -24.03 1.87 22.75
N TYR B 287 -23.83 1.86 21.44
CA TYR B 287 -22.54 1.46 20.91
C TYR B 287 -21.53 2.59 20.88
N LYS B 288 -21.97 3.83 21.10
CA LYS B 288 -21.04 4.95 21.03
C LYS B 288 -20.07 4.95 22.20
N ARG B 289 -20.53 4.57 23.39
CA ARG B 289 -19.62 4.47 24.52
C ARG B 289 -18.58 3.38 24.29
N VAL B 290 -18.95 2.30 23.59
CA VAL B 290 -18.02 1.23 23.30
C VAL B 290 -17.00 1.65 22.25
N ARG B 291 -17.46 2.32 21.19
CA ARG B 291 -16.55 2.84 20.18
C ARG B 291 -15.59 3.85 20.80
N ASN B 292 -16.11 4.69 21.70
CA ASN B 292 -15.27 5.63 22.43
C ASN B 292 -14.21 4.91 23.25
N CYS B 293 -14.60 3.87 23.98
CA CYS B 293 -13.62 3.13 24.77
C CYS B 293 -12.54 2.54 23.90
N LEU B 294 -12.89 2.02 22.71
CA LEU B 294 -11.87 1.40 21.87
C LEU B 294 -10.97 2.43 21.21
N GLU B 295 -11.54 3.57 20.80
CA GLU B 295 -10.73 4.67 20.31
C GLU B 295 -9.75 5.15 21.37
N ARG B 296 -10.20 5.25 22.62
CA ARG B 296 -9.31 5.70 23.69
C ARG B 296 -8.28 4.64 24.04
N THR B 297 -8.63 3.37 23.90
CA THR B 297 -7.67 2.31 24.18
C THR B 297 -6.59 2.24 23.13
N GLU B 298 -6.91 2.62 21.89
CA GLU B 298 -5.89 2.62 20.84
C GLU B 298 -4.86 3.72 21.08
N THR B 299 -5.29 4.89 21.55
CA THR B 299 -4.34 5.99 21.76
C THR B 299 -3.46 5.73 22.97
N ARG B 300 -4.03 5.18 24.05
CA ARG B 300 -3.22 4.81 25.20
C ARG B 300 -2.34 3.60 24.95
N SER B 301 -2.40 3.00 23.78
CA SER B 301 -1.72 1.74 23.56
C SER B 301 -0.27 1.98 23.13
N SER B 302 0.62 1.12 23.61
CA SER B 302 2.00 1.09 23.16
C SER B 302 2.16 0.27 21.88
N MET B 303 1.10 -0.38 21.41
CA MET B 303 1.13 -1.18 20.20
C MET B 303 -0.13 -0.89 19.39
N PRO B 304 -0.23 0.30 18.81
CA PRO B 304 -1.50 0.72 18.19
C PRO B 304 -1.85 -0.01 16.91
N ASN B 305 -0.88 -0.52 16.16
CA ASN B 305 -1.18 -1.33 14.99
C ASN B 305 -1.69 -2.71 15.41
N ALA B 306 -0.98 -3.35 16.34
CA ALA B 306 -1.39 -4.63 16.85
C ALA B 306 -2.78 -4.57 17.46
N PHE B 307 -3.07 -3.52 18.24
CA PHE B 307 -4.37 -3.40 18.87
C PHE B 307 -5.48 -3.27 17.85
N ARG B 308 -5.22 -2.54 16.76
CA ARG B 308 -6.22 -2.39 15.71
C ARG B 308 -6.54 -3.74 15.06
N VAL B 309 -5.49 -4.53 14.77
CA VAL B 309 -5.72 -5.86 14.21
C VAL B 309 -6.47 -6.74 15.22
N VAL B 310 -6.14 -6.63 16.51
CA VAL B 310 -6.81 -7.43 17.53
C VAL B 310 -8.29 -7.09 17.63
N VAL B 311 -8.62 -5.81 17.51
CA VAL B 311 -10.02 -5.41 17.59
C VAL B 311 -10.79 -5.91 16.39
N VAL B 312 -10.17 -5.90 15.21
CA VAL B 312 -10.86 -6.46 14.04
C VAL B 312 -11.07 -7.96 14.21
N VAL B 313 -10.10 -8.66 14.80
CA VAL B 313 -10.25 -10.09 15.05
C VAL B 313 -11.39 -10.36 16.03
N TRP B 314 -11.51 -9.52 17.06
CA TRP B 314 -12.64 -9.63 17.99
C TRP B 314 -13.97 -9.42 17.28
N TYR B 315 -14.02 -8.46 16.36
CA TYR B 315 -15.23 -8.25 15.57
C TYR B 315 -15.59 -9.49 14.77
N ILE B 316 -14.58 -10.12 14.16
CA ILE B 316 -14.82 -11.30 13.34
C ILE B 316 -15.34 -12.44 14.20
N VAL B 317 -14.82 -12.59 15.42
CA VAL B 317 -15.25 -13.67 16.30
C VAL B 317 -16.71 -13.50 16.72
N ILE B 318 -17.13 -12.26 16.95
CA ILE B 318 -18.51 -11.98 17.31
C ILE B 318 -19.43 -12.17 16.14
N ILE B 319 -18.99 -11.81 14.93
CA ILE B 319 -19.76 -12.11 13.73
C ILE B 319 -19.92 -13.62 13.56
N ILE B 320 -18.85 -14.39 13.80
CA ILE B 320 -18.93 -15.85 13.70
C ILE B 320 -19.91 -16.41 14.73
N HIS B 321 -19.95 -15.82 15.93
CA HIS B 321 -20.91 -16.26 16.94
C HIS B 321 -22.34 -15.98 16.51
N TRP B 322 -22.61 -14.79 16.00
CA TRP B 322 -23.96 -14.46 15.55
C TRP B 322 -24.37 -15.29 14.34
N ASN B 323 -23.43 -15.62 13.48
CA ASN B 323 -23.73 -16.46 12.32
C ASN B 323 -23.86 -17.93 12.72
N ALA B 324 -23.25 -18.35 13.82
CA ALA B 324 -23.51 -19.66 14.37
C ALA B 324 -24.92 -19.77 14.89
N CYS B 325 -25.38 -18.74 15.58
CA CYS B 325 -26.75 -18.70 16.04
C CYS B 325 -27.72 -18.63 14.88
N LEU B 326 -27.35 -17.92 13.81
CA LEU B 326 -28.19 -17.88 12.61
C LEU B 326 -28.26 -19.23 11.92
N TYR B 327 -27.13 -19.93 11.77
CA TYR B 327 -27.14 -21.27 11.20
C TYR B 327 -28.04 -22.20 12.00
N PHE B 328 -27.95 -22.16 13.33
CA PHE B 328 -28.78 -23.09 14.10
C PHE B 328 -30.25 -22.69 14.08
N TRP B 329 -30.55 -21.40 14.04
CA TRP B 329 -31.94 -20.98 13.96
C TRP B 329 -32.54 -21.38 12.63
N ILE B 330 -31.78 -21.26 11.54
CA ILE B 330 -32.29 -21.70 10.23
C ILE B 330 -32.43 -23.21 10.19
N SER B 331 -31.51 -23.94 10.82
CA SER B 331 -31.62 -25.39 10.87
C SER B 331 -32.85 -25.82 11.64
N GLU B 332 -33.16 -25.13 12.74
CA GLU B 332 -34.30 -25.48 13.55
C GLU B 332 -35.61 -25.08 12.89
N TRP B 333 -35.58 -24.02 12.09
CA TRP B 333 -36.79 -23.58 11.39
C TRP B 333 -37.11 -24.49 10.21
N ILE B 334 -36.09 -24.98 9.50
CA ILE B 334 -36.27 -25.97 8.47
C ILE B 334 -36.69 -27.30 9.08
N GLY B 335 -36.13 -27.65 10.23
CA GLY B 335 -36.43 -28.86 10.97
C GLY B 335 -35.13 -29.61 11.16
N LEU B 336 -34.83 -29.97 12.40
CA LEU B 336 -33.57 -30.63 12.69
C LEU B 336 -33.60 -32.07 12.21
N GLY B 337 -32.57 -32.48 11.49
CA GLY B 337 -32.45 -33.83 11.00
C GLY B 337 -33.26 -34.14 9.77
N THR B 338 -33.72 -33.12 9.04
CA THR B 338 -34.55 -33.35 7.87
C THR B 338 -33.75 -33.49 6.59
N ASP B 339 -32.57 -32.92 6.51
CA ASP B 339 -31.68 -33.19 5.40
C ASP B 339 -30.25 -33.27 5.94
N ALA B 340 -29.29 -33.39 5.04
CA ALA B 340 -27.90 -33.59 5.40
C ALA B 340 -27.13 -32.30 5.58
N TRP B 341 -27.80 -31.16 5.54
CA TRP B 341 -27.18 -29.87 5.74
C TRP B 341 -27.49 -29.26 7.09
N VAL B 342 -28.71 -29.45 7.59
CA VAL B 342 -29.07 -28.93 8.89
C VAL B 342 -28.43 -29.78 9.98
N TYR B 343 -28.23 -29.17 11.15
CA TYR B 343 -27.81 -29.92 12.32
C TYR B 343 -28.81 -31.04 12.57
N GLY B 344 -28.31 -32.23 12.83
CA GLY B 344 -29.18 -33.35 13.09
C GLY B 344 -28.49 -34.65 12.75
N HIS B 345 -29.27 -35.71 12.73
CA HIS B 345 -28.75 -37.06 12.62
C HIS B 345 -28.42 -37.45 11.19
N LEU B 346 -28.97 -36.75 10.21
CA LEU B 346 -28.62 -36.98 8.81
C LEU B 346 -27.38 -36.22 8.38
N ASN B 347 -26.98 -35.21 9.14
CA ASN B 347 -25.71 -34.54 8.98
C ASN B 347 -24.73 -35.33 9.83
N LYS B 348 -23.87 -36.12 9.18
CA LYS B 348 -22.94 -37.01 9.84
C LYS B 348 -21.66 -36.31 10.27
N GLN B 349 -21.52 -35.04 9.97
CA GLN B 349 -20.51 -34.20 10.59
C GLN B 349 -21.03 -33.59 11.88
N SER B 350 -22.31 -33.23 11.91
CA SER B 350 -22.97 -32.81 13.15
C SER B 350 -22.86 -33.89 14.20
N LEU B 351 -23.41 -35.06 13.91
CA LEU B 351 -23.54 -36.15 14.86
C LEU B 351 -22.87 -37.37 14.27
N PRO B 352 -21.57 -37.53 14.45
CA PRO B 352 -20.89 -38.76 14.05
C PRO B 352 -21.27 -39.93 14.92
N ASP B 353 -20.49 -41.01 14.81
CA ASP B 353 -20.88 -42.30 15.38
C ASP B 353 -21.21 -42.20 16.86
N ASP B 354 -20.22 -41.94 17.70
CA ASP B 354 -20.41 -42.09 19.14
C ASP B 354 -20.58 -40.75 19.83
N ILE B 355 -21.23 -39.82 19.18
CA ILE B 355 -21.37 -38.44 19.64
C ILE B 355 -22.79 -38.21 20.12
N THR B 356 -22.92 -37.52 21.23
CA THR B 356 -24.22 -37.26 21.86
C THR B 356 -24.73 -35.88 21.45
N ASP B 357 -26.05 -35.79 21.29
CA ASP B 357 -26.71 -34.53 20.98
C ASP B 357 -26.96 -33.77 22.27
N THR B 358 -26.15 -32.75 22.52
CA THR B 358 -26.28 -31.92 23.72
C THR B 358 -26.31 -30.47 23.28
N LEU B 359 -26.57 -29.59 24.25
CA LEU B 359 -26.52 -28.15 23.99
C LEU B 359 -25.10 -27.70 23.62
N LEU B 360 -24.11 -28.25 24.31
CA LEU B 360 -22.72 -27.98 23.96
C LEU B 360 -22.39 -28.44 22.54
N ARG B 361 -22.91 -29.60 22.12
CA ARG B 361 -22.63 -30.07 20.78
C ARG B 361 -23.29 -29.18 19.73
N ARG B 362 -24.52 -28.74 19.98
CA ARG B 362 -25.20 -27.86 19.03
C ARG B 362 -24.42 -26.57 18.85
N TYR B 363 -23.98 -25.96 19.95
CA TYR B 363 -23.22 -24.72 19.81
C TYR B 363 -21.86 -24.95 19.19
N VAL B 364 -21.17 -26.03 19.57
CA VAL B 364 -19.84 -26.30 19.06
C VAL B 364 -19.88 -26.55 17.56
N TYR B 365 -20.83 -27.35 17.09
CA TYR B 365 -20.92 -27.60 15.67
C TYR B 365 -21.34 -26.35 14.90
N SER B 366 -22.27 -25.56 15.44
CA SER B 366 -22.68 -24.36 14.72
C SER B 366 -21.54 -23.35 14.63
N PHE B 367 -20.73 -23.25 15.68
CA PHE B 367 -19.59 -22.35 15.64
C PHE B 367 -18.53 -22.82 14.64
N TYR B 368 -18.27 -24.13 14.57
CA TYR B 368 -17.34 -24.64 13.58
C TYR B 368 -17.85 -24.45 12.16
N TRP B 369 -19.13 -24.73 11.93
CA TRP B 369 -19.74 -24.49 10.63
C TRP B 369 -19.56 -23.04 10.20
N SER B 370 -19.87 -22.11 11.12
CA SER B 370 -19.80 -20.69 10.79
C SER B 370 -18.38 -20.23 10.57
N THR B 371 -17.42 -20.80 11.31
CA THR B 371 -16.02 -20.47 11.08
C THR B 371 -15.56 -20.93 9.72
N LEU B 372 -15.97 -22.12 9.28
CA LEU B 372 -15.54 -22.62 7.99
C LEU B 372 -16.23 -21.90 6.84
N ILE B 373 -17.43 -21.39 7.07
CA ILE B 373 -18.12 -20.70 6.00
C ILE B 373 -17.65 -19.24 5.87
N LEU B 374 -17.44 -18.56 7.00
CA LEU B 374 -17.07 -17.15 6.92
C LEU B 374 -15.59 -16.93 6.71
N THR B 375 -14.77 -17.98 6.79
CA THR B 375 -13.38 -17.92 6.35
C THR B 375 -13.20 -18.50 4.97
N THR B 376 -14.29 -18.89 4.32
CA THR B 376 -14.33 -19.43 2.97
C THR B 376 -13.48 -20.69 2.82
N ILE B 377 -13.39 -21.50 3.88
CA ILE B 377 -12.77 -22.80 3.80
C ILE B 377 -13.74 -23.82 3.22
N GLY B 378 -14.96 -23.84 3.75
CA GLY B 378 -16.05 -24.55 3.12
C GLY B 378 -16.02 -26.04 3.19
N GLU B 379 -15.41 -26.61 4.21
CA GLU B 379 -15.34 -28.06 4.37
C GLU B 379 -16.52 -28.57 5.20
N VAL B 380 -17.72 -28.20 4.77
CA VAL B 380 -18.96 -28.56 5.45
C VAL B 380 -19.89 -29.18 4.40
N PRO B 381 -20.94 -29.86 4.83
CA PRO B 381 -21.89 -30.41 3.86
C PRO B 381 -22.48 -29.36 2.94
N SER B 382 -22.72 -29.75 1.70
CA SER B 382 -23.32 -28.86 0.73
C SER B 382 -24.81 -28.68 1.04
N PRO B 383 -25.38 -27.55 0.64
CA PRO B 383 -26.82 -27.35 0.86
C PRO B 383 -27.62 -28.33 0.04
N VAL B 384 -28.88 -28.50 0.43
CA VAL B 384 -29.77 -29.47 -0.20
C VAL B 384 -30.96 -28.79 -0.84
N ARG B 385 -31.58 -27.86 -0.14
CA ARG B 385 -32.78 -27.17 -0.60
C ARG B 385 -32.42 -25.79 -1.13
N ASN B 386 -33.38 -25.20 -1.86
CA ASN B 386 -33.13 -23.90 -2.49
C ASN B 386 -32.91 -22.82 -1.45
N ILE B 387 -33.60 -22.90 -0.32
CA ILE B 387 -33.44 -21.89 0.73
C ILE B 387 -32.07 -22.02 1.39
N GLU B 388 -31.57 -23.24 1.53
CA GLU B 388 -30.23 -23.44 2.05
C GLU B 388 -29.18 -22.96 1.06
N TYR B 389 -29.41 -23.18 -0.23
CA TYR B 389 -28.53 -22.65 -1.26
C TYR B 389 -28.44 -21.14 -1.20
N ALA B 390 -29.59 -20.47 -1.05
CA ALA B 390 -29.61 -19.02 -0.93
C ALA B 390 -28.83 -18.54 0.28
N PHE B 391 -29.12 -19.12 1.45
CA PHE B 391 -28.41 -18.75 2.67
C PHE B 391 -26.91 -18.94 2.51
N VAL B 392 -26.49 -20.08 1.97
CA VAL B 392 -25.07 -20.40 1.91
C VAL B 392 -24.36 -19.53 0.87
N THR B 393 -25.00 -19.25 -0.25
CA THR B 393 -24.40 -18.37 -1.23
C THR B 393 -24.15 -16.99 -0.63
N LEU B 394 -25.16 -16.43 0.02
CA LEU B 394 -25.01 -15.14 0.67
C LEU B 394 -23.94 -15.16 1.76
N ASP B 395 -23.92 -16.23 2.55
CA ASP B 395 -22.96 -16.38 3.64
C ASP B 395 -21.53 -16.49 3.13
N LEU B 396 -21.33 -17.21 2.02
CA LEU B 396 -19.99 -17.34 1.47
C LEU B 396 -19.52 -16.05 0.82
N MET B 397 -20.42 -15.25 0.28
CA MET B 397 -20.00 -13.94 -0.22
C MET B 397 -19.62 -13.00 0.91
N CYS B 398 -20.39 -13.01 2.00
CA CYS B 398 -19.97 -12.30 3.21
C CYS B 398 -18.62 -12.80 3.71
N GLY B 399 -18.37 -14.10 3.64
CA GLY B 399 -17.10 -14.64 4.10
C GLY B 399 -15.92 -14.24 3.24
N VAL B 400 -16.14 -14.13 1.93
CA VAL B 400 -15.14 -13.57 1.03
C VAL B 400 -14.76 -12.16 1.46
N LEU B 401 -15.76 -11.33 1.75
CA LEU B 401 -15.49 -9.96 2.20
C LEU B 401 -14.79 -9.94 3.56
N ILE B 402 -15.16 -10.84 4.47
CA ILE B 402 -14.54 -10.91 5.79
C ILE B 402 -13.07 -11.29 5.68
N VAL B 403 -12.74 -12.24 4.81
CA VAL B 403 -11.35 -12.62 4.65
C VAL B 403 -10.55 -11.50 4.01
N ALA B 404 -11.14 -10.79 3.05
CA ALA B 404 -10.45 -9.64 2.48
C ALA B 404 -10.24 -8.54 3.51
N THR B 405 -11.16 -8.41 4.47
CA THR B 405 -10.98 -7.42 5.53
C THR B 405 -9.85 -7.79 6.47
N ILE B 406 -9.78 -9.05 6.89
CA ILE B 406 -8.67 -9.50 7.73
C ILE B 406 -7.35 -9.28 7.02
N ALA B 407 -7.29 -9.69 5.76
CA ALA B 407 -6.05 -9.54 4.99
C ALA B 407 -5.67 -8.08 4.82
N GLY B 408 -6.65 -7.20 4.60
CA GLY B 408 -6.36 -5.80 4.43
C GLY B 408 -5.83 -5.15 5.69
N ASN B 409 -6.39 -5.51 6.84
CA ASN B 409 -5.90 -4.95 8.09
C ASN B 409 -4.51 -5.47 8.44
N VAL B 410 -4.26 -6.76 8.22
CA VAL B 410 -2.93 -7.30 8.49
C VAL B 410 -1.90 -6.71 7.54
N GLY B 411 -2.24 -6.57 6.26
CA GLY B 411 -1.30 -6.00 5.30
C GLY B 411 -1.03 -4.53 5.55
N SER B 412 -2.05 -3.79 5.99
CA SER B 412 -1.84 -2.40 6.39
C SER B 412 -0.90 -2.31 7.58
N MET B 413 -1.10 -3.13 8.60
CA MET B 413 -0.19 -3.13 9.73
C MET B 413 1.23 -3.50 9.33
N ILE B 414 1.38 -4.49 8.45
CA ILE B 414 2.71 -4.93 8.06
C ILE B 414 3.42 -3.84 7.26
N SER B 415 2.70 -3.13 6.41
CA SER B 415 3.35 -2.08 5.63
C SER B 415 3.62 -0.85 6.48
N ASN B 416 2.84 -0.60 7.53
CA ASN B 416 3.14 0.53 8.39
C ASN B 416 4.35 0.29 9.26
N MET B 417 4.56 -0.95 9.68
CA MET B 417 5.65 -1.23 10.61
C MET B 417 6.98 -1.48 9.92
N SER B 418 7.03 -1.39 8.60
CA SER B 418 8.28 -1.50 7.86
C SER B 418 8.52 -0.28 6.97
N ALA B 419 7.82 0.82 7.23
CA ALA B 419 7.92 2.00 6.38
C ALA B 419 9.24 2.75 6.60
N ALA B 420 9.73 2.78 7.84
CA ALA B 420 10.95 3.50 8.14
C ALA B 420 12.18 2.80 7.58
N ARG B 421 12.24 1.48 7.71
CA ARG B 421 13.32 0.72 7.11
C ARG B 421 13.30 0.85 5.60
N THR B 422 12.12 0.93 5.01
CA THR B 422 12.02 1.11 3.57
C THR B 422 12.53 2.47 3.14
N GLU B 423 12.17 3.52 3.88
CA GLU B 423 12.65 4.85 3.56
C GLU B 423 14.17 4.94 3.69
N PHE B 424 14.71 4.35 4.74
CA PHE B 424 16.16 4.31 4.91
C PHE B 424 16.84 3.58 3.75
N GLN B 425 16.28 2.45 3.32
CA GLN B 425 16.88 1.70 2.24
C GLN B 425 16.79 2.47 0.92
N ASN B 426 15.72 3.22 0.73
CA ASN B 426 15.63 4.08 -0.45
C ASN B 426 16.74 5.12 -0.47
N LYS B 427 16.96 5.79 0.66
CA LYS B 427 18.02 6.79 0.72
C LYS B 427 19.38 6.16 0.48
N MET B 428 19.65 5.01 1.10
CA MET B 428 20.93 4.35 0.91
C MET B 428 21.13 3.94 -0.55
N ASP B 429 20.08 3.44 -1.19
CA ASP B 429 20.17 3.07 -2.60
C ASP B 429 20.48 4.29 -3.46
N GLY B 430 19.81 5.41 -3.20
CA GLY B 430 20.10 6.62 -3.94
C GLY B 430 21.55 7.06 -3.79
N ILE B 431 22.07 6.99 -2.56
CA ILE B 431 23.47 7.39 -2.34
C ILE B 431 24.41 6.48 -3.11
N LYS B 432 24.19 5.17 -3.06
CA LYS B 432 25.08 4.26 -3.76
C LYS B 432 25.01 4.44 -5.27
N GLN B 433 23.80 4.68 -5.79
CA GLN B 433 23.63 4.99 -7.20
C GLN B 433 24.45 6.21 -7.59
N TYR B 434 24.34 7.29 -6.80
CA TYR B 434 25.12 8.48 -7.07
C TYR B 434 26.61 8.18 -7.06
N MET B 435 27.10 7.49 -6.04
CA MET B 435 28.53 7.28 -5.92
C MET B 435 29.04 6.36 -7.01
N GLU B 436 28.18 5.53 -7.59
CA GLU B 436 28.58 4.75 -8.76
C GLU B 436 28.66 5.62 -10.00
N LEU B 437 27.63 6.43 -10.24
CA LEU B 437 27.60 7.26 -11.44
C LEU B 437 28.76 8.24 -11.48
N ARG B 438 29.10 8.85 -10.34
CA ARG B 438 30.12 9.88 -10.28
C ARG B 438 31.50 9.36 -9.91
N LYS B 439 31.66 8.04 -9.82
CA LYS B 439 32.97 7.39 -9.73
C LYS B 439 33.73 7.84 -8.49
N VAL B 440 33.15 7.59 -7.34
CA VAL B 440 33.77 7.85 -6.05
C VAL B 440 34.60 6.64 -5.68
N SER B 441 35.61 6.84 -4.83
CA SER B 441 36.46 5.75 -4.40
C SER B 441 35.66 4.68 -3.67
N LYS B 442 36.28 3.51 -3.50
CA LYS B 442 35.69 2.48 -2.67
C LYS B 442 35.84 2.82 -1.19
N GLN B 443 36.94 3.47 -0.83
CA GLN B 443 37.18 3.79 0.57
C GLN B 443 36.18 4.82 1.09
N LEU B 444 35.97 5.91 0.35
CA LEU B 444 34.97 6.88 0.77
C LEU B 444 33.58 6.27 0.74
N GLU B 445 33.34 5.35 -0.18
CA GLU B 445 32.03 4.70 -0.25
C GLU B 445 31.78 3.85 0.99
N ILE B 446 32.78 3.08 1.43
CA ILE B 446 32.55 2.29 2.63
C ILE B 446 32.47 3.19 3.85
N ARG B 447 33.14 4.34 3.84
CA ARG B 447 33.00 5.29 4.94
C ARG B 447 31.59 5.87 5.00
N VAL B 448 31.04 6.23 3.85
CA VAL B 448 29.67 6.75 3.80
C VAL B 448 28.69 5.70 4.30
N ILE B 449 28.88 4.44 3.88
CA ILE B 449 27.94 3.39 4.27
C ILE B 449 28.07 3.08 5.75
N LYS B 450 29.29 3.09 6.30
CA LYS B 450 29.45 2.91 7.74
C LYS B 450 28.74 3.99 8.52
N TRP B 451 28.89 5.25 8.11
CA TRP B 451 28.26 6.33 8.86
C TRP B 451 26.73 6.25 8.75
N PHE B 452 26.22 5.91 7.58
CA PHE B 452 24.77 5.81 7.42
C PHE B 452 24.20 4.64 8.22
N ASP B 453 24.91 3.50 8.23
CA ASP B 453 24.48 2.37 9.05
C ASP B 453 24.52 2.72 10.53
N TYR B 454 25.53 3.45 10.99
CA TYR B 454 25.53 3.90 12.37
C TYR B 454 24.32 4.77 12.67
N LEU B 455 24.03 5.74 11.81
CA LEU B 455 22.89 6.62 12.06
C LEU B 455 21.59 5.83 12.09
N TRP B 456 21.52 4.73 11.34
CA TRP B 456 20.35 3.87 11.42
C TRP B 456 20.29 3.15 12.75
N THR B 457 21.30 2.34 13.05
CA THR B 457 21.23 1.51 14.25
C THR B 457 21.38 2.28 15.54
N ASN B 458 21.26 3.61 15.51
CA ASN B 458 21.30 4.42 16.73
C ASN B 458 20.17 5.43 16.78
N LYS B 459 19.26 5.42 15.80
CA LYS B 459 18.02 6.20 15.83
C LYS B 459 18.30 7.69 16.07
N GLN B 460 18.95 8.32 15.08
CA GLN B 460 19.28 9.73 15.19
C GLN B 460 18.52 10.62 14.23
N SER B 461 18.31 10.18 12.99
CA SER B 461 17.44 10.83 12.02
C SER B 461 18.00 12.13 11.46
N LEU B 462 19.10 12.62 12.03
CA LEU B 462 19.85 13.77 11.53
C LEU B 462 18.99 15.00 11.33
N SER B 463 17.86 15.12 12.03
CA SER B 463 16.96 16.25 11.87
C SER B 463 16.31 16.61 13.18
N ASP B 464 16.15 17.91 13.41
CA ASP B 464 15.30 18.45 14.47
C ASP B 464 13.95 18.90 13.93
N GLN B 465 13.65 18.57 12.67
CA GLN B 465 12.36 18.88 12.07
C GLN B 465 11.24 18.08 12.69
N GLN B 466 11.55 16.95 13.31
CA GLN B 466 10.56 16.22 14.09
C GLN B 466 9.83 17.15 15.03
N VAL B 467 10.57 17.83 15.91
CA VAL B 467 10.01 18.81 16.81
C VAL B 467 9.60 20.06 16.07
N LEU B 468 10.42 20.47 15.09
CA LEU B 468 10.22 21.78 14.47
C LEU B 468 8.84 21.90 13.84
N LYS B 469 8.53 21.03 12.88
CA LYS B 469 7.34 21.28 12.08
C LYS B 469 6.06 21.18 12.91
N VAL B 470 5.85 20.04 13.57
CA VAL B 470 4.51 19.64 13.95
C VAL B 470 4.04 20.20 15.28
N LEU B 471 4.92 20.79 16.06
CA LEU B 471 4.49 21.31 17.34
C LEU B 471 4.21 22.80 17.25
N PRO B 472 3.40 23.33 18.15
CA PRO B 472 3.23 24.78 18.22
C PRO B 472 4.47 25.45 18.82
N ASP B 473 4.69 26.69 18.39
CA ASP B 473 5.91 27.42 18.73
C ASP B 473 6.11 27.53 20.23
N LYS B 474 5.05 27.50 21.02
CA LYS B 474 5.20 27.49 22.47
C LYS B 474 5.94 26.25 22.93
N LEU B 475 5.51 25.08 22.46
CA LEU B 475 6.17 23.84 22.85
C LEU B 475 7.58 23.75 22.29
N GLN B 476 7.77 24.24 21.06
CA GLN B 476 9.12 24.25 20.49
C GLN B 476 10.06 25.09 21.32
N ALA B 477 9.61 26.27 21.73
CA ALA B 477 10.45 27.13 22.55
C ALA B 477 10.73 26.50 23.91
N GLU B 478 9.74 25.87 24.52
CA GLU B 478 9.97 25.24 25.82
C GLU B 478 10.94 24.07 25.71
N ILE B 479 10.79 23.23 24.69
CA ILE B 479 11.70 22.11 24.50
C ILE B 479 13.11 22.61 24.24
N ALA B 480 13.25 23.65 23.42
CA ALA B 480 14.58 24.17 23.13
C ALA B 480 15.21 24.81 24.34
N MET B 481 14.42 25.49 25.17
CA MET B 481 14.96 26.11 26.37
C MET B 481 15.36 25.06 27.40
N GLN B 482 14.66 23.94 27.44
CA GLN B 482 15.04 22.91 28.39
C GLN B 482 16.30 22.17 27.98
N VAL B 483 16.63 22.14 26.70
CA VAL B 483 17.78 21.39 26.21
C VAL B 483 19.03 22.26 26.19
N HIS B 484 18.91 23.54 25.82
CA HIS B 484 20.06 24.35 25.48
C HIS B 484 20.35 25.51 26.42
N PHE B 485 19.42 25.91 27.28
CA PHE B 485 19.57 27.20 27.95
C PHE B 485 20.66 27.16 29.01
N GLU B 486 20.67 26.14 29.87
CA GLU B 486 21.68 26.10 30.92
C GLU B 486 23.08 25.92 30.34
N THR B 487 23.20 25.17 29.25
CA THR B 487 24.49 25.08 28.58
C THR B 487 24.90 26.42 28.00
N LEU B 488 23.94 27.18 27.46
CA LEU B 488 24.26 28.43 26.81
C LEU B 488 24.52 29.56 27.80
N ARG B 489 24.05 29.46 29.03
CA ARG B 489 24.23 30.53 30.00
C ARG B 489 25.59 30.47 30.68
N LYS B 490 26.37 29.41 30.45
CA LYS B 490 27.69 29.27 31.03
C LYS B 490 28.80 29.44 30.01
N VAL B 491 28.54 30.19 28.93
CA VAL B 491 29.45 30.23 27.78
C VAL B 491 30.56 31.26 27.92
N ARG B 492 30.53 32.06 28.99
CA ARG B 492 31.56 33.02 29.40
C ARG B 492 31.49 34.31 28.59
N ILE B 493 30.67 34.39 27.54
CA ILE B 493 30.28 35.66 26.96
C ILE B 493 28.79 35.93 27.12
N PHE B 494 28.01 34.91 27.46
CA PHE B 494 26.58 35.02 27.70
C PHE B 494 26.25 34.98 29.19
N GLN B 495 27.24 35.04 30.06
CA GLN B 495 26.98 34.94 31.49
C GLN B 495 26.35 36.21 32.06
N ASP B 496 26.42 37.33 31.35
CA ASP B 496 25.91 38.61 31.84
C ASP B 496 24.96 39.22 30.82
N CYS B 497 24.03 38.41 30.32
CA CYS B 497 23.03 38.86 29.36
C CYS B 497 21.64 38.62 29.92
N GLU B 498 20.65 39.24 29.27
CA GLU B 498 19.26 39.01 29.63
C GLU B 498 18.76 37.72 28.99
N ALA B 499 17.86 37.04 29.70
CA ALA B 499 17.39 35.74 29.28
C ALA B 499 16.67 35.76 27.94
N GLY B 500 16.16 36.92 27.51
CA GLY B 500 15.46 36.97 26.24
C GLY B 500 16.39 36.72 25.07
N LEU B 501 17.57 37.33 25.11
CA LEU B 501 18.58 37.07 24.08
C LEU B 501 18.91 35.59 24.02
N LEU B 502 19.12 34.96 25.17
CA LEU B 502 19.47 33.55 25.19
C LEU B 502 18.33 32.67 24.72
N ALA B 503 17.09 33.08 24.96
CA ALA B 503 15.96 32.33 24.41
C ALA B 503 15.98 32.37 22.88
N GLU B 504 16.16 33.58 22.32
CA GLU B 504 16.25 33.69 20.88
C GLU B 504 17.41 32.88 20.33
N LEU B 505 18.52 32.80 21.08
CA LEU B 505 19.68 32.06 20.59
C LEU B 505 19.46 30.56 20.67
N VAL B 506 18.93 30.05 21.78
CA VAL B 506 18.68 28.60 21.87
C VAL B 506 17.68 28.18 20.81
N LEU B 507 16.90 29.13 20.28
CA LEU B 507 16.10 28.78 19.12
C LEU B 507 16.96 28.51 17.88
N LYS B 508 18.03 29.27 17.69
CA LYS B 508 18.85 29.17 16.49
C LYS B 508 20.15 28.42 16.77
N LEU B 509 20.04 27.11 16.93
CA LEU B 509 21.20 26.24 17.13
C LEU B 509 21.06 25.06 16.18
N GLN B 510 22.14 24.74 15.46
CA GLN B 510 22.10 23.72 14.44
C GLN B 510 22.96 22.54 14.85
N LEU B 511 22.43 21.34 14.67
CA LEU B 511 23.17 20.13 14.97
C LEU B 511 24.09 19.80 13.81
N GLN B 512 25.33 19.44 14.15
CA GLN B 512 26.28 18.88 13.20
C GLN B 512 26.91 17.65 13.82
N VAL B 513 26.98 16.57 13.07
CA VAL B 513 27.51 15.31 13.56
C VAL B 513 28.82 15.01 12.86
N PHE B 514 29.74 14.39 13.60
CA PHE B 514 31.05 14.03 13.09
C PHE B 514 31.34 12.58 13.46
N SER B 515 32.16 11.94 12.66
CA SER B 515 32.55 10.56 12.85
C SER B 515 33.92 10.49 13.48
N PRO B 516 34.38 9.30 13.89
CA PRO B 516 35.69 9.21 14.55
C PRO B 516 36.81 9.71 13.67
N GLY B 517 37.65 10.58 14.23
CA GLY B 517 38.81 11.09 13.54
C GLY B 517 38.56 12.26 12.62
N ASP B 518 37.32 12.64 12.39
CA ASP B 518 37.02 13.80 11.56
C ASP B 518 37.52 15.07 12.22
N PHE B 519 37.99 15.99 11.40
CA PHE B 519 38.46 17.29 11.88
C PHE B 519 37.30 18.27 11.89
N ILE B 520 37.05 18.87 13.05
CA ILE B 520 36.05 19.94 13.13
C ILE B 520 36.55 21.18 12.42
N CYS B 521 37.83 21.49 12.59
CA CYS B 521 38.44 22.69 12.02
C CYS B 521 39.94 22.46 11.98
N LYS B 522 40.63 23.24 11.15
CA LYS B 522 42.07 23.15 11.03
C LYS B 522 42.67 24.55 11.07
N LYS B 523 43.98 24.59 11.24
CA LYS B 523 44.69 25.86 11.39
C LYS B 523 44.55 26.70 10.13
N GLY B 524 44.32 27.99 10.31
CA GLY B 524 44.18 28.90 9.19
C GLY B 524 42.98 28.60 8.31
N ASP B 525 41.83 28.39 8.94
CA ASP B 525 40.57 28.13 8.26
C ASP B 525 39.60 29.25 8.60
N ILE B 526 38.60 29.45 7.76
CA ILE B 526 37.64 30.52 8.02
C ILE B 526 36.78 30.15 9.22
N GLY B 527 36.84 30.97 10.26
CA GLY B 527 36.11 30.68 11.48
C GLY B 527 34.96 31.61 11.72
N ARG B 528 33.74 31.10 11.62
CA ARG B 528 32.54 31.93 11.68
C ARG B 528 31.46 31.25 12.50
N GLU B 529 31.86 30.50 13.54
CA GLU B 529 30.94 29.65 14.26
C GLU B 529 31.41 29.45 15.69
N MET B 530 30.52 28.93 16.51
CA MET B 530 30.82 28.50 17.86
C MET B 530 30.25 27.10 18.06
N TYR B 531 31.03 26.23 18.69
CA TYR B 531 30.65 24.84 18.84
C TYR B 531 30.42 24.52 20.31
N ILE B 532 29.36 23.76 20.58
CA ILE B 532 29.05 23.25 21.91
C ILE B 532 29.05 21.74 21.83
N VAL B 533 29.86 21.10 22.67
CA VAL B 533 30.01 19.65 22.59
C VAL B 533 28.86 19.00 23.36
N LYS B 534 27.97 18.34 22.63
CA LYS B 534 26.97 17.47 23.20
C LYS B 534 27.27 16.06 22.72
N ARG B 535 27.20 15.09 23.62
CA ARG B 535 27.25 13.68 23.22
C ARG B 535 28.51 13.36 22.41
N GLY B 536 29.67 13.75 22.91
CA GLY B 536 30.89 13.36 22.26
C GLY B 536 32.10 13.70 23.05
N ARG B 537 33.22 13.85 22.34
CA ARG B 537 34.48 14.27 22.95
C ARG B 537 35.42 14.72 21.84
N LEU B 538 35.90 15.95 21.91
CA LEU B 538 36.87 16.47 20.96
C LEU B 538 38.25 16.56 21.60
N GLN B 539 39.25 16.83 20.77
CA GLN B 539 40.59 17.06 21.30
C GLN B 539 41.38 17.91 20.32
N VAL B 540 42.21 18.79 20.87
CA VAL B 540 42.98 19.76 20.09
C VAL B 540 44.36 19.19 19.85
N VAL B 541 44.64 18.84 18.59
CA VAL B 541 45.84 18.09 18.22
C VAL B 541 46.84 19.05 17.57
N ASP B 542 48.12 18.83 17.85
CA ASP B 542 49.15 19.78 17.43
C ASP B 542 49.63 19.47 16.02
N ASP B 543 48.87 19.93 15.02
CA ASP B 543 49.35 20.16 13.67
C ASP B 543 49.78 18.91 12.92
N ASP B 544 49.79 17.76 13.57
CA ASP B 544 50.14 16.51 12.90
C ASP B 544 49.20 15.38 13.23
N GLY B 545 48.39 15.52 14.27
CA GLY B 545 47.56 14.42 14.68
C GLY B 545 48.27 13.40 15.54
N LYS B 546 49.48 13.73 16.00
CA LYS B 546 50.14 12.89 17.00
C LYS B 546 50.62 13.84 18.09
N LYS B 547 49.68 14.21 18.96
CA LYS B 547 49.89 15.02 20.15
C LYS B 547 48.53 15.31 20.74
N VAL B 548 48.49 16.01 21.87
CA VAL B 548 47.23 16.48 22.43
C VAL B 548 47.54 17.63 23.36
N PHE B 549 46.76 18.71 23.26
CA PHE B 549 46.87 19.78 24.23
C PHE B 549 45.78 19.69 25.27
N VAL B 550 44.52 19.72 24.82
CA VAL B 550 43.36 19.63 25.70
C VAL B 550 42.37 18.68 25.07
N THR B 551 41.51 18.11 25.90
CA THR B 551 40.43 17.25 25.47
C THR B 551 39.13 17.90 25.92
N LEU B 552 38.22 18.12 24.98
CA LEU B 552 36.98 18.82 25.25
C LEU B 552 35.88 17.80 25.48
N GLN B 553 35.22 17.88 26.61
CA GLN B 553 34.17 16.95 27.00
C GLN B 553 32.82 17.56 26.70
N GLU B 554 31.77 16.79 26.97
CA GLU B 554 30.41 17.28 26.71
C GLU B 554 30.16 18.57 27.51
N GLY B 555 29.45 19.49 26.89
CA GLY B 555 29.11 20.74 27.53
C GLY B 555 30.12 21.85 27.35
N SER B 556 31.31 21.56 26.85
CA SER B 556 32.30 22.60 26.65
C SER B 556 31.99 23.38 25.37
N VAL B 557 32.70 24.50 25.20
CA VAL B 557 32.43 25.44 24.12
C VAL B 557 33.75 25.78 23.45
N PHE B 558 33.73 25.86 22.13
CA PHE B 558 34.93 26.17 21.35
C PHE B 558 34.57 27.16 20.25
N GLY B 559 35.40 28.18 20.07
CA GLY B 559 35.21 29.16 19.02
C GLY B 559 34.30 30.30 19.37
N GLU B 560 34.20 30.67 20.65
CA GLU B 560 33.19 31.63 21.07
C GLU B 560 33.63 33.07 20.84
N LEU B 561 34.91 33.31 20.57
CA LEU B 561 35.35 34.65 20.19
C LEU B 561 35.34 34.87 18.69
N SER B 562 35.39 33.80 17.91
CA SER B 562 35.24 33.89 16.45
C SER B 562 33.83 34.23 16.04
N ILE B 563 32.94 34.49 16.99
CA ILE B 563 31.53 34.75 16.71
C ILE B 563 31.30 36.24 16.88
N LEU B 564 32.18 36.88 17.65
CA LEU B 564 32.21 38.33 17.76
C LEU B 564 33.03 38.92 16.61
N ASN B 565 33.12 40.24 16.57
CA ASN B 565 33.92 40.95 15.57
C ASN B 565 34.72 42.03 16.30
N ILE B 566 35.93 41.66 16.73
CA ILE B 566 36.71 42.57 17.57
C ILE B 566 37.55 43.51 16.72
N ALA B 567 37.52 43.33 15.40
CA ALA B 567 38.10 44.33 14.48
C ALA B 567 39.59 44.55 14.72
N GLY B 568 40.42 43.57 14.35
CA GLY B 568 41.84 43.64 14.61
C GLY B 568 42.23 42.83 15.81
N SER B 569 41.82 41.56 15.81
CA SER B 569 41.99 40.67 16.95
C SER B 569 43.06 39.61 16.73
N LYS B 570 44.13 39.91 16.00
CA LYS B 570 45.26 38.99 15.89
C LYS B 570 44.85 37.65 15.29
N ASN B 571 44.60 37.63 13.98
CA ASN B 571 44.01 36.49 13.28
C ASN B 571 42.57 36.27 13.74
N GLY B 572 41.75 37.29 13.54
CA GLY B 572 40.37 37.22 13.99
C GLY B 572 39.52 36.25 13.21
N ASN B 573 39.76 36.12 11.91
CA ASN B 573 38.93 35.29 11.07
C ASN B 573 39.44 33.86 10.91
N ARG B 574 40.73 33.62 11.12
CA ARG B 574 41.28 32.28 10.94
C ARG B 574 41.17 31.46 12.23
N ARG B 575 41.19 30.14 12.07
CA ARG B 575 40.72 29.26 13.13
C ARG B 575 41.71 29.15 14.30
N THR B 576 43.00 29.16 14.01
CA THR B 576 44.13 29.17 14.94
C THR B 576 44.27 27.87 15.74
N ALA B 577 43.52 26.81 15.44
CA ALA B 577 43.69 25.55 16.15
C ALA B 577 43.13 24.42 15.31
N ASN B 578 43.63 23.21 15.58
CA ASN B 578 43.11 21.98 15.00
C ASN B 578 42.26 21.28 16.05
N VAL B 579 41.09 20.80 15.65
CA VAL B 579 40.19 20.09 16.56
C VAL B 579 39.61 18.92 15.80
N ARG B 580 39.80 17.72 16.32
CA ARG B 580 39.26 16.52 15.70
C ARG B 580 38.41 15.74 16.68
N SER B 581 37.47 14.99 16.14
CA SER B 581 36.53 14.21 16.93
C SER B 581 37.15 12.87 17.31
N VAL B 582 36.96 12.47 18.57
CA VAL B 582 37.48 11.19 19.02
C VAL B 582 36.64 10.04 18.49
N GLY B 583 35.36 10.03 18.84
CA GLY B 583 34.43 9.09 18.25
C GLY B 583 33.33 9.85 17.53
N TYR B 584 32.11 9.35 17.56
CA TYR B 584 30.99 10.07 16.98
C TYR B 584 30.60 11.21 17.90
N THR B 585 30.55 12.42 17.37
CA THR B 585 30.25 13.61 18.14
C THR B 585 28.96 14.25 17.64
N ASP B 586 28.29 14.98 18.52
CA ASP B 586 27.09 15.75 18.19
C ASP B 586 27.32 17.18 18.64
N LEU B 587 27.78 18.02 17.73
CA LEU B 587 28.00 19.42 18.07
C LEU B 587 26.75 20.23 17.77
N PHE B 588 26.58 21.33 18.50
CA PHE B 588 25.58 22.34 18.20
C PHE B 588 26.27 23.65 17.91
N VAL B 589 25.95 24.26 16.78
CA VAL B 589 26.69 25.38 16.25
C VAL B 589 25.82 26.63 16.30
N LEU B 590 26.38 27.72 16.84
CA LEU B 590 25.75 29.03 16.81
C LEU B 590 26.52 29.87 15.81
N SER B 591 25.93 30.07 14.63
CA SER B 591 26.57 30.85 13.59
C SER B 591 26.75 32.30 14.03
N LYS B 592 27.68 32.99 13.37
CA LYS B 592 27.89 34.41 13.65
C LYS B 592 26.74 35.25 13.11
N THR B 593 26.25 34.90 11.92
CA THR B 593 25.07 35.54 11.36
C THR B 593 23.89 35.47 12.31
N ASP B 594 23.63 34.29 12.86
CA ASP B 594 22.52 34.13 13.80
C ASP B 594 22.72 34.98 15.04
N LEU B 595 23.93 34.97 15.60
CA LEU B 595 24.17 35.79 16.78
C LEU B 595 23.87 37.24 16.51
N TRP B 596 24.31 37.78 15.37
CA TRP B 596 24.13 39.22 15.16
C TRP B 596 22.70 39.55 14.77
N ASN B 597 22.04 38.67 14.02
CA ASN B 597 20.61 38.85 13.75
C ASN B 597 19.82 38.95 15.05
N ALA B 598 20.04 38.01 15.98
CA ALA B 598 19.33 38.08 17.24
C ALA B 598 19.79 39.28 18.08
N LEU B 599 21.06 39.65 17.95
CA LEU B 599 21.63 40.66 18.83
C LEU B 599 21.14 42.06 18.47
N ARG B 600 20.80 42.27 17.19
CA ARG B 600 20.37 43.61 16.79
C ARG B 600 19.11 44.06 17.53
N GLU B 601 18.32 43.12 18.03
CA GLU B 601 17.13 43.48 18.80
C GLU B 601 17.46 43.91 20.22
N TYR B 602 18.61 43.49 20.73
CA TYR B 602 19.06 43.87 22.08
C TYR B 602 20.35 44.64 21.92
N PRO B 603 20.32 45.98 21.90
CA PRO B 603 21.56 46.72 21.63
C PRO B 603 22.40 46.88 22.89
N ASP B 604 21.73 46.84 24.04
CA ASP B 604 22.45 46.87 25.31
C ASP B 604 23.25 45.59 25.51
N ALA B 605 22.66 44.45 25.18
CA ALA B 605 23.39 43.20 25.22
C ALA B 605 24.49 43.18 24.17
N ARG B 606 24.27 43.86 23.05
CA ARG B 606 25.27 43.92 21.99
C ARG B 606 26.53 44.63 22.47
N LYS B 607 26.38 45.85 22.97
CA LYS B 607 27.55 46.57 23.47
C LYS B 607 28.28 45.82 24.57
N LEU B 608 27.54 45.08 25.39
CA LEU B 608 28.12 44.38 26.51
C LEU B 608 28.91 43.17 26.03
N LEU B 609 28.34 42.42 25.08
CA LEU B 609 29.04 41.32 24.42
C LEU B 609 30.34 41.81 23.78
N LEU B 610 30.29 42.95 23.08
CA LEU B 610 31.50 43.49 22.49
C LEU B 610 32.55 43.78 23.56
N ALA B 611 32.12 44.41 24.66
CA ALA B 611 33.05 44.71 25.74
C ALA B 611 33.67 43.45 26.31
N LYS B 612 32.86 42.43 26.57
CA LYS B 612 33.37 41.19 27.14
C LYS B 612 34.33 40.49 26.18
N GLY B 613 34.02 40.51 24.90
CA GLY B 613 34.91 39.92 23.91
C GLY B 613 36.25 40.62 23.86
N ARG B 614 36.24 41.95 23.84
CA ARG B 614 37.51 42.69 23.88
C ARG B 614 38.30 42.37 25.13
N GLU B 615 37.61 42.25 26.27
CA GLU B 615 38.30 41.92 27.52
C GLU B 615 38.96 40.55 27.43
N ILE B 616 38.19 39.52 27.07
CA ILE B 616 38.73 38.16 27.00
C ILE B 616 39.87 38.11 26.00
N LEU B 617 39.74 38.84 24.89
CA LEU B 617 40.79 38.85 23.88
C LEU B 617 42.07 39.44 24.44
N LYS B 618 41.97 40.58 25.12
CA LYS B 618 43.18 41.23 25.65
C LYS B 618 43.85 40.36 26.71
N LYS B 619 43.07 39.92 27.70
CA LYS B 619 43.65 39.05 28.74
C LYS B 619 44.10 37.72 28.16
N ARG C 104 50.33 -15.63 27.45
CA ARG C 104 49.85 -16.99 27.25
C ARG C 104 48.32 -17.03 27.27
N ILE C 105 47.78 -18.23 27.44
CA ILE C 105 46.33 -18.41 27.45
C ILE C 105 45.71 -17.63 28.60
N ARG C 106 46.29 -17.75 29.81
CA ARG C 106 45.72 -17.07 30.96
C ARG C 106 45.74 -15.56 30.77
N LYS C 107 46.85 -15.02 30.27
CA LYS C 107 46.94 -13.59 30.02
C LYS C 107 45.91 -13.14 28.99
N TYR C 108 45.82 -13.86 27.88
CA TYR C 108 44.91 -13.45 26.81
C TYR C 108 43.47 -13.48 27.27
N LEU C 109 43.09 -14.52 28.01
CA LEU C 109 41.70 -14.62 28.45
C LEU C 109 41.40 -13.69 29.61
N ALA C 110 42.40 -13.33 30.41
CA ALA C 110 42.17 -12.38 31.48
C ALA C 110 42.05 -10.96 30.95
N ASN C 111 42.70 -10.68 29.82
CA ASN C 111 42.64 -9.34 29.27
C ASN C 111 41.52 -9.15 28.25
N TYR C 112 41.06 -10.25 27.62
CA TYR C 112 40.17 -10.17 26.47
C TYR C 112 38.91 -9.36 26.74
N THR C 113 38.49 -8.59 25.74
CA THR C 113 37.22 -7.90 25.73
C THR C 113 36.75 -7.80 24.27
N GLN C 114 35.44 -7.84 24.06
CA GLN C 114 34.87 -8.04 22.74
C GLN C 114 34.35 -6.73 22.15
N ASP C 115 34.59 -6.55 20.84
CA ASP C 115 33.99 -5.47 20.08
C ASP C 115 32.80 -6.00 19.30
N PRO C 116 31.59 -5.52 19.57
CA PRO C 116 30.42 -6.12 18.92
C PRO C 116 30.29 -5.81 17.45
N SER C 117 30.97 -4.79 16.93
CA SER C 117 30.80 -4.34 15.55
C SER C 117 31.72 -5.04 14.57
N THR C 118 32.49 -6.02 15.00
CA THR C 118 33.39 -6.73 14.10
C THR C 118 32.60 -7.64 13.17
N ASP C 119 33.29 -8.19 12.18
CA ASP C 119 32.70 -9.21 11.33
C ASP C 119 32.80 -10.58 11.96
N ASN C 120 33.85 -10.82 12.73
CA ASN C 120 33.96 -12.08 13.45
C ASN C 120 32.82 -12.24 14.44
N PHE C 121 32.39 -11.13 15.06
CA PHE C 121 31.26 -11.24 15.97
C PHE C 121 29.97 -11.54 15.22
N TYR C 122 29.83 -11.04 13.99
CA TYR C 122 28.68 -11.39 13.18
C TYR C 122 28.67 -12.88 12.86
N TYR C 123 29.83 -13.43 12.48
CA TYR C 123 29.89 -14.87 12.22
C TYR C 123 29.62 -15.67 13.49
N TRP C 124 30.01 -15.13 14.64
CA TRP C 124 29.67 -15.78 15.90
C TRP C 124 28.17 -15.77 16.14
N THR C 125 27.51 -14.64 15.90
CA THR C 125 26.07 -14.61 16.07
C THR C 125 25.39 -15.59 15.14
N CYS C 126 25.96 -15.84 13.98
CA CYS C 126 25.41 -16.87 13.09
C CYS C 126 25.60 -18.27 13.67
N VAL C 127 26.73 -18.52 14.32
CA VAL C 127 26.93 -19.81 15.01
C VAL C 127 25.90 -20.00 16.11
N VAL C 128 25.65 -18.95 16.89
CA VAL C 128 24.68 -19.02 17.97
C VAL C 128 23.27 -19.18 17.41
N THR C 129 22.99 -18.61 16.24
CA THR C 129 21.70 -18.83 15.59
C THR C 129 21.53 -20.29 15.15
N VAL C 130 22.61 -20.91 14.68
CA VAL C 130 22.54 -22.33 14.35
C VAL C 130 22.23 -23.16 15.58
N ALA C 131 22.87 -22.84 16.71
CA ALA C 131 22.59 -23.59 17.94
C ALA C 131 21.17 -23.38 18.44
N TYR C 132 20.68 -22.15 18.34
CA TYR C 132 19.30 -21.86 18.71
C TYR C 132 18.32 -22.63 17.84
N ILE C 133 18.55 -22.67 16.53
CA ILE C 133 17.65 -23.39 15.64
C ILE C 133 17.72 -24.88 15.90
N TYR C 134 18.88 -25.38 16.31
CA TYR C 134 18.95 -26.78 16.74
C TYR C 134 17.96 -27.03 17.88
N ASN C 135 18.01 -26.21 18.91
CA ASN C 135 17.11 -26.41 20.05
C ASN C 135 15.65 -26.25 19.65
N LEU C 136 15.34 -25.21 18.87
CA LEU C 136 13.99 -24.89 18.42
C LEU C 136 13.30 -26.10 17.80
N LEU C 137 13.99 -26.83 16.94
CA LEU C 137 13.39 -27.97 16.28
C LEU C 137 13.42 -29.20 17.18
N PHE C 138 14.58 -29.51 17.75
CA PHE C 138 14.75 -30.89 18.19
C PHE C 138 14.30 -31.11 19.62
N VAL C 139 14.12 -30.05 20.41
CA VAL C 139 13.62 -30.32 21.77
C VAL C 139 12.15 -30.75 21.71
N ILE C 140 11.33 -30.02 20.95
CA ILE C 140 9.93 -30.40 20.81
C ILE C 140 9.79 -31.68 19.99
N ALA C 141 10.65 -31.87 18.99
CA ALA C 141 10.59 -33.11 18.24
C ALA C 141 10.90 -34.31 19.12
N ARG C 142 11.86 -34.18 20.05
CA ARG C 142 12.21 -35.33 20.88
C ARG C 142 11.21 -35.52 22.01
N GLN C 143 10.51 -34.47 22.41
CA GLN C 143 9.45 -34.65 23.39
C GLN C 143 8.28 -35.40 22.79
N VAL C 144 7.77 -34.95 21.64
CA VAL C 144 6.56 -35.55 21.10
C VAL C 144 6.87 -36.84 20.34
N PHE C 145 7.88 -36.82 19.50
CA PHE C 145 8.29 -37.99 18.73
C PHE C 145 9.44 -38.71 19.42
N ASN C 146 9.14 -39.31 20.56
CA ASN C 146 10.06 -40.02 21.44
C ASN C 146 11.05 -40.97 20.77
N ASP C 147 10.65 -41.66 19.73
CA ASP C 147 11.53 -42.63 19.10
C ASP C 147 12.73 -42.00 18.41
N LEU C 148 12.81 -40.68 18.37
CA LEU C 148 13.98 -40.03 17.80
C LEU C 148 15.26 -40.40 18.56
N ILE C 149 15.15 -40.75 19.83
CA ILE C 149 16.30 -41.21 20.59
C ILE C 149 16.39 -42.71 20.66
N GLY C 150 15.48 -43.43 20.01
CA GLY C 150 15.40 -44.86 20.13
C GLY C 150 14.21 -45.24 20.97
N PRO C 151 13.46 -46.25 20.54
CA PRO C 151 12.29 -46.68 21.31
C PRO C 151 12.64 -47.16 22.70
N SER C 152 11.90 -46.67 23.68
CA SER C 152 12.01 -47.08 25.07
C SER C 152 11.17 -48.30 25.38
N SER C 153 10.23 -48.64 24.52
CA SER C 153 9.32 -49.75 24.73
C SER C 153 9.21 -50.54 23.45
N GLN C 154 8.67 -51.75 23.58
CA GLN C 154 8.49 -52.68 22.49
C GLN C 154 7.06 -52.59 21.97
N SER C 155 6.91 -52.49 20.66
CA SER C 155 5.58 -52.54 20.06
C SER C 155 5.13 -53.99 19.94
N LEU C 156 3.93 -54.27 20.43
CA LEU C 156 3.38 -55.62 20.42
C LEU C 156 2.10 -55.64 19.60
N CYS C 157 2.05 -56.54 18.64
CA CYS C 157 0.90 -56.73 17.77
C CYS C 157 0.23 -58.05 18.11
N ARG C 158 -1.09 -58.09 17.97
CA ARG C 158 -1.85 -59.33 18.19
C ARG C 158 -1.89 -60.09 16.88
N PHE C 159 -1.15 -61.18 16.81
CA PHE C 159 -0.90 -61.88 15.55
C PHE C 159 -1.63 -63.21 15.55
N TYR C 160 -2.21 -63.56 14.41
CA TYR C 160 -2.82 -64.86 14.19
C TYR C 160 -1.84 -65.72 13.40
N ASN C 161 -1.34 -66.77 14.02
CA ASN C 161 -0.36 -67.64 13.38
C ASN C 161 -1.01 -68.50 12.30
N ASN C 165 -2.46 -70.79 13.81
CA ASN C 165 -2.99 -71.78 14.74
C ASN C 165 -3.84 -71.11 15.80
N SER C 166 -3.38 -69.95 16.27
CA SER C 166 -4.09 -69.18 17.29
C SER C 166 -3.58 -67.74 17.28
N THR C 167 -4.21 -66.91 18.11
CA THR C 167 -3.88 -65.50 18.20
C THR C 167 -3.08 -65.23 19.47
N THR C 168 -1.87 -64.71 19.31
CA THR C 168 -1.01 -64.36 20.43
C THR C 168 -0.40 -62.99 20.19
N GLN C 169 0.32 -62.49 21.19
CA GLN C 169 0.87 -61.12 21.19
C GLN C 169 2.37 -61.19 21.00
N VAL C 170 2.86 -60.72 19.86
CA VAL C 170 4.26 -60.79 19.49
C VAL C 170 4.75 -59.40 19.09
N GLU C 171 6.06 -59.28 18.95
CA GLU C 171 6.65 -58.00 18.56
C GLU C 171 6.33 -57.68 17.12
N CYS C 172 5.87 -56.47 16.88
CA CYS C 172 5.40 -56.08 15.55
C CYS C 172 6.53 -56.10 14.53
N THR C 173 6.25 -56.65 13.37
CA THR C 173 7.10 -56.50 12.20
C THR C 173 6.53 -55.36 11.36
N TYR C 174 7.10 -55.11 10.19
CA TYR C 174 6.54 -54.08 9.32
C TYR C 174 5.33 -54.57 8.56
N ASN C 175 5.16 -55.88 8.40
CA ASN C 175 3.92 -56.40 7.84
C ASN C 175 2.78 -56.38 8.84
N MET C 176 3.09 -56.36 10.13
CA MET C 176 2.05 -56.22 11.15
C MET C 176 1.61 -54.79 11.35
N LEU C 177 2.40 -53.82 10.89
CA LEU C 177 2.07 -52.41 11.03
C LEU C 177 1.51 -51.84 9.74
N THR C 178 1.15 -52.71 8.80
CA THR C 178 0.49 -52.35 7.56
C THR C 178 -0.89 -52.97 7.58
N ASN C 179 -1.89 -52.21 7.12
CA ASN C 179 -3.27 -52.69 7.04
C ASN C 179 -3.79 -53.15 8.39
N MET C 180 -3.53 -52.35 9.42
CA MET C 180 -3.86 -52.73 10.78
C MET C 180 -5.36 -52.68 11.02
N LYS C 181 -5.84 -53.59 11.86
CA LYS C 181 -7.20 -53.56 12.36
C LYS C 181 -7.29 -52.91 13.73
N GLU C 182 -6.14 -52.68 14.37
CA GLU C 182 -6.06 -51.92 15.60
C GLU C 182 -4.61 -51.52 15.79
N MET C 183 -4.40 -50.59 16.69
CA MET C 183 -3.06 -50.09 16.95
C MET C 183 -2.31 -51.03 17.90
N PRO C 184 -0.99 -51.08 17.80
CA PRO C 184 -0.21 -51.93 18.70
C PRO C 184 -0.14 -51.36 20.11
N THR C 185 0.23 -52.22 21.05
CA THR C 185 0.45 -51.82 22.43
C THR C 185 1.92 -51.95 22.76
N TYR C 186 2.35 -51.26 23.81
CA TYR C 186 3.76 -51.10 24.13
C TYR C 186 4.11 -51.73 25.46
N SER C 187 5.33 -52.22 25.56
CA SER C 187 5.84 -52.85 26.76
C SER C 187 7.27 -52.37 26.97
N GLN C 188 7.50 -51.63 28.05
CA GLN C 188 8.80 -51.02 28.29
C GLN C 188 9.91 -52.05 28.32
N TYR C 189 11.09 -51.63 27.90
CA TYR C 189 12.28 -52.42 28.13
C TYR C 189 12.70 -52.28 29.58
N PRO C 190 13.41 -53.27 30.13
CA PRO C 190 13.90 -53.11 31.51
C PRO C 190 14.85 -51.94 31.65
N ASP C 191 15.86 -51.86 30.79
CA ASP C 191 16.70 -50.67 30.64
C ASP C 191 16.15 -49.94 29.44
N LEU C 192 15.73 -48.70 29.63
CA LEU C 192 14.71 -48.17 28.73
C LEU C 192 15.27 -47.96 27.34
N GLY C 193 15.64 -49.06 26.69
CA GLY C 193 16.22 -49.06 25.38
C GLY C 193 17.69 -48.70 25.34
N TRP C 194 18.36 -48.72 26.48
CA TRP C 194 19.72 -48.17 26.53
C TRP C 194 20.73 -49.10 25.90
N SER C 195 20.54 -50.42 26.04
CA SER C 195 21.50 -51.34 25.45
C SER C 195 21.36 -51.39 23.94
N LYS C 196 20.19 -51.08 23.40
CA LYS C 196 19.95 -51.16 21.97
C LYS C 196 20.21 -49.84 21.25
N TYR C 197 20.12 -48.71 21.92
CA TYR C 197 20.15 -47.42 21.25
C TYR C 197 21.10 -46.44 21.91
N TRP C 198 22.09 -46.92 22.67
CA TRP C 198 23.02 -46.01 23.32
C TRP C 198 23.81 -45.21 22.33
N HIS C 199 24.01 -45.71 21.11
CA HIS C 199 24.72 -44.95 20.10
C HIS C 199 23.91 -43.76 19.61
N PHE C 200 22.62 -43.97 19.34
CA PHE C 200 21.73 -42.86 19.03
C PHE C 200 21.71 -41.84 20.15
N ARG C 201 21.65 -42.33 21.39
CA ARG C 201 21.51 -41.44 22.53
C ARG C 201 22.80 -40.67 22.80
N MET C 202 23.96 -41.29 22.54
CA MET C 202 25.22 -40.58 22.70
C MET C 202 25.45 -39.57 21.57
N LEU C 203 24.97 -39.86 20.37
CA LEU C 203 24.97 -38.85 19.33
C LEU C 203 24.14 -37.64 19.72
N TRP C 204 22.93 -37.87 20.25
CA TRP C 204 22.11 -36.74 20.71
C TRP C 204 22.79 -35.99 21.85
N VAL C 205 23.41 -36.71 22.79
CA VAL C 205 24.08 -36.08 23.91
C VAL C 205 25.27 -35.25 23.43
N PHE C 206 25.97 -35.74 22.41
CA PHE C 206 27.10 -34.98 21.88
C PHE C 206 26.66 -33.69 21.24
N PHE C 207 25.60 -33.72 20.45
CA PHE C 207 25.15 -32.46 19.87
C PHE C 207 24.56 -31.52 20.92
N ASP C 208 23.99 -32.08 21.99
CA ASP C 208 23.53 -31.26 23.10
C ASP C 208 24.69 -30.55 23.76
N LEU C 209 25.78 -31.28 24.03
CA LEU C 209 26.95 -30.69 24.65
C LEU C 209 27.63 -29.68 23.73
N LEU C 210 27.65 -29.96 22.43
CA LEU C 210 28.20 -29.01 21.47
C LEU C 210 27.45 -27.69 21.51
N MET C 211 26.13 -27.74 21.45
CA MET C 211 25.36 -26.50 21.46
C MET C 211 25.42 -25.81 22.80
N ASP C 212 25.61 -26.56 23.88
CA ASP C 212 25.75 -25.94 25.19
C ASP C 212 27.11 -25.30 25.35
N CYS C 213 28.15 -25.86 24.73
CA CYS C 213 29.44 -25.18 24.70
C CYS C 213 29.36 -23.90 23.89
N VAL C 214 28.63 -23.90 22.78
CA VAL C 214 28.37 -22.66 22.07
C VAL C 214 27.70 -21.64 23.00
N TYR C 215 26.74 -22.09 23.79
CA TYR C 215 26.08 -21.17 24.73
C TYR C 215 27.04 -20.66 25.80
N LEU C 216 28.01 -21.48 26.20
CA LEU C 216 28.98 -21.03 27.20
C LEU C 216 29.96 -20.02 26.62
N ILE C 217 30.46 -20.26 25.41
CA ILE C 217 31.29 -19.27 24.75
C ILE C 217 30.53 -17.96 24.60
N ASP C 218 29.24 -18.05 24.27
CA ASP C 218 28.45 -16.84 24.11
C ASP C 218 28.28 -16.12 25.44
N THR C 219 28.14 -16.85 26.54
CA THR C 219 27.99 -16.19 27.83
C THR C 219 29.29 -15.55 28.28
N PHE C 220 30.43 -16.14 27.91
CA PHE C 220 31.70 -15.47 28.17
C PHE C 220 31.87 -14.21 27.34
N LEU C 221 31.59 -14.29 26.04
CA LEU C 221 31.68 -13.09 25.20
C LEU C 221 30.70 -12.01 25.67
N ASN C 222 29.58 -12.40 26.27
CA ASN C 222 28.72 -11.41 26.89
C ASN C 222 29.34 -10.85 28.15
N TYR C 223 30.10 -11.67 28.87
CA TYR C 223 30.76 -11.20 30.08
C TYR C 223 31.78 -10.11 29.75
N ARG C 224 32.62 -10.35 28.76
CA ARG C 224 33.64 -9.40 28.32
C ARG C 224 33.17 -8.64 27.06
N MET C 225 32.10 -7.87 27.18
CA MET C 225 31.45 -7.30 26.02
C MET C 225 31.59 -5.79 26.02
N GLY C 226 32.17 -5.25 24.95
CA GLY C 226 32.39 -3.82 24.85
C GLY C 226 31.12 -3.09 24.42
N TYR C 227 30.91 -1.92 25.00
CA TYR C 227 29.72 -1.12 24.73
C TYR C 227 30.11 0.28 24.28
N MET C 228 29.14 1.00 23.71
CA MET C 228 29.37 2.34 23.20
C MET C 228 29.20 3.37 24.31
N ASP C 229 30.17 4.28 24.41
CA ASP C 229 30.13 5.34 25.41
C ASP C 229 30.87 6.54 24.85
N GLN C 230 30.15 7.67 24.71
CA GLN C 230 30.70 8.89 24.11
C GLN C 230 31.17 8.64 22.67
N GLY C 231 30.37 7.90 21.91
CA GLY C 231 30.72 7.62 20.54
C GLY C 231 31.87 6.67 20.35
N LEU C 232 32.41 6.10 21.42
CA LEU C 232 33.49 5.12 21.33
C LEU C 232 33.05 3.82 21.98
N VAL C 233 33.67 2.72 21.56
CA VAL C 233 33.44 1.40 22.15
C VAL C 233 34.40 1.23 23.30
N VAL C 234 33.90 1.01 24.51
CA VAL C 234 34.70 0.87 25.71
C VAL C 234 35.36 -0.45 25.76
N ARG C 235 36.64 -0.56 26.05
CA ARG C 235 37.28 -1.85 26.02
C ARG C 235 38.12 -2.15 27.21
N GLU C 236 37.71 -1.74 28.35
CA GLU C 236 38.52 -1.92 29.51
C GLU C 236 37.84 -3.02 30.24
N ALA C 237 38.53 -4.11 30.58
CA ALA C 237 37.90 -5.30 31.14
C ALA C 237 37.12 -5.04 32.36
N GLU C 238 37.58 -4.20 33.19
CA GLU C 238 36.88 -3.82 34.41
C GLU C 238 35.56 -3.13 34.09
N LYS C 239 35.57 -2.19 33.14
CA LYS C 239 34.36 -1.48 32.79
C LYS C 239 33.32 -2.40 32.16
N VAL C 240 33.75 -3.28 31.25
CA VAL C 240 32.79 -4.10 30.52
C VAL C 240 32.15 -5.13 31.46
N THR C 241 32.93 -5.70 32.37
CA THR C 241 32.34 -6.65 33.31
C THR C 241 31.44 -5.94 34.31
N LYS C 242 31.82 -4.73 34.72
CA LYS C 242 30.95 -3.98 35.61
C LYS C 242 29.63 -3.64 34.93
N ALA C 243 29.67 -3.31 33.64
CA ALA C 243 28.44 -3.04 32.90
C ALA C 243 27.63 -4.31 32.69
N TYR C 244 28.30 -5.45 32.58
CA TYR C 244 27.60 -6.73 32.49
C TYR C 244 26.83 -7.01 33.77
N TRP C 245 27.48 -6.80 34.92
CA TRP C 245 26.79 -7.06 36.19
C TRP C 245 25.72 -6.01 36.49
N GLN C 246 25.93 -4.76 36.08
CA GLN C 246 24.91 -3.74 36.29
C GLN C 246 23.64 -4.07 35.53
N SER C 247 23.77 -4.31 34.23
CA SER C 247 22.71 -4.96 33.49
C SER C 247 22.45 -6.33 34.09
N LYS C 248 21.31 -6.90 33.74
CA LYS C 248 20.94 -8.22 34.23
C LYS C 248 20.97 -9.25 33.10
N GLN C 249 22.00 -9.15 32.26
CA GLN C 249 22.21 -10.15 31.23
C GLN C 249 22.55 -11.50 31.84
N TYR C 250 23.12 -11.50 33.04
CA TYR C 250 23.50 -12.76 33.67
C TYR C 250 22.28 -13.58 34.06
N ARG C 251 21.15 -12.93 34.32
CA ARG C 251 19.92 -13.67 34.60
C ARG C 251 19.52 -14.52 33.39
N ILE C 252 19.42 -13.89 32.23
CA ILE C 252 19.05 -14.62 31.01
C ILE C 252 20.13 -15.63 30.64
N ASP C 253 21.39 -15.29 30.90
CA ASP C 253 22.47 -16.20 30.54
C ASP C 253 22.47 -17.44 31.43
N GLY C 254 22.06 -17.30 32.69
CA GLY C 254 22.05 -18.44 33.58
C GLY C 254 20.78 -19.27 33.48
N ILE C 255 19.64 -18.61 33.28
CA ILE C 255 18.40 -19.34 33.08
C ILE C 255 18.48 -20.22 31.85
N SER C 256 19.18 -19.77 30.82
CA SER C 256 19.27 -20.50 29.56
C SER C 256 20.28 -21.63 29.60
N LEU C 257 20.99 -21.81 30.69
CA LEU C 257 21.92 -22.88 30.71
C LEU C 257 21.81 -23.84 31.80
N ILE C 258 20.76 -23.79 32.56
CA ILE C 258 20.49 -24.71 33.66
C ILE C 258 20.50 -26.14 33.14
N PRO C 259 21.45 -26.98 33.55
CA PRO C 259 21.60 -28.32 32.96
C PRO C 259 20.60 -29.32 33.51
N LEU C 260 19.33 -28.92 33.57
CA LEU C 260 18.31 -29.79 34.14
C LEU C 260 18.01 -30.95 33.22
N ASP C 261 18.12 -30.75 31.90
CA ASP C 261 17.82 -31.80 30.94
C ASP C 261 18.85 -32.91 30.97
N TYR C 262 20.02 -32.66 31.54
CA TYR C 262 21.04 -33.72 31.54
C TYR C 262 20.75 -34.77 32.60
N ILE C 263 20.10 -34.37 33.69
CA ILE C 263 19.78 -35.35 34.73
C ILE C 263 18.37 -35.90 34.53
N LEU C 264 17.43 -35.08 34.09
CA LEU C 264 16.03 -35.48 34.02
C LEU C 264 15.46 -35.54 32.61
N GLY C 265 16.27 -35.39 31.57
CA GLY C 265 15.75 -35.42 30.23
C GLY C 265 15.98 -36.69 29.46
N TRP C 266 16.57 -37.70 30.08
CA TRP C 266 16.90 -38.95 29.43
C TRP C 266 16.29 -40.09 30.21
N PRO C 267 16.06 -41.24 29.57
CA PRO C 267 15.49 -42.38 30.30
C PRO C 267 16.48 -42.92 31.32
N ILE C 268 16.07 -42.91 32.59
CA ILE C 268 16.82 -43.52 33.68
C ILE C 268 16.09 -44.80 34.08
N PRO C 269 16.60 -45.98 33.74
CA PRO C 269 15.85 -47.20 34.04
C PRO C 269 15.78 -47.56 35.51
N TYR C 270 16.68 -47.04 36.35
CA TYR C 270 16.73 -47.47 37.74
C TYR C 270 15.54 -46.95 38.53
N ILE C 271 15.08 -45.74 38.23
CA ILE C 271 13.91 -45.18 38.90
C ILE C 271 12.69 -45.20 37.98
N ASN C 272 12.77 -45.86 36.84
CA ASN C 272 11.71 -45.87 35.82
C ASN C 272 11.29 -44.45 35.45
N TRP C 273 12.28 -43.60 35.22
CA TRP C 273 12.04 -42.27 34.68
C TRP C 273 12.14 -42.34 33.18
N ARG C 274 11.07 -41.97 32.49
CA ARG C 274 11.05 -42.08 31.03
C ARG C 274 11.73 -40.91 30.33
N GLY C 275 12.08 -39.88 31.05
CA GLY C 275 12.71 -38.74 30.40
C GLY C 275 11.73 -37.62 30.17
N LEU C 276 12.25 -36.42 30.09
CA LEU C 276 11.45 -35.22 29.84
C LEU C 276 12.28 -34.28 28.97
N PRO C 277 12.37 -34.54 27.67
CA PRO C 277 13.17 -33.67 26.81
C PRO C 277 12.72 -32.22 26.81
N ILE C 278 11.49 -31.92 27.23
CA ILE C 278 10.98 -30.56 27.21
C ILE C 278 11.67 -29.65 28.21
N LEU C 279 12.49 -30.20 29.10
CA LEU C 279 13.25 -29.41 30.06
C LEU C 279 14.40 -28.65 29.44
N ARG C 280 14.71 -28.89 28.17
CA ARG C 280 15.73 -28.13 27.46
C ARG C 280 15.14 -26.92 26.77
N LEU C 281 13.89 -26.58 27.07
CA LEU C 281 13.25 -25.44 26.43
C LEU C 281 13.69 -24.12 27.03
N ASN C 282 14.46 -24.13 28.11
CA ASN C 282 15.02 -22.89 28.63
C ASN C 282 16.16 -22.37 27.75
N ARG C 283 16.72 -23.21 26.90
CA ARG C 283 17.69 -22.76 25.93
C ARG C 283 17.11 -21.77 24.94
N LEU C 284 15.78 -21.67 24.87
CA LEU C 284 15.11 -20.83 23.90
C LEU C 284 14.88 -19.42 24.41
N ILE C 285 15.46 -19.07 25.57
CA ILE C 285 15.37 -17.73 26.10
C ILE C 285 16.34 -16.78 25.41
N ARG C 286 17.39 -17.30 24.77
CA ARG C 286 18.38 -16.48 24.11
C ARG C 286 18.00 -16.05 22.71
N TYR C 287 16.82 -15.48 22.52
CA TYR C 287 16.38 -15.14 21.18
C TYR C 287 16.91 -13.80 20.71
N LYS C 288 17.48 -13.00 21.61
CA LYS C 288 17.95 -11.67 21.20
C LYS C 288 19.17 -11.77 20.31
N ARG C 289 20.07 -12.71 20.57
CA ARG C 289 21.21 -12.89 19.70
C ARG C 289 20.78 -13.34 18.31
N VAL C 290 19.69 -14.12 18.21
CA VAL C 290 19.17 -14.57 16.93
C VAL C 290 18.51 -13.43 16.18
N ARG C 291 17.70 -12.63 16.87
CA ARG C 291 17.10 -11.46 16.25
C ARG C 291 18.15 -10.48 15.78
N ASN C 292 19.21 -10.31 16.57
CA ASN C 292 20.34 -9.49 16.18
C ASN C 292 21.00 -10.02 14.92
N CYS C 293 21.25 -11.33 14.86
CA CYS C 293 21.86 -11.90 13.66
C CYS C 293 21.00 -11.65 12.43
N LEU C 294 19.68 -11.77 12.55
CA LEU C 294 18.83 -11.60 11.38
C LEU C 294 18.73 -10.13 10.97
N GLU C 295 18.66 -9.23 11.94
CA GLU C 295 18.72 -7.80 11.65
C GLU C 295 20.02 -7.44 10.94
N ARG C 296 21.14 -8.01 11.37
CA ARG C 296 22.41 -7.71 10.73
C ARG C 296 22.52 -8.37 9.37
N THR C 297 21.88 -9.51 9.18
CA THR C 297 21.92 -10.15 7.88
C THR C 297 21.07 -9.40 6.87
N GLU C 298 20.01 -8.73 7.32
CA GLU C 298 19.21 -7.94 6.39
C GLU C 298 19.96 -6.72 5.89
N THR C 299 20.75 -6.08 6.75
CA THR C 299 21.48 -4.88 6.32
C THR C 299 22.63 -5.23 5.40
N ARG C 300 23.34 -6.32 5.69
CA ARG C 300 24.40 -6.79 4.80
C ARG C 300 23.87 -7.37 3.50
N SER C 301 22.57 -7.46 3.32
CA SER C 301 22.02 -8.18 2.19
C SER C 301 21.92 -7.28 0.97
N SER C 302 22.20 -7.86 -0.20
CA SER C 302 21.97 -7.20 -1.46
C SER C 302 20.53 -7.34 -1.93
N MET C 303 19.71 -8.11 -1.21
CA MET C 303 18.30 -8.31 -1.55
C MET C 303 17.47 -8.22 -0.28
N PRO C 304 17.34 -7.02 0.29
CA PRO C 304 16.74 -6.92 1.62
C PRO C 304 15.23 -7.17 1.67
N ASN C 305 14.51 -6.94 0.57
CA ASN C 305 13.10 -7.30 0.52
C ASN C 305 12.93 -8.80 0.44
N ALA C 306 13.66 -9.43 -0.47
CA ALA C 306 13.62 -10.88 -0.61
C ALA C 306 13.99 -11.58 0.68
N PHE C 307 15.04 -11.09 1.37
CA PHE C 307 15.48 -11.72 2.60
C PHE C 307 14.41 -11.62 3.67
N ARG C 308 13.70 -10.49 3.74
CA ARG C 308 12.64 -10.34 4.72
C ARG C 308 11.51 -11.34 4.47
N VAL C 309 11.12 -11.51 3.20
CA VAL C 309 10.10 -12.51 2.88
C VAL C 309 10.60 -13.92 3.21
N VAL C 310 11.89 -14.19 2.95
CA VAL C 310 12.45 -15.52 3.23
C VAL C 310 12.44 -15.81 4.73
N VAL C 311 12.73 -14.81 5.55
CA VAL C 311 12.75 -15.02 6.99
C VAL C 311 11.34 -15.26 7.50
N VAL C 312 10.34 -14.57 6.95
CA VAL C 312 8.97 -14.85 7.35
C VAL C 312 8.56 -16.26 6.94
N VAL C 313 9.00 -16.72 5.77
CA VAL C 313 8.69 -18.08 5.34
C VAL C 313 9.35 -19.11 6.26
N TRP C 314 10.58 -18.84 6.70
CA TRP C 314 11.23 -19.71 7.69
C TRP C 314 10.45 -19.75 9.00
N TYR C 315 9.93 -18.61 9.43
CA TYR C 315 9.09 -18.58 10.64
C TYR C 315 7.87 -19.46 10.47
N ILE C 316 7.23 -19.37 9.31
CA ILE C 316 6.03 -20.15 9.05
C ILE C 316 6.34 -21.64 9.06
N VAL C 317 7.49 -22.04 8.52
CA VAL C 317 7.84 -23.46 8.48
C VAL C 317 8.07 -24.00 9.88
N ILE C 318 8.66 -23.20 10.76
CA ILE C 318 8.91 -23.62 12.14
C ILE C 318 7.60 -23.68 12.92
N ILE C 319 6.69 -22.74 12.66
CA ILE C 319 5.36 -22.82 13.24
C ILE C 319 4.64 -24.08 12.79
N ILE C 320 4.75 -24.43 11.51
CA ILE C 320 4.14 -25.65 11.00
C ILE C 320 4.74 -26.89 11.66
N HIS C 321 6.03 -26.87 11.93
CA HIS C 321 6.68 -27.99 12.63
C HIS C 321 6.17 -28.13 14.06
N TRP C 322 6.08 -27.01 14.78
CA TRP C 322 5.58 -27.06 16.15
C TRP C 322 4.11 -27.46 16.20
N ASN C 323 3.33 -27.05 15.21
CA ASN C 323 1.93 -27.43 15.16
C ASN C 323 1.74 -28.87 14.70
N ALA C 324 2.71 -29.41 13.95
CA ALA C 324 2.72 -30.84 13.66
C ALA C 324 2.94 -31.65 14.92
N CYS C 325 3.89 -31.22 15.74
CA CYS C 325 4.12 -31.87 17.02
C CYS C 325 2.92 -31.73 17.93
N LEU C 326 2.23 -30.58 17.89
CA LEU C 326 1.03 -30.40 18.67
C LEU C 326 -0.10 -31.30 18.21
N TYR C 327 -0.32 -31.41 16.90
CA TYR C 327 -1.31 -32.33 16.37
C TYR C 327 -1.04 -33.76 16.81
N PHE C 328 0.21 -34.20 16.74
CA PHE C 328 0.46 -35.59 17.12
C PHE C 328 0.37 -35.79 18.62
N TRP C 329 0.76 -34.79 19.42
CA TRP C 329 0.62 -34.92 20.86
C TRP C 329 -0.85 -34.98 21.27
N ILE C 330 -1.70 -34.18 20.63
CA ILE C 330 -3.13 -34.22 20.92
C ILE C 330 -3.73 -35.54 20.44
N SER C 331 -3.27 -36.05 19.31
CA SER C 331 -3.75 -37.34 18.82
C SER C 331 -3.38 -38.47 19.77
N GLU C 332 -2.18 -38.42 20.33
CA GLU C 332 -1.71 -39.45 21.24
C GLU C 332 -2.37 -39.34 22.59
N TRP C 333 -2.74 -38.13 23.01
CA TRP C 333 -3.41 -37.93 24.28
C TRP C 333 -4.87 -38.37 24.22
N ILE C 334 -5.53 -38.13 23.09
CA ILE C 334 -6.87 -38.65 22.88
C ILE C 334 -6.84 -40.16 22.72
N GLY C 335 -5.80 -40.68 22.07
CA GLY C 335 -5.61 -42.10 21.85
C GLY C 335 -5.50 -42.33 20.35
N LEU C 336 -4.44 -43.00 19.94
CA LEU C 336 -4.22 -43.20 18.51
C LEU C 336 -5.17 -44.25 17.97
N GLY C 337 -5.82 -43.93 16.86
CA GLY C 337 -6.75 -44.84 16.22
C GLY C 337 -8.11 -44.92 16.84
N THR C 338 -8.49 -43.96 17.67
CA THR C 338 -9.77 -44.01 18.36
C THR C 338 -10.89 -43.34 17.57
N ASP C 339 -10.59 -42.39 16.71
CA ASP C 339 -11.58 -41.86 15.79
C ASP C 339 -10.89 -41.61 14.45
N ALA C 340 -11.63 -41.00 13.53
CA ALA C 340 -11.16 -40.79 12.17
C ALA C 340 -10.42 -39.49 11.99
N TRP C 341 -10.15 -38.76 13.05
CA TRP C 341 -9.41 -37.52 12.99
C TRP C 341 -8.00 -37.64 13.52
N VAL C 342 -7.79 -38.44 14.56
CA VAL C 342 -6.45 -38.63 15.08
C VAL C 342 -5.65 -39.53 14.15
N TYR C 343 -4.33 -39.39 14.21
CA TYR C 343 -3.46 -40.32 13.52
C TYR C 343 -3.76 -41.74 13.98
N GLY C 344 -3.88 -42.65 13.04
CA GLY C 344 -4.16 -44.02 13.39
C GLY C 344 -4.82 -44.73 12.24
N HIS C 345 -5.34 -45.92 12.54
CA HIS C 345 -5.85 -46.82 11.52
C HIS C 345 -7.26 -46.48 11.08
N LEU C 346 -8.00 -45.70 11.85
CA LEU C 346 -9.31 -45.24 11.46
C LEU C 346 -9.25 -43.97 10.62
N ASN C 347 -8.14 -43.26 10.66
CA ASN C 347 -7.86 -42.16 9.76
C ASN C 347 -7.21 -42.80 8.54
N LYS C 348 -7.96 -42.89 7.46
CA LYS C 348 -7.52 -43.54 6.23
C LYS C 348 -6.70 -42.65 5.34
N GLN C 349 -6.51 -41.40 5.72
CA GLN C 349 -5.48 -40.57 5.11
C GLN C 349 -4.15 -40.74 5.83
N SER C 350 -4.18 -40.91 7.16
CA SER C 350 -2.99 -41.28 7.91
C SER C 350 -2.38 -42.56 7.39
N LEU C 351 -3.16 -43.63 7.42
CA LEU C 351 -2.68 -44.97 7.10
C LEU C 351 -3.56 -45.53 6.00
N PRO C 352 -3.25 -45.25 4.74
CA PRO C 352 -3.96 -45.88 3.63
C PRO C 352 -3.63 -47.35 3.50
N ASP C 353 -4.00 -47.93 2.36
CA ASP C 353 -3.99 -49.38 2.20
C ASP C 353 -2.63 -49.99 2.53
N ASP C 354 -1.61 -49.72 1.72
CA ASP C 354 -0.37 -50.48 1.83
C ASP C 354 0.72 -49.67 2.52
N ILE C 355 0.35 -48.87 3.49
CA ILE C 355 1.23 -47.94 4.16
C ILE C 355 1.55 -48.46 5.55
N THR C 356 2.81 -48.35 5.95
CA THR C 356 3.30 -48.86 7.23
C THR C 356 3.33 -47.73 8.26
N ASP C 357 3.02 -48.07 9.50
CA ASP C 357 3.08 -47.13 10.61
C ASP C 357 4.49 -47.08 11.13
N THR C 358 5.21 -46.02 10.80
CA THR C 358 6.58 -45.82 11.24
C THR C 358 6.70 -44.44 11.85
N LEU C 359 7.86 -44.15 12.44
CA LEU C 359 8.13 -42.82 12.97
C LEU C 359 8.17 -41.78 11.86
N LEU C 360 8.75 -42.14 10.71
CA LEU C 360 8.73 -41.26 9.56
C LEU C 360 7.31 -40.99 9.08
N ARG C 361 6.45 -42.00 9.09
CA ARG C 361 5.06 -41.77 8.66
C ARG C 361 4.32 -40.86 9.63
N ARG C 362 4.52 -41.04 10.93
CA ARG C 362 3.87 -40.18 11.92
C ARG C 362 4.27 -38.73 11.72
N TYR C 363 5.56 -38.47 11.55
CA TYR C 363 5.99 -37.10 11.34
C TYR C 363 5.53 -36.55 10.00
N VAL C 364 5.61 -37.36 8.95
CA VAL C 364 5.24 -36.88 7.62
C VAL C 364 3.75 -36.53 7.56
N TYR C 365 2.90 -37.38 8.12
CA TYR C 365 1.48 -37.08 8.11
C TYR C 365 1.16 -35.89 9.00
N SER C 366 1.79 -35.78 10.16
CA SER C 366 1.50 -34.63 11.03
C SER C 366 1.94 -33.33 10.38
N PHE C 367 3.06 -33.33 9.67
CA PHE C 367 3.51 -32.14 8.99
C PHE C 367 2.59 -31.77 7.84
N TYR C 368 2.10 -32.75 7.08
CA TYR C 368 1.14 -32.45 6.02
C TYR C 368 -0.18 -31.93 6.58
N TRP C 369 -0.68 -32.56 7.64
CA TRP C 369 -1.88 -32.08 8.30
C TRP C 369 -1.74 -30.63 8.72
N SER C 370 -0.62 -30.30 9.37
CA SER C 370 -0.41 -28.96 9.87
C SER C 370 -0.23 -27.95 8.75
N THR C 371 0.39 -28.35 7.65
CA THR C 371 0.50 -27.48 6.49
C THR C 371 -0.86 -27.17 5.90
N LEU C 372 -1.73 -28.17 5.81
CA LEU C 372 -3.04 -27.92 5.22
C LEU C 372 -3.94 -27.13 6.14
N ILE C 373 -3.74 -27.23 7.44
CA ILE C 373 -4.58 -26.49 8.37
C ILE C 373 -4.12 -25.05 8.52
N LEU C 374 -2.80 -24.82 8.59
CA LEU C 374 -2.32 -23.46 8.81
C LEU C 374 -2.21 -22.65 7.54
N THR C 375 -2.39 -23.25 6.37
CA THR C 375 -2.56 -22.52 5.13
C THR C 375 -4.01 -22.42 4.73
N THR C 376 -4.92 -22.90 5.59
CA THR C 376 -6.37 -22.86 5.41
C THR C 376 -6.82 -23.55 4.12
N ILE C 377 -6.11 -24.60 3.72
CA ILE C 377 -6.56 -25.44 2.62
C ILE C 377 -7.60 -26.44 3.12
N GLY C 378 -7.30 -27.12 4.21
CA GLY C 378 -8.29 -27.87 4.95
C GLY C 378 -8.76 -29.15 4.31
N GLU C 379 -7.92 -29.80 3.52
CA GLU C 379 -8.28 -31.06 2.89
C GLU C 379 -7.87 -32.24 3.75
N VAL C 380 -8.32 -32.23 5.00
CA VAL C 380 -8.01 -33.24 5.99
C VAL C 380 -9.32 -33.71 6.60
N PRO C 381 -9.33 -34.84 7.29
CA PRO C 381 -10.55 -35.28 7.94
C PRO C 381 -11.12 -34.26 8.91
N SER C 382 -12.44 -34.21 8.98
CA SER C 382 -13.11 -33.30 9.89
C SER C 382 -12.98 -33.82 11.32
N PRO C 383 -13.03 -32.92 12.31
CA PRO C 383 -12.98 -33.37 13.70
C PRO C 383 -14.20 -34.18 14.06
N VAL C 384 -14.09 -34.94 15.13
CA VAL C 384 -15.14 -35.85 15.56
C VAL C 384 -15.68 -35.49 16.93
N ARG C 385 -14.78 -35.19 17.88
CA ARG C 385 -15.15 -34.88 19.24
C ARG C 385 -15.10 -33.37 19.48
N ASN C 386 -15.70 -32.95 20.59
CA ASN C 386 -15.78 -31.51 20.89
C ASN C 386 -14.41 -30.91 21.11
N ILE C 387 -13.50 -31.68 21.70
CA ILE C 387 -12.15 -31.18 21.96
C ILE C 387 -11.38 -31.01 20.65
N GLU C 388 -11.61 -31.92 19.70
CA GLU C 388 -11.00 -31.80 18.39
C GLU C 388 -11.58 -30.63 17.63
N TYR C 389 -12.88 -30.39 17.76
CA TYR C 389 -13.52 -29.22 17.16
C TYR C 389 -12.92 -27.94 17.69
N ALA C 390 -12.71 -27.87 19.00
CA ALA C 390 -12.10 -26.68 19.61
C ALA C 390 -10.69 -26.46 19.08
N PHE C 391 -9.86 -27.51 19.10
CA PHE C 391 -8.50 -27.39 18.59
C PHE C 391 -8.49 -26.94 17.14
N VAL C 392 -9.33 -27.54 16.30
CA VAL C 392 -9.28 -27.24 14.88
C VAL C 392 -9.83 -25.86 14.58
N THR C 393 -10.86 -25.43 15.29
CA THR C 393 -11.36 -24.08 15.10
C THR C 393 -10.28 -23.05 15.41
N LEU C 394 -9.63 -23.21 16.56
CA LEU C 394 -8.55 -22.30 16.94
C LEU C 394 -7.41 -22.34 15.93
N ASP C 395 -7.03 -23.54 15.49
CA ASP C 395 -5.95 -23.73 14.54
C ASP C 395 -6.25 -23.10 13.20
N LEU C 396 -7.49 -23.21 12.72
CA LEU C 396 -7.85 -22.61 11.45
C LEU C 396 -7.92 -21.09 11.53
N MET C 397 -8.27 -20.54 12.69
CA MET C 397 -8.22 -19.09 12.82
C MET C 397 -6.77 -18.59 12.84
N CYS C 398 -5.88 -19.31 13.54
CA CYS C 398 -4.46 -19.02 13.43
C CYS C 398 -3.96 -19.13 11.99
N GLY C 399 -4.46 -20.11 11.24
CA GLY C 399 -4.02 -20.26 9.86
C GLY C 399 -4.51 -19.16 8.95
N VAL C 400 -5.71 -18.64 9.20
CA VAL C 400 -6.20 -17.45 8.50
C VAL C 400 -5.24 -16.30 8.72
N LEU C 401 -4.83 -16.08 9.97
CA LEU C 401 -3.90 -14.99 10.26
C LEU C 401 -2.52 -15.22 9.63
N ILE C 402 -2.07 -16.48 9.60
CA ILE C 402 -0.78 -16.81 9.00
C ILE C 402 -0.79 -16.55 7.50
N VAL C 403 -1.88 -16.89 6.83
CA VAL C 403 -1.95 -16.64 5.40
C VAL C 403 -2.03 -15.15 5.12
N ALA C 404 -2.75 -14.39 5.94
CA ALA C 404 -2.77 -12.95 5.79
C ALA C 404 -1.40 -12.34 6.02
N THR C 405 -0.60 -12.92 6.90
CA THR C 405 0.76 -12.44 7.14
C THR C 405 1.67 -12.70 5.95
N ILE C 406 1.60 -13.90 5.38
CA ILE C 406 2.39 -14.18 4.17
C ILE C 406 2.01 -13.25 3.05
N ALA C 407 0.71 -13.06 2.83
CA ALA C 407 0.24 -12.20 1.77
C ALA C 407 0.65 -10.76 2.00
N GLY C 408 0.62 -10.29 3.26
CA GLY C 408 1.00 -8.92 3.55
C GLY C 408 2.47 -8.68 3.32
N ASN C 409 3.31 -9.64 3.68
CA ASN C 409 4.74 -9.46 3.45
C ASN C 409 5.09 -9.50 1.97
N VAL C 410 4.47 -10.42 1.22
CA VAL C 410 4.73 -10.48 -0.22
C VAL C 410 4.22 -9.24 -0.91
N GLY C 411 3.03 -8.75 -0.54
CA GLY C 411 2.49 -7.56 -1.17
C GLY C 411 3.27 -6.31 -0.84
N SER C 412 3.79 -6.23 0.38
CA SER C 412 4.68 -5.13 0.75
C SER C 412 5.95 -5.16 -0.08
N MET C 413 6.57 -6.33 -0.23
CA MET C 413 7.76 -6.42 -1.07
C MET C 413 7.47 -6.06 -2.51
N ILE C 414 6.32 -6.50 -3.04
CA ILE C 414 6.00 -6.22 -4.44
C ILE C 414 5.77 -4.74 -4.64
N SER C 415 5.11 -4.07 -3.70
CA SER C 415 4.87 -2.65 -3.87
C SER C 415 6.13 -1.83 -3.63
N ASN C 416 7.06 -2.32 -2.82
CA ASN C 416 8.31 -1.58 -2.64
C ASN C 416 9.20 -1.67 -3.86
N MET C 417 9.19 -2.80 -4.55
CA MET C 417 10.11 -2.99 -5.66
C MET C 417 9.58 -2.43 -6.98
N SER C 418 8.40 -1.82 -6.98
CA SER C 418 7.86 -1.17 -8.17
C SER C 418 7.51 0.28 -7.89
N ALA C 419 8.05 0.85 -6.81
CA ALA C 419 7.69 2.22 -6.44
C ALA C 419 8.35 3.24 -7.34
N ALA C 420 9.57 2.98 -7.78
CA ALA C 420 10.29 3.94 -8.61
C ALA C 420 9.71 4.01 -10.02
N ARG C 421 9.37 2.86 -10.60
CA ARG C 421 8.70 2.85 -11.90
C ARG C 421 7.36 3.54 -11.82
N THR C 422 6.66 3.40 -10.70
CA THR C 422 5.38 4.06 -10.53
C THR C 422 5.54 5.57 -10.44
N GLU C 423 6.55 6.03 -9.70
CA GLU C 423 6.80 7.47 -9.61
C GLU C 423 7.17 8.05 -10.96
N PHE C 424 8.01 7.34 -11.71
CA PHE C 424 8.37 7.79 -13.05
C PHE C 424 7.14 7.88 -13.95
N GLN C 425 6.27 6.88 -13.89
CA GLN C 425 5.09 6.89 -14.74
C GLN C 425 4.13 8.00 -14.34
N ASN C 426 4.06 8.32 -13.05
CA ASN C 426 3.26 9.46 -12.62
C ASN C 426 3.78 10.76 -13.21
N LYS C 427 5.09 10.97 -13.15
CA LYS C 427 5.66 12.19 -13.73
C LYS C 427 5.43 12.26 -15.23
N MET C 428 5.62 11.15 -15.93
CA MET C 428 5.40 11.14 -17.37
C MET C 428 3.94 11.43 -17.72
N ASP C 429 3.01 10.85 -16.95
CA ASP C 429 1.60 11.12 -17.18
C ASP C 429 1.27 12.59 -16.96
N GLY C 430 1.82 13.19 -15.90
CA GLY C 430 1.60 14.61 -15.69
C GLY C 430 2.11 15.46 -16.83
N ILE C 431 3.30 15.13 -17.35
CA ILE C 431 3.86 15.89 -18.47
C ILE C 431 2.96 15.78 -19.69
N LYS C 432 2.51 14.56 -20.01
CA LYS C 432 1.67 14.40 -21.20
C LYS C 432 0.33 15.09 -21.04
N GLN C 433 -0.23 15.05 -19.84
CA GLN C 433 -1.46 15.80 -19.54
C GLN C 433 -1.26 17.28 -19.81
N TYR C 434 -0.17 17.85 -19.28
CA TYR C 434 0.12 19.26 -19.52
C TYR C 434 0.24 19.55 -21.00
N MET C 435 1.01 18.75 -21.74
CA MET C 435 1.26 19.05 -23.13
C MET C 435 0.00 18.89 -23.97
N GLU C 436 -0.95 18.09 -23.50
CA GLU C 436 -2.25 18.03 -24.18
C GLU C 436 -3.08 19.27 -23.89
N LEU C 437 -3.16 19.67 -22.61
CA LEU C 437 -3.98 20.82 -22.26
C LEU C 437 -3.50 22.10 -22.93
N ARG C 438 -2.18 22.29 -23.00
CA ARG C 438 -1.61 23.53 -23.52
C ARG C 438 -1.25 23.45 -24.99
N LYS C 439 -1.61 22.36 -25.68
CA LYS C 439 -1.56 22.26 -27.13
C LYS C 439 -0.14 22.46 -27.66
N VAL C 440 0.75 21.57 -27.23
CA VAL C 440 2.13 21.54 -27.70
C VAL C 440 2.16 20.68 -28.96
N SER C 441 3.16 20.90 -29.81
CA SER C 441 3.30 20.12 -31.03
C SER C 441 3.48 18.64 -30.72
N LYS C 442 3.31 17.82 -31.75
CA LYS C 442 3.63 16.40 -31.63
C LYS C 442 5.14 16.18 -31.65
N GLN C 443 5.87 17.01 -32.40
CA GLN C 443 7.31 16.84 -32.50
C GLN C 443 8.00 17.13 -31.17
N LEU C 444 7.67 18.26 -30.54
CA LEU C 444 8.26 18.54 -29.24
C LEU C 444 7.81 17.53 -28.20
N GLU C 445 6.59 17.00 -28.34
CA GLU C 445 6.10 15.99 -27.41
C GLU C 445 6.91 14.71 -27.52
N ILE C 446 7.19 14.26 -28.75
CA ILE C 446 7.99 13.04 -28.87
C ILE C 446 9.42 13.30 -28.44
N ARG C 447 9.91 14.54 -28.59
CA ARG C 447 11.24 14.86 -28.09
C ARG C 447 11.30 14.81 -26.56
N VAL C 448 10.28 15.34 -25.90
CA VAL C 448 10.22 15.29 -24.45
C VAL C 448 10.15 13.86 -23.97
N ILE C 449 9.36 13.03 -24.65
CA ILE C 449 9.21 11.64 -24.21
C ILE C 449 10.48 10.85 -24.47
N LYS C 450 11.17 11.11 -25.58
CA LYS C 450 12.46 10.47 -25.81
C LYS C 450 13.47 10.81 -24.73
N TRP C 451 13.55 12.09 -24.36
CA TRP C 451 14.52 12.47 -23.35
C TRP C 451 14.18 11.88 -21.99
N PHE C 452 12.90 11.86 -21.64
CA PHE C 452 12.50 11.29 -20.36
C PHE C 452 12.74 9.78 -20.31
N ASP C 453 12.45 9.08 -21.41
CA ASP C 453 12.74 7.65 -21.48
C ASP C 453 14.24 7.39 -21.37
N TYR C 454 15.07 8.21 -22.01
CA TYR C 454 16.51 8.05 -21.84
C TYR C 454 16.91 8.23 -20.39
N LEU C 455 16.41 9.27 -19.74
CA LEU C 455 16.79 9.50 -18.34
C LEU C 455 16.34 8.34 -17.46
N TRP C 456 15.25 7.68 -17.83
CA TRP C 456 14.85 6.49 -17.10
C TRP C 456 15.80 5.33 -17.34
N THR C 457 15.95 4.91 -18.60
CA THR C 457 16.74 3.72 -18.88
C THR C 457 18.24 3.94 -18.71
N ASN C 458 18.66 5.02 -18.07
CA ASN C 458 20.08 5.24 -17.78
C ASN C 458 20.31 5.66 -16.34
N LYS C 459 19.28 5.69 -15.52
CA LYS C 459 19.40 5.89 -14.07
C LYS C 459 20.18 7.16 -13.72
N GLN C 460 19.59 8.30 -14.06
CA GLN C 460 20.26 9.58 -13.80
C GLN C 460 19.56 10.43 -12.74
N SER C 461 18.23 10.45 -12.72
CA SER C 461 17.43 11.05 -11.66
C SER C 461 17.46 12.57 -11.65
N LEU C 462 18.33 13.18 -12.46
CA LEU C 462 18.38 14.61 -12.69
C LEU C 462 18.51 15.42 -11.40
N SER C 463 19.03 14.83 -10.32
CA SER C 463 19.14 15.51 -9.04
C SER C 463 20.40 15.07 -8.32
N ASP C 464 21.04 16.02 -7.64
CA ASP C 464 22.08 15.75 -6.66
C ASP C 464 21.53 15.84 -5.24
N GLN C 465 20.21 15.93 -5.09
CA GLN C 465 19.58 15.95 -3.78
C GLN C 465 19.69 14.62 -3.07
N GLN C 466 19.92 13.53 -3.81
CA GLN C 466 20.23 12.25 -3.20
C GLN C 466 21.32 12.41 -2.17
N VAL C 467 22.48 12.91 -2.60
CA VAL C 467 23.58 13.18 -1.68
C VAL C 467 23.28 14.39 -0.80
N LEU C 468 22.64 15.41 -1.38
CA LEU C 468 22.50 16.68 -0.68
C LEU C 468 21.76 16.51 0.64
N LYS C 469 20.52 16.03 0.59
CA LYS C 469 19.70 16.11 1.79
C LYS C 469 20.24 15.23 2.90
N VAL C 470 20.40 13.94 2.64
CA VAL C 470 20.41 12.95 3.71
C VAL C 470 21.77 12.73 4.35
N LEU C 471 22.83 13.26 3.79
CA LEU C 471 24.14 13.05 4.37
C LEU C 471 24.53 14.24 5.22
N PRO C 472 25.43 14.04 6.18
CA PRO C 472 26.00 15.19 6.91
C PRO C 472 26.96 15.98 6.04
N ASP C 473 27.04 17.27 6.34
CA ASP C 473 27.80 18.20 5.52
C ASP C 473 29.26 17.80 5.36
N LYS C 474 29.81 17.07 6.32
CA LYS C 474 31.17 16.57 6.17
C LYS C 474 31.27 15.61 4.99
N LEU C 475 30.35 14.65 4.91
CA LEU C 475 30.37 13.69 3.81
C LEU C 475 30.04 14.36 2.49
N GLN C 476 29.10 15.31 2.51
CA GLN C 476 28.77 16.04 1.29
C GLN C 476 29.97 16.78 0.76
N ALA C 477 30.71 17.46 1.64
CA ALA C 477 31.90 18.19 1.21
C ALA C 477 32.97 17.24 0.69
N GLU C 478 33.16 16.09 1.34
CA GLU C 478 34.16 15.15 0.88
C GLU C 478 33.80 14.57 -0.48
N ILE C 479 32.54 14.19 -0.67
CA ILE C 479 32.10 13.65 -1.95
C ILE C 479 32.24 14.70 -3.05
N ALA C 480 31.87 15.95 -2.76
CA ALA C 480 31.99 16.99 -3.77
C ALA C 480 33.44 17.30 -4.10
N MET C 481 34.33 17.25 -3.10
CA MET C 481 35.73 17.53 -3.37
C MET C 481 36.37 16.40 -4.16
N GLN C 482 35.90 15.17 -3.95
CA GLN C 482 36.47 14.07 -4.72
C GLN C 482 36.01 14.07 -6.17
N VAL C 483 34.87 14.66 -6.47
CA VAL C 483 34.33 14.65 -7.82
C VAL C 483 34.81 15.86 -8.63
N HIS C 484 34.90 17.03 -8.01
CA HIS C 484 35.04 18.29 -8.74
C HIS C 484 36.36 19.00 -8.55
N PHE C 485 37.15 18.68 -7.53
CA PHE C 485 38.26 19.55 -7.15
C PHE C 485 39.39 19.52 -8.18
N GLU C 486 39.81 18.34 -8.59
CA GLU C 486 40.93 18.27 -9.54
C GLU C 486 40.53 18.86 -10.89
N THR C 487 39.28 18.69 -11.31
CA THR C 487 38.82 19.34 -12.51
C THR C 487 38.81 20.87 -12.35
N LEU C 488 38.45 21.35 -11.16
CA LEU C 488 38.34 22.78 -10.95
C LEU C 488 39.69 23.46 -10.75
N ARG C 489 40.72 22.71 -10.36
CA ARG C 489 42.02 23.32 -10.11
C ARG C 489 42.83 23.50 -11.38
N LYS C 490 42.37 22.99 -12.51
CA LYS C 490 43.05 23.13 -13.79
C LYS C 490 42.32 24.08 -14.73
N VAL C 491 41.55 25.03 -14.20
CA VAL C 491 40.64 25.84 -15.01
C VAL C 491 41.30 27.08 -15.59
N ARG C 492 42.57 27.33 -15.27
CA ARG C 492 43.43 28.37 -15.82
C ARG C 492 43.14 29.75 -15.24
N ILE C 493 42.08 29.91 -14.45
CA ILE C 493 41.94 31.07 -13.57
C ILE C 493 41.94 30.67 -12.11
N PHE C 494 41.79 29.38 -11.81
CA PHE C 494 41.85 28.87 -10.45
C PHE C 494 43.15 28.14 -10.16
N GLN C 495 44.12 28.22 -11.07
CA GLN C 495 45.38 27.49 -10.88
C GLN C 495 46.25 28.11 -9.79
N ASP C 496 46.00 29.35 -9.40
CA ASP C 496 46.83 30.06 -8.42
C ASP C 496 45.96 30.61 -7.30
N CYS C 497 45.09 29.77 -6.77
CA CYS C 497 44.21 30.15 -5.67
C CYS C 497 44.43 29.22 -4.49
N GLU C 498 43.90 29.62 -3.35
CA GLU C 498 43.94 28.78 -2.16
C GLU C 498 42.83 27.75 -2.21
N ALA C 499 43.12 26.57 -1.66
CA ALA C 499 42.19 25.44 -1.76
C ALA C 499 40.86 25.72 -1.07
N GLY C 500 40.79 26.67 -0.14
CA GLY C 500 39.54 26.94 0.53
C GLY C 500 38.49 27.52 -0.41
N LEU C 501 38.92 28.47 -1.26
CA LEU C 501 38.04 29.01 -2.27
C LEU C 501 37.50 27.91 -3.17
N LEU C 502 38.38 27.02 -3.61
CA LEU C 502 37.94 25.95 -4.51
C LEU C 502 37.03 24.96 -3.81
N ALA C 503 37.22 24.75 -2.51
CA ALA C 503 36.26 23.91 -1.78
C ALA C 503 34.88 24.54 -1.77
N GLU C 504 34.82 25.84 -1.45
CA GLU C 504 33.54 26.52 -1.47
C GLU C 504 32.92 26.48 -2.86
N LEU C 505 33.75 26.54 -3.91
CA LEU C 505 33.20 26.53 -5.26
C LEU C 505 32.71 25.15 -5.67
N VAL C 506 33.47 24.09 -5.39
CA VAL C 506 33.01 22.75 -5.74
C VAL C 506 31.74 22.42 -4.99
N LEU C 507 31.47 23.15 -3.90
CA LEU C 507 30.14 22.99 -3.29
C LEU C 507 29.04 23.55 -4.17
N LYS C 508 29.29 24.67 -4.85
CA LYS C 508 28.27 25.35 -5.64
C LYS C 508 28.47 25.10 -7.14
N LEU C 509 28.13 23.89 -7.57
CA LEU C 509 28.16 23.51 -8.97
C LEU C 509 26.86 22.83 -9.31
N GLN C 510 26.24 23.23 -10.41
CA GLN C 510 24.92 22.74 -10.78
C GLN C 510 25.02 21.91 -12.05
N LEU C 511 24.35 20.77 -12.03
CA LEU C 511 24.30 19.91 -13.21
C LEU C 511 23.26 20.41 -14.18
N GLN C 512 23.63 20.44 -15.45
CA GLN C 512 22.69 20.68 -16.54
C GLN C 512 22.92 19.64 -17.62
N VAL C 513 21.85 19.05 -18.11
CA VAL C 513 21.94 17.99 -19.09
C VAL C 513 21.39 18.48 -20.42
N PHE C 514 21.98 18.02 -21.52
CA PHE C 514 21.58 18.39 -22.86
C PHE C 514 21.45 17.13 -23.70
N SER C 515 20.60 17.21 -24.71
CA SER C 515 20.35 16.11 -25.62
C SER C 515 21.12 16.32 -26.92
N PRO C 516 21.14 15.33 -27.81
CA PRO C 516 21.91 15.49 -29.04
C PRO C 516 21.43 16.67 -29.86
N GLY C 517 22.39 17.49 -30.30
CA GLY C 517 22.10 18.61 -31.15
C GLY C 517 21.64 19.87 -30.45
N ASP C 518 21.36 19.82 -29.15
CA ASP C 518 20.97 21.00 -28.41
C ASP C 518 22.11 22.01 -28.37
N PHE C 519 21.74 23.28 -28.42
CA PHE C 519 22.72 24.36 -28.33
C PHE C 519 22.90 24.76 -26.88
N ILE C 520 24.15 24.74 -26.41
CA ILE C 520 24.46 25.23 -25.08
C ILE C 520 24.30 26.75 -25.03
N CYS C 521 24.77 27.41 -26.08
CA CYS C 521 24.75 28.87 -26.16
C CYS C 521 24.86 29.25 -27.62
N LYS C 522 24.48 30.48 -27.94
CA LYS C 522 24.56 30.99 -29.30
C LYS C 522 25.16 32.38 -29.28
N LYS C 523 25.54 32.84 -30.48
CA LYS C 523 26.22 34.11 -30.62
C LYS C 523 25.34 35.26 -30.14
N GLY C 524 25.93 36.19 -29.41
CA GLY C 524 25.19 37.34 -28.91
C GLY C 524 24.10 36.98 -27.93
N ASP C 525 24.44 36.14 -26.97
CA ASP C 525 23.54 35.71 -25.92
C ASP C 525 24.10 36.15 -24.58
N ILE C 526 23.24 36.28 -23.57
CA ILE C 526 23.72 36.74 -22.27
C ILE C 526 24.57 35.64 -21.64
N GLY C 527 25.84 35.96 -21.36
CA GLY C 527 26.74 34.97 -20.83
C GLY C 527 27.13 35.25 -19.40
N ARG C 528 26.67 34.39 -18.48
CA ARG C 528 26.83 34.62 -17.06
C ARG C 528 27.20 33.33 -16.35
N GLU C 529 27.95 32.45 -17.01
CA GLU C 529 28.17 31.10 -16.52
C GLU C 529 29.50 30.57 -17.03
N MET C 530 29.93 29.47 -16.43
CA MET C 530 31.08 28.70 -16.88
C MET C 530 30.67 27.25 -16.92
N TYR C 531 31.06 26.55 -17.98
CA TYR C 531 30.66 25.17 -18.20
C TYR C 531 31.86 24.25 -18.12
N ILE C 532 31.69 23.11 -17.46
CA ILE C 532 32.68 22.06 -17.39
C ILE C 532 32.08 20.81 -17.99
N VAL C 533 32.75 20.25 -19.00
CA VAL C 533 32.19 19.11 -19.71
C VAL C 533 32.49 17.84 -18.92
N LYS C 534 31.45 17.23 -18.37
CA LYS C 534 31.52 15.90 -17.80
C LYS C 534 30.63 15.01 -18.64
N ARG C 535 31.10 13.81 -18.97
CA ARG C 535 30.25 12.80 -19.58
C ARG C 535 29.58 13.31 -20.85
N GLY C 536 30.35 13.87 -21.76
CA GLY C 536 29.78 14.25 -23.03
C GLY C 536 30.82 14.68 -24.02
N ARG C 537 30.38 15.49 -24.98
CA ARG C 537 31.27 16.09 -25.96
C ARG C 537 30.55 17.23 -26.63
N LEU C 538 31.12 18.44 -26.58
CA LEU C 538 30.57 19.60 -27.27
C LEU C 538 31.41 19.94 -28.48
N GLN C 539 30.89 20.85 -29.30
CA GLN C 539 31.65 21.34 -30.44
C GLN C 539 31.16 22.73 -30.82
N VAL C 540 32.10 23.57 -31.23
CA VAL C 540 31.85 24.98 -31.53
C VAL C 540 31.62 25.10 -33.03
N VAL C 541 30.39 25.39 -33.42
CA VAL C 541 29.95 25.36 -34.81
C VAL C 541 29.84 26.78 -35.35
N ASP C 542 30.23 26.97 -36.61
CA ASP C 542 30.31 28.31 -37.17
C ASP C 542 28.97 28.77 -37.72
N ASP C 543 28.10 29.25 -36.84
CA ASP C 543 27.01 30.16 -37.17
C ASP C 543 25.94 29.55 -38.07
N ASP C 544 26.13 28.32 -38.54
CA ASP C 544 25.12 27.66 -39.37
C ASP C 544 24.89 26.22 -38.96
N GLY C 545 25.78 25.64 -38.15
CA GLY C 545 25.63 24.24 -37.84
C GLY C 545 26.17 23.32 -38.90
N LYS C 546 26.90 23.86 -39.89
CA LYS C 546 27.62 23.02 -40.83
C LYS C 546 29.03 23.58 -40.89
N LYS C 547 29.83 23.22 -39.90
CA LYS C 547 31.25 23.52 -39.77
C LYS C 547 31.69 23.03 -38.41
N VAL C 548 32.97 23.16 -38.10
CA VAL C 548 33.47 22.89 -36.76
C VAL C 548 34.79 23.62 -36.60
N PHE C 549 34.96 24.27 -35.45
CA PHE C 549 36.26 24.85 -35.12
C PHE C 549 37.02 23.97 -34.15
N VAL C 550 36.43 23.70 -33.00
CA VAL C 550 37.03 22.86 -31.98
C VAL C 550 35.97 21.92 -31.45
N THR C 551 36.41 20.81 -30.89
CA THR C 551 35.54 19.85 -30.24
C THR C 551 35.99 19.73 -28.79
N LEU C 552 35.08 19.95 -27.86
CA LEU C 552 35.39 19.98 -26.45
C LEU C 552 35.07 18.62 -25.85
N GLN C 553 36.05 18.00 -25.21
CA GLN C 553 35.92 16.68 -24.63
C GLN C 553 35.66 16.80 -23.15
N GLU C 554 35.48 15.67 -22.49
CA GLU C 554 35.23 15.68 -21.05
C GLU C 554 36.36 16.36 -20.31
N GLY C 555 36.01 17.12 -19.28
CA GLY C 555 37.00 17.80 -18.48
C GLY C 555 37.38 19.18 -18.96
N SER C 556 36.98 19.57 -20.16
CA SER C 556 37.32 20.90 -20.65
C SER C 556 36.38 21.94 -20.05
N VAL C 557 36.71 23.20 -20.26
CA VAL C 557 36.01 24.32 -19.63
C VAL C 557 35.71 25.36 -20.69
N PHE C 558 34.51 25.92 -20.63
CA PHE C 558 34.08 26.93 -21.60
C PHE C 558 33.36 28.05 -20.87
N GLY C 559 33.69 29.29 -21.23
CA GLY C 559 33.03 30.44 -20.65
C GLY C 559 33.62 30.94 -19.36
N GLU C 560 34.92 30.72 -19.13
CA GLU C 560 35.50 31.00 -17.83
C GLU C 560 35.86 32.47 -17.65
N LEU C 561 35.88 33.25 -18.72
CA LEU C 561 36.08 34.69 -18.59
C LEU C 561 34.78 35.45 -18.48
N SER C 562 33.67 34.88 -18.95
CA SER C 562 32.35 35.45 -18.77
C SER C 562 31.87 35.36 -17.34
N ILE C 563 32.72 34.89 -16.43
CA ILE C 563 32.33 34.69 -15.04
C ILE C 563 33.00 35.80 -14.23
N LEU C 564 34.06 36.38 -14.77
CA LEU C 564 34.67 37.57 -14.22
C LEU C 564 33.95 38.81 -14.74
N ASN C 565 34.38 39.99 -14.28
CA ASN C 565 33.83 41.27 -14.74
C ASN C 565 35.00 42.19 -15.04
N ILE C 566 35.46 42.17 -16.30
CA ILE C 566 36.67 42.90 -16.65
C ILE C 566 36.35 44.33 -17.05
N ALA C 567 35.05 44.69 -17.09
CA ALA C 567 34.65 46.09 -17.20
C ALA C 567 35.17 46.74 -18.49
N GLY C 568 34.59 46.36 -19.63
CA GLY C 568 35.07 46.84 -20.90
C GLY C 568 35.96 45.84 -21.60
N SER C 569 35.44 44.62 -21.74
CA SER C 569 36.20 43.50 -22.25
C SER C 569 35.79 43.07 -23.65
N LYS C 570 35.38 44.01 -24.51
CA LYS C 570 35.12 43.69 -25.91
C LYS C 570 34.03 42.63 -26.07
N ASN C 571 32.77 43.04 -25.84
CA ASN C 571 31.63 42.12 -25.74
C ASN C 571 31.78 41.21 -24.52
N GLY C 572 31.82 41.85 -23.36
CA GLY C 572 32.02 41.12 -22.12
C GLY C 572 30.83 40.27 -21.73
N ASN C 573 29.62 40.75 -22.00
CA ASN C 573 28.41 40.07 -21.57
C ASN C 573 27.84 39.12 -22.60
N ARG C 574 28.14 39.30 -23.89
CA ARG C 574 27.58 38.45 -24.91
C ARG C 574 28.46 37.22 -25.16
N ARG C 575 27.86 36.17 -25.70
CA ARG C 575 28.45 34.84 -25.62
C ARG C 575 29.63 34.67 -26.58
N THR C 576 29.56 35.27 -27.77
CA THR C 576 30.59 35.33 -28.81
C THR C 576 30.90 33.98 -29.46
N ALA C 577 30.13 32.93 -29.18
CA ALA C 577 30.36 31.66 -29.85
C ALA C 577 29.11 30.80 -29.79
N ASN C 578 29.01 29.86 -30.73
CA ASN C 578 27.95 28.86 -30.74
C ASN C 578 28.54 27.55 -30.26
N VAL C 579 27.84 26.87 -29.36
CA VAL C 579 28.29 25.58 -28.84
C VAL C 579 27.09 24.66 -28.76
N ARG C 580 27.17 23.51 -29.42
CA ARG C 580 26.08 22.55 -29.40
C ARG C 580 26.60 21.20 -28.94
N SER C 581 25.69 20.42 -28.37
CA SER C 581 26.00 19.10 -27.83
C SER C 581 25.98 18.06 -28.94
N VAL C 582 26.97 17.17 -28.93
CA VAL C 582 27.01 16.10 -29.93
C VAL C 582 25.98 15.02 -29.61
N GLY C 583 26.10 14.40 -28.44
CA GLY C 583 25.10 13.50 -27.95
C GLY C 583 24.54 14.01 -26.64
N TYR C 584 24.20 13.11 -25.73
CA TYR C 584 23.75 13.53 -24.41
C TYR C 584 24.95 13.99 -23.60
N THR C 585 24.88 15.20 -23.06
CA THR C 585 25.97 15.80 -22.32
C THR C 585 25.54 16.06 -20.89
N ASP C 586 26.52 16.10 -19.98
CA ASP C 586 26.31 16.41 -18.58
C ASP C 586 27.26 17.55 -18.21
N LEU C 587 26.80 18.78 -18.30
CA LEU C 587 27.64 19.91 -17.94
C LEU C 587 27.46 20.25 -16.46
N PHE C 588 28.50 20.84 -15.88
CA PHE C 588 28.43 21.42 -14.55
C PHE C 588 28.73 22.90 -14.65
N VAL C 589 27.86 23.73 -14.11
CA VAL C 589 27.87 25.16 -14.34
C VAL C 589 28.24 25.87 -13.04
N LEU C 590 29.20 26.78 -13.12
CA LEU C 590 29.55 27.68 -12.02
C LEU C 590 29.03 29.06 -12.38
N SER C 591 27.93 29.46 -11.76
CA SER C 591 27.34 30.77 -12.02
C SER C 591 28.29 31.88 -11.61
N LYS C 592 28.06 33.06 -12.18
CA LYS C 592 28.84 34.23 -11.80
C LYS C 592 28.48 34.72 -10.41
N THR C 593 27.18 34.70 -10.10
CA THR C 593 26.71 35.02 -8.76
C THR C 593 27.40 34.17 -7.71
N ASP C 594 27.44 32.85 -7.95
CA ASP C 594 28.08 31.94 -7.00
C ASP C 594 29.57 32.26 -6.84
N LEU C 595 30.26 32.48 -7.96
CA LEU C 595 31.67 32.82 -7.87
C LEU C 595 31.90 34.04 -7.00
N TRP C 596 31.11 35.09 -7.20
CA TRP C 596 31.39 36.33 -6.45
C TRP C 596 30.93 36.22 -5.00
N ASN C 597 29.83 35.51 -4.74
CA ASN C 597 29.44 35.25 -3.37
C ASN C 597 30.55 34.54 -2.60
N ALA C 598 31.10 33.47 -3.19
CA ALA C 598 32.20 32.78 -2.52
C ALA C 598 33.45 33.64 -2.47
N LEU C 599 33.66 34.47 -3.49
CA LEU C 599 34.92 35.21 -3.61
C LEU C 599 35.00 36.34 -2.60
N ARG C 600 33.86 36.88 -2.18
CA ARG C 600 33.89 38.01 -1.26
C ARG C 600 34.54 37.65 0.07
N GLU C 601 34.56 36.35 0.42
CA GLU C 601 35.21 35.93 1.65
C GLU C 601 36.72 35.87 1.50
N TYR C 602 37.23 35.74 0.29
CA TYR C 602 38.67 35.70 0.02
C TYR C 602 39.00 36.90 -0.86
N PRO C 603 39.44 38.03 -0.30
CA PRO C 603 39.64 39.22 -1.14
C PRO C 603 40.98 39.19 -1.85
N ASP C 604 41.93 38.45 -1.26
CA ASP C 604 43.22 38.27 -1.91
C ASP C 604 43.07 37.41 -3.16
N ALA C 605 42.28 36.34 -3.07
CA ALA C 605 41.98 35.53 -4.25
C ALA C 605 41.16 36.34 -5.25
N ARG C 606 40.34 37.26 -4.76
CA ARG C 606 39.53 38.09 -5.66
C ARG C 606 40.41 38.98 -6.54
N LYS C 607 41.28 39.76 -5.92
CA LYS C 607 42.17 40.62 -6.69
C LYS C 607 43.02 39.83 -7.66
N LEU C 608 43.42 38.62 -7.29
CA LEU C 608 44.29 37.80 -8.12
C LEU C 608 43.53 37.25 -9.31
N LEU C 609 42.30 36.77 -9.09
CA LEU C 609 41.42 36.37 -10.17
C LEU C 609 41.19 37.50 -11.16
N LEU C 610 40.94 38.70 -10.65
CA LEU C 610 40.77 39.85 -11.54
C LEU C 610 42.01 40.07 -12.39
N ALA C 611 43.19 40.03 -11.74
CA ALA C 611 44.43 40.21 -12.49
C ALA C 611 44.60 39.15 -13.57
N LYS C 612 44.35 37.89 -13.23
CA LYS C 612 44.52 36.81 -14.21
C LYS C 612 43.54 36.95 -15.35
N GLY C 613 42.30 37.35 -15.06
CA GLY C 613 41.32 37.55 -16.11
C GLY C 613 41.71 38.67 -17.06
N ARG C 614 42.16 39.79 -16.51
CA ARG C 614 42.65 40.88 -17.37
C ARG C 614 43.81 40.41 -18.24
N GLU C 615 44.73 39.63 -17.66
CA GLU C 615 45.86 39.12 -18.43
C GLU C 615 45.39 38.24 -19.59
N ILE C 616 44.59 37.23 -19.28
CA ILE C 616 44.11 36.31 -20.32
C ILE C 616 43.34 37.06 -21.38
N LEU C 617 42.55 38.05 -20.97
CA LEU C 617 41.78 38.85 -21.91
C LEU C 617 42.70 39.61 -22.86
N LYS C 618 43.72 40.28 -22.32
CA LYS C 618 44.61 41.06 -23.17
C LYS C 618 45.38 40.16 -24.13
N LYS C 619 46.02 39.12 -23.61
CA LYS C 619 46.76 38.21 -24.49
C LYS C 619 45.82 37.48 -25.43
N ARG D 104 27.61 -5.12 -52.39
CA ARG D 104 26.86 -6.37 -52.48
C ARG D 104 26.64 -6.98 -51.10
N ILE D 105 26.29 -8.26 -51.08
CA ILE D 105 26.02 -8.94 -49.82
C ILE D 105 27.25 -8.96 -48.94
N ARG D 106 28.40 -9.30 -49.52
CA ARG D 106 29.62 -9.38 -48.73
C ARG D 106 29.98 -8.02 -48.15
N LYS D 107 29.88 -6.96 -48.95
CA LYS D 107 30.17 -5.63 -48.46
C LYS D 107 29.22 -5.24 -47.33
N TYR D 108 27.92 -5.45 -47.54
CA TYR D 108 26.93 -5.03 -46.55
C TYR D 108 27.14 -5.76 -45.23
N LEU D 109 27.40 -7.07 -45.30
CA LEU D 109 27.55 -7.84 -44.06
C LEU D 109 28.91 -7.60 -43.42
N ALA D 110 29.92 -7.24 -44.20
CA ALA D 110 31.21 -6.92 -43.60
C ALA D 110 31.20 -5.56 -42.92
N ASN D 111 30.36 -4.65 -43.41
CA ASN D 111 30.32 -3.32 -42.82
C ASN D 111 29.27 -3.20 -41.72
N TYR D 112 28.23 -4.04 -41.74
CA TYR D 112 27.06 -3.88 -40.89
C TYR D 112 27.39 -3.76 -39.40
N THR D 113 26.69 -2.87 -38.72
CA THR D 113 26.71 -2.75 -37.27
C THR D 113 25.34 -2.29 -36.81
N GLN D 114 24.93 -2.72 -35.62
CA GLN D 114 23.55 -2.59 -35.16
C GLN D 114 23.38 -1.44 -34.17
N ASP D 115 22.27 -0.71 -34.32
CA ASP D 115 21.87 0.29 -33.34
C ASP D 115 20.78 -0.30 -32.46
N PRO D 116 21.01 -0.47 -31.16
CA PRO D 116 20.01 -1.15 -30.32
C PRO D 116 18.74 -0.36 -30.08
N SER D 117 18.73 0.95 -30.31
CA SER D 117 17.60 1.79 -29.96
C SER D 117 16.58 1.92 -31.08
N THR D 118 16.75 1.22 -32.19
CA THR D 118 15.82 1.29 -33.29
C THR D 118 14.51 0.58 -32.92
N ASP D 119 13.50 0.75 -33.78
CA ASP D 119 12.27 -0.01 -33.65
C ASP D 119 12.38 -1.38 -34.29
N ASN D 120 13.17 -1.49 -35.36
CA ASN D 120 13.42 -2.79 -35.95
C ASN D 120 14.10 -3.71 -34.96
N PHE D 121 14.99 -3.19 -34.13
CA PHE D 121 15.62 -4.04 -33.15
C PHE D 121 14.63 -4.48 -32.07
N TYR D 122 13.65 -3.63 -31.74
CA TYR D 122 12.60 -4.05 -30.84
C TYR D 122 11.78 -5.19 -31.43
N TYR D 123 11.41 -5.08 -32.71
CA TYR D 123 10.68 -6.18 -33.34
C TYR D 123 11.52 -7.43 -33.40
N TRP D 124 12.83 -7.28 -33.55
CA TRP D 124 13.71 -8.43 -33.50
C TRP D 124 13.71 -9.08 -32.12
N THR D 125 13.79 -8.27 -31.06
CA THR D 125 13.74 -8.84 -29.72
C THR D 125 12.42 -9.58 -29.49
N CYS D 126 11.35 -9.12 -30.13
CA CYS D 126 10.09 -9.86 -30.03
C CYS D 126 10.16 -11.20 -30.75
N VAL D 127 10.84 -11.25 -31.90
CA VAL D 127 11.05 -12.53 -32.59
C VAL D 127 11.86 -13.49 -31.73
N VAL D 128 12.91 -12.98 -31.08
CA VAL D 128 13.72 -13.82 -30.21
C VAL D 128 12.94 -14.27 -28.99
N THR D 129 12.01 -13.43 -28.51
CA THR D 129 11.14 -13.85 -27.42
C THR D 129 10.20 -14.97 -27.84
N VAL D 130 9.71 -14.92 -29.07
CA VAL D 130 8.90 -16.02 -29.58
C VAL D 130 9.70 -17.32 -29.63
N ALA D 131 10.95 -17.25 -30.09
CA ALA D 131 11.77 -18.45 -30.14
C ALA D 131 12.09 -18.98 -28.73
N TYR D 132 12.35 -18.08 -27.80
CA TYR D 132 12.59 -18.49 -26.43
C TYR D 132 11.36 -19.17 -25.83
N ILE D 133 10.18 -18.62 -26.06
CA ILE D 133 8.96 -19.21 -25.52
C ILE D 133 8.69 -20.55 -26.18
N TYR D 134 9.07 -20.71 -27.44
CA TYR D 134 8.99 -22.03 -28.06
C TYR D 134 9.79 -23.05 -27.27
N ASN D 135 11.05 -22.73 -26.98
CA ASN D 135 11.89 -23.67 -26.24
C ASN D 135 11.35 -23.91 -24.83
N LEU D 136 10.95 -22.85 -24.14
CA LEU D 136 10.44 -22.91 -22.77
C LEU D 136 9.34 -23.95 -22.62
N LEU D 137 8.39 -23.97 -23.54
CA LEU D 137 7.29 -24.92 -23.44
C LEU D 137 7.69 -26.29 -23.96
N PHE D 138 8.28 -26.34 -25.15
CA PHE D 138 8.24 -27.61 -25.86
C PHE D 138 9.41 -28.51 -25.53
N VAL D 139 10.49 -27.99 -24.95
CA VAL D 139 11.57 -28.92 -24.59
C VAL D 139 11.14 -29.80 -23.42
N ILE D 140 10.57 -29.20 -22.37
CA ILE D 140 10.08 -29.99 -21.24
C ILE D 140 8.87 -30.80 -21.63
N ALA D 141 8.01 -30.26 -22.49
CA ALA D 141 6.87 -31.06 -22.93
C ALA D 141 7.30 -32.29 -23.70
N ARG D 142 8.35 -32.19 -24.52
CA ARG D 142 8.77 -33.34 -25.30
C ARG D 142 9.59 -34.31 -24.46
N GLN D 143 10.22 -33.83 -23.41
CA GLN D 143 10.90 -34.75 -22.49
C GLN D 143 9.91 -35.59 -21.73
N VAL D 144 8.93 -34.95 -21.08
CA VAL D 144 8.03 -35.70 -20.21
C VAL D 144 6.94 -36.39 -21.01
N PHE D 145 6.31 -35.68 -21.93
CA PHE D 145 5.26 -36.22 -22.78
C PHE D 145 5.81 -36.67 -24.12
N ASN D 146 6.61 -37.73 -24.08
CA ASN D 146 7.31 -38.32 -25.21
C ASN D 146 6.52 -38.50 -26.50
N ASP D 147 5.23 -38.85 -26.40
CA ASP D 147 4.45 -39.10 -27.60
C ASP D 147 4.22 -37.85 -28.44
N LEU D 148 4.66 -36.69 -27.99
CA LEU D 148 4.54 -35.49 -28.81
C LEU D 148 5.31 -35.61 -30.12
N ILE D 149 6.34 -36.45 -30.16
CA ILE D 149 7.06 -36.70 -31.40
C ILE D 149 6.61 -37.97 -32.08
N GLY D 150 5.62 -38.65 -31.54
CA GLY D 150 5.22 -39.95 -32.03
C GLY D 150 5.67 -41.04 -31.09
N PRO D 151 4.81 -42.00 -30.81
CA PRO D 151 5.18 -43.09 -29.91
C PRO D 151 6.36 -43.91 -30.43
N SER D 152 7.33 -44.13 -29.54
CA SER D 152 8.48 -44.98 -29.82
C SER D 152 8.21 -46.43 -29.53
N SER D 153 7.15 -46.73 -28.81
CA SER D 153 6.81 -48.10 -28.42
C SER D 153 5.33 -48.32 -28.63
N GLN D 154 4.95 -49.59 -28.61
CA GLN D 154 3.58 -50.02 -28.82
C GLN D 154 2.93 -50.28 -27.48
N SER D 155 1.72 -49.75 -27.29
CA SER D 155 0.94 -50.05 -26.10
C SER D 155 0.26 -51.39 -26.26
N LEU D 156 0.42 -52.27 -25.28
CA LEU D 156 -0.14 -53.60 -25.32
C LEU D 156 -1.09 -53.78 -24.15
N CYS D 157 -2.32 -54.19 -24.46
CA CYS D 157 -3.36 -54.44 -23.48
C CYS D 157 -3.61 -55.94 -23.40
N ARG D 158 -3.95 -56.41 -22.20
CA ARG D 158 -4.30 -57.81 -22.00
C ARG D 158 -5.79 -57.98 -22.26
N PHE D 159 -6.13 -58.59 -23.39
CA PHE D 159 -7.49 -58.62 -23.89
C PHE D 159 -8.07 -60.01 -23.75
N TYR D 160 -9.34 -60.08 -23.35
CA TYR D 160 -10.09 -61.33 -23.33
C TYR D 160 -10.98 -61.39 -24.56
N ASN D 161 -10.69 -62.34 -25.45
CA ASN D 161 -11.44 -62.46 -26.69
C ASN D 161 -12.84 -63.01 -26.44
N ASN D 165 -12.48 -66.07 -26.02
CA ASN D 165 -12.05 -67.46 -25.94
C ASN D 165 -10.96 -67.61 -24.88
N SER D 166 -10.05 -66.64 -24.84
CA SER D 166 -8.95 -66.64 -23.88
C SER D 166 -8.37 -65.23 -23.79
N THR D 167 -7.42 -65.07 -22.87
CA THR D 167 -6.78 -63.79 -22.61
C THR D 167 -5.39 -63.75 -23.23
N THR D 168 -5.16 -62.81 -24.13
CA THR D 168 -3.88 -62.62 -24.78
C THR D 168 -3.53 -61.14 -24.80
N GLN D 169 -2.32 -60.84 -25.26
CA GLN D 169 -1.76 -59.49 -25.22
C GLN D 169 -1.72 -58.91 -26.62
N VAL D 170 -2.54 -57.89 -26.87
CA VAL D 170 -2.69 -57.30 -28.19
C VAL D 170 -2.49 -55.79 -28.07
N GLU D 171 -2.38 -55.14 -29.23
CA GLU D 171 -2.19 -53.70 -29.26
C GLU D 171 -3.47 -52.99 -28.85
N CYS D 172 -3.34 -52.04 -27.93
CA CYS D 172 -4.49 -51.38 -27.35
C CYS D 172 -5.26 -50.59 -28.39
N THR D 173 -6.58 -50.71 -28.35
CA THR D 173 -7.47 -49.82 -29.08
C THR D 173 -7.94 -48.74 -28.09
N TYR D 174 -8.85 -47.87 -28.52
CA TYR D 174 -9.36 -46.88 -27.60
C TYR D 174 -10.42 -47.45 -26.67
N ASN D 175 -11.06 -48.56 -27.04
CA ASN D 175 -11.95 -49.24 -26.12
C ASN D 175 -11.19 -50.03 -25.07
N MET D 176 -9.95 -50.39 -25.34
CA MET D 176 -9.12 -51.05 -24.34
C MET D 176 -8.49 -50.08 -23.36
N LEU D 177 -8.47 -48.79 -23.69
CA LEU D 177 -7.89 -47.77 -22.83
C LEU D 177 -8.96 -47.00 -22.09
N THR D 178 -10.19 -47.50 -22.11
CA THR D 178 -11.31 -46.98 -21.36
C THR D 178 -11.73 -48.01 -20.34
N ASN D 179 -12.03 -47.56 -19.12
CA ASN D 179 -12.49 -48.44 -18.04
C ASN D 179 -11.48 -49.55 -17.76
N MET D 180 -10.21 -49.16 -17.67
CA MET D 180 -9.14 -50.13 -17.52
C MET D 180 -9.12 -50.73 -16.12
N LYS D 181 -8.74 -52.01 -16.05
CA LYS D 181 -8.48 -52.67 -14.79
C LYS D 181 -7.00 -52.68 -14.46
N GLU D 182 -6.16 -52.31 -15.41
CA GLU D 182 -4.73 -52.11 -15.18
C GLU D 182 -4.20 -51.30 -16.35
N MET D 183 -3.00 -50.79 -16.18
CA MET D 183 -2.39 -49.97 -17.20
C MET D 183 -1.73 -50.85 -18.26
N PRO D 184 -1.63 -50.37 -19.49
CA PRO D 184 -0.98 -51.15 -20.55
C PRO D 184 0.53 -51.18 -20.39
N THR D 185 1.15 -52.13 -21.07
CA THR D 185 2.61 -52.24 -21.11
C THR D 185 3.09 -51.93 -22.51
N TYR D 186 4.37 -51.59 -22.62
CA TYR D 186 4.92 -51.05 -23.86
C TYR D 186 6.00 -51.98 -24.42
N SER D 187 6.09 -51.98 -25.74
CA SER D 187 7.07 -52.78 -26.47
C SER D 187 7.65 -51.94 -27.59
N GLN D 188 8.94 -51.64 -27.50
CA GLN D 188 9.58 -50.73 -28.45
C GLN D 188 9.41 -51.21 -29.88
N TYR D 189 9.35 -50.25 -30.79
CA TYR D 189 9.46 -50.57 -32.20
C TYR D 189 10.93 -50.85 -32.53
N PRO D 190 11.19 -51.64 -33.57
CA PRO D 190 12.59 -51.85 -33.95
C PRO D 190 13.28 -50.56 -34.37
N ASP D 191 12.67 -49.79 -35.26
CA ASP D 191 13.08 -48.43 -35.56
C ASP D 191 12.14 -47.54 -34.75
N LEU D 192 12.69 -46.72 -33.87
CA LEU D 192 11.89 -46.30 -32.73
C LEU D 192 10.76 -45.38 -33.16
N GLY D 193 9.83 -45.94 -33.93
CA GLY D 193 8.71 -45.21 -34.47
C GLY D 193 9.02 -44.36 -35.66
N TRP D 194 10.17 -44.56 -36.30
CA TRP D 194 10.61 -43.61 -37.32
C TRP D 194 9.86 -43.78 -38.62
N SER D 195 9.51 -45.02 -38.97
CA SER D 195 8.77 -45.22 -40.22
C SER D 195 7.33 -44.74 -40.11
N LYS D 196 6.78 -44.70 -38.90
CA LYS D 196 5.39 -44.30 -38.72
C LYS D 196 5.22 -42.82 -38.43
N TYR D 197 6.24 -42.15 -37.90
CA TYR D 197 6.08 -40.79 -37.41
C TYR D 197 7.18 -39.86 -37.89
N TRP D 198 7.86 -40.20 -38.99
CA TRP D 198 8.92 -39.34 -39.48
C TRP D 198 8.40 -37.98 -39.89
N HIS D 199 7.14 -37.87 -40.26
CA HIS D 199 6.58 -36.57 -40.63
C HIS D 199 6.42 -35.68 -39.40
N PHE D 200 5.89 -36.23 -38.30
CA PHE D 200 5.86 -35.50 -37.04
C PHE D 200 7.27 -35.08 -36.62
N ARG D 201 8.22 -35.98 -36.76
CA ARG D 201 9.56 -35.71 -36.28
C ARG D 201 10.28 -34.69 -37.15
N MET D 202 10.00 -34.69 -38.46
CA MET D 202 10.58 -33.68 -39.34
C MET D 202 9.95 -32.32 -39.14
N LEU D 203 8.66 -32.28 -38.81
CA LEU D 203 8.05 -31.02 -38.41
C LEU D 203 8.71 -30.45 -37.16
N TRP D 204 8.93 -31.29 -36.14
CA TRP D 204 9.63 -30.82 -34.95
C TRP D 204 11.05 -30.37 -35.28
N VAL D 205 11.75 -31.11 -36.12
CA VAL D 205 13.12 -30.76 -36.48
C VAL D 205 13.14 -29.43 -37.24
N PHE D 206 12.15 -29.20 -38.09
CA PHE D 206 12.09 -27.94 -38.83
C PHE D 206 11.89 -26.76 -37.90
N PHE D 207 10.99 -26.88 -36.93
CA PHE D 207 10.83 -25.74 -36.01
C PHE D 207 12.04 -25.58 -35.10
N ASP D 208 12.74 -26.68 -34.81
CA ASP D 208 13.98 -26.57 -34.05
C ASP D 208 15.04 -25.80 -34.84
N LEU D 209 15.18 -26.11 -36.13
CA LEU D 209 16.15 -25.42 -36.96
C LEU D 209 15.75 -23.97 -37.18
N LEU D 210 14.45 -23.70 -37.31
CA LEU D 210 13.99 -22.32 -37.44
C LEU D 210 14.37 -21.50 -36.22
N MET D 211 14.09 -22.00 -35.02
CA MET D 211 14.41 -21.24 -33.83
C MET D 211 15.92 -21.15 -33.61
N ASP D 212 16.68 -22.13 -34.08
CA ASP D 212 18.12 -22.05 -33.97
C ASP D 212 18.71 -21.07 -34.97
N CYS D 213 18.09 -20.92 -36.13
CA CYS D 213 18.50 -19.86 -37.05
C CYS D 213 18.19 -18.48 -36.46
N VAL D 214 17.06 -18.34 -35.79
CA VAL D 214 16.80 -17.11 -35.05
C VAL D 214 17.91 -16.85 -34.04
N TYR D 215 18.34 -17.89 -33.33
CA TYR D 215 19.42 -17.72 -32.37
C TYR D 215 20.73 -17.33 -33.04
N LEU D 216 20.98 -17.83 -34.25
CA LEU D 216 22.20 -17.48 -34.97
C LEU D 216 22.17 -16.03 -35.46
N ILE D 217 21.05 -15.59 -36.02
CA ILE D 217 20.91 -14.18 -36.38
C ILE D 217 21.12 -13.31 -35.16
N ASP D 218 20.58 -13.72 -34.02
CA ASP D 218 20.74 -12.94 -32.81
C ASP D 218 22.20 -12.89 -32.36
N THR D 219 22.93 -13.99 -32.53
CA THR D 219 24.33 -13.99 -32.12
C THR D 219 25.17 -13.13 -33.06
N PHE D 220 24.79 -13.06 -34.34
CA PHE D 220 25.46 -12.15 -35.24
C PHE D 220 25.17 -10.69 -34.89
N LEU D 221 23.91 -10.35 -34.67
CA LEU D 221 23.57 -8.99 -34.26
C LEU D 221 24.23 -8.61 -32.95
N ASN D 222 24.47 -9.58 -32.07
CA ASN D 222 25.26 -9.31 -30.87
C ASN D 222 26.72 -9.08 -31.22
N TYR D 223 27.21 -9.78 -32.25
CA TYR D 223 28.59 -9.60 -32.67
C TYR D 223 28.84 -8.18 -33.17
N ARG D 224 27.96 -7.69 -34.03
CA ARG D 224 28.03 -6.33 -34.58
C ARG D 224 27.08 -5.39 -33.87
N MET D 225 27.29 -5.18 -32.57
CA MET D 225 26.32 -4.49 -31.74
C MET D 225 26.87 -3.15 -31.27
N GLY D 226 26.17 -2.07 -31.59
CA GLY D 226 26.61 -0.75 -31.20
C GLY D 226 26.27 -0.43 -29.76
N TYR D 227 27.18 0.26 -29.10
CA TYR D 227 27.03 0.60 -27.69
C TYR D 227 27.17 2.11 -27.49
N MET D 228 26.75 2.57 -26.32
CA MET D 228 26.79 3.99 -25.99
C MET D 228 28.15 4.37 -25.42
N ASP D 229 28.71 5.46 -25.94
CA ASP D 229 30.00 5.97 -25.48
C ASP D 229 30.03 7.47 -25.68
N GLN D 230 30.17 8.21 -24.57
CA GLN D 230 30.13 9.68 -24.58
C GLN D 230 28.79 10.18 -25.12
N GLY D 231 27.71 9.57 -24.68
CA GLY D 231 26.39 9.98 -25.11
C GLY D 231 26.06 9.68 -26.55
N LEU D 232 26.92 8.98 -27.27
CA LEU D 232 26.67 8.58 -28.65
C LEU D 232 26.74 7.06 -28.78
N VAL D 233 26.05 6.53 -29.78
CA VAL D 233 26.10 5.11 -30.09
C VAL D 233 27.25 4.86 -31.04
N VAL D 234 28.22 4.03 -30.67
CA VAL D 234 29.40 3.76 -31.46
C VAL D 234 29.08 2.85 -32.59
N ARG D 235 29.51 3.12 -33.81
CA ARG D 235 29.13 2.28 -34.91
C ARG D 235 30.25 1.88 -35.80
N GLU D 236 31.39 1.63 -35.26
CA GLU D 236 32.51 1.33 -36.07
C GLU D 236 32.70 -0.12 -35.89
N ALA D 237 32.73 -0.92 -36.97
CA ALA D 237 32.74 -2.38 -36.86
C ALA D 237 33.83 -2.91 -36.04
N GLU D 238 34.96 -2.34 -36.13
CA GLU D 238 36.12 -2.75 -35.33
C GLU D 238 35.87 -2.53 -33.85
N LYS D 239 35.32 -1.37 -33.48
CA LYS D 239 35.06 -1.08 -32.08
C LYS D 239 33.99 -2.00 -31.51
N VAL D 240 32.91 -2.24 -32.26
CA VAL D 240 31.81 -3.01 -31.70
C VAL D 240 32.21 -4.47 -31.53
N THR D 241 32.97 -5.02 -32.47
CA THR D 241 33.41 -6.41 -32.30
C THR D 241 34.45 -6.51 -31.20
N LYS D 242 35.32 -5.51 -31.06
CA LYS D 242 36.27 -5.54 -29.96
C LYS D 242 35.55 -5.47 -28.61
N ALA D 243 34.48 -4.68 -28.53
CA ALA D 243 33.71 -4.62 -27.29
C ALA D 243 32.95 -5.91 -27.05
N TYR D 244 32.54 -6.60 -28.12
CA TYR D 244 31.91 -7.91 -27.99
C TYR D 244 32.87 -8.92 -27.40
N TRP D 245 34.11 -8.94 -27.90
CA TRP D 245 35.08 -9.90 -27.38
C TRP D 245 35.56 -9.53 -25.98
N GLN D 246 35.65 -8.23 -25.68
CA GLN D 246 36.06 -7.82 -24.33
C GLN D 246 35.04 -8.29 -23.30
N SER D 247 33.78 -7.93 -23.52
CA SER D 247 32.71 -8.59 -22.80
C SER D 247 32.73 -10.08 -23.11
N LYS D 248 32.04 -10.86 -22.29
CA LYS D 248 31.97 -12.29 -22.48
C LYS D 248 30.58 -12.72 -22.91
N GLN D 249 29.99 -11.94 -23.82
CA GLN D 249 28.72 -12.30 -24.42
C GLN D 249 28.86 -13.56 -25.26
N TYR D 250 30.05 -13.81 -25.79
CA TYR D 250 30.24 -14.98 -26.64
C TYR D 250 30.14 -16.27 -25.85
N ARG D 251 30.43 -16.25 -24.54
CA ARG D 251 30.23 -17.43 -23.72
C ARG D 251 28.77 -17.83 -23.69
N ILE D 252 27.88 -16.89 -23.35
CA ILE D 252 26.46 -17.18 -23.30
C ILE D 252 25.93 -17.48 -24.69
N ASP D 253 26.47 -16.83 -25.72
CA ASP D 253 26.00 -17.07 -27.06
C ASP D 253 26.37 -18.46 -27.56
N GLY D 254 27.53 -18.97 -27.14
CA GLY D 254 27.95 -20.29 -27.58
C GLY D 254 27.37 -21.41 -26.75
N ILE D 255 27.24 -21.19 -25.44
CA ILE D 255 26.61 -22.21 -24.59
C ILE D 255 25.17 -22.45 -25.01
N SER D 256 24.49 -21.41 -25.48
CA SER D 256 23.09 -21.51 -25.86
C SER D 256 22.88 -22.10 -27.24
N LEU D 257 23.93 -22.44 -27.94
CA LEU D 257 23.72 -23.00 -29.23
C LEU D 257 24.38 -24.27 -29.52
N ILE D 258 24.92 -24.89 -28.54
CA ILE D 258 25.58 -26.20 -28.65
C ILE D 258 24.58 -27.21 -29.23
N PRO D 259 24.82 -27.72 -30.45
CA PRO D 259 23.83 -28.58 -31.12
C PRO D 259 23.83 -30.00 -30.60
N LEU D 260 23.83 -30.16 -29.28
CA LEU D 260 23.90 -31.49 -28.68
C LEU D 260 22.58 -32.23 -28.88
N ASP D 261 21.47 -31.51 -28.90
CA ASP D 261 20.17 -32.15 -29.03
C ASP D 261 19.95 -32.71 -30.42
N TYR D 262 20.75 -32.29 -31.41
CA TYR D 262 20.54 -32.80 -32.76
C TYR D 262 21.10 -34.20 -32.91
N ILE D 263 22.15 -34.53 -32.15
CA ILE D 263 22.71 -35.87 -32.26
C ILE D 263 22.12 -36.79 -31.18
N LEU D 264 21.86 -36.27 -30.00
CA LEU D 264 21.44 -37.09 -28.88
C LEU D 264 20.03 -36.82 -28.38
N GLY D 265 19.24 -36.00 -29.06
CA GLY D 265 17.92 -35.69 -28.59
C GLY D 265 16.79 -36.40 -29.30
N TRP D 266 17.10 -37.27 -30.25
CA TRP D 266 16.11 -37.96 -31.05
C TRP D 266 16.34 -39.45 -30.95
N PRO D 267 15.31 -40.26 -31.19
CA PRO D 267 15.49 -41.71 -31.14
C PRO D 267 16.40 -42.19 -32.25
N ILE D 268 17.50 -42.83 -31.88
CA ILE D 268 18.42 -43.48 -32.81
C ILE D 268 18.23 -44.99 -32.64
N PRO D 269 17.58 -45.67 -33.58
CA PRO D 269 17.31 -47.10 -33.38
C PRO D 269 18.54 -47.99 -33.47
N TYR D 270 19.62 -47.53 -34.09
CA TYR D 270 20.76 -48.42 -34.31
C TYR D 270 21.49 -48.72 -33.02
N ILE D 271 21.57 -47.75 -32.10
CA ILE D 271 22.20 -47.96 -30.81
C ILE D 271 21.17 -48.09 -29.69
N ASN D 272 19.88 -48.17 -30.03
CA ASN D 272 18.80 -48.18 -29.06
C ASN D 272 18.88 -47.00 -28.11
N TRP D 273 19.12 -45.82 -28.67
CA TRP D 273 19.05 -44.58 -27.92
C TRP D 273 17.64 -44.03 -28.04
N ARG D 274 16.98 -43.84 -26.90
CA ARG D 274 15.60 -43.38 -26.94
C ARG D 274 15.47 -41.88 -27.10
N GLY D 275 16.55 -41.14 -27.01
CA GLY D 275 16.44 -39.71 -27.13
C GLY D 275 16.47 -39.03 -25.78
N LEU D 276 16.91 -37.78 -25.78
CA LEU D 276 16.95 -36.96 -24.57
C LEU D 276 16.63 -35.54 -24.95
N PRO D 277 15.35 -35.22 -25.13
CA PRO D 277 14.98 -33.85 -25.52
C PRO D 277 15.42 -32.80 -24.53
N ILE D 278 15.72 -33.16 -23.28
CA ILE D 278 16.11 -32.19 -22.27
C ILE D 278 17.45 -31.55 -22.54
N LEU D 279 18.20 -32.05 -23.52
CA LEU D 279 19.49 -31.47 -23.89
C LEU D 279 19.35 -30.16 -24.65
N ARG D 280 18.15 -29.76 -25.03
CA ARG D 280 17.91 -28.48 -25.66
C ARG D 280 17.61 -27.40 -24.63
N LEU D 281 17.82 -27.68 -23.36
CA LEU D 281 17.54 -26.71 -22.32
C LEU D 281 18.61 -25.66 -22.19
N ASN D 282 19.74 -25.81 -22.89
CA ASN D 282 20.73 -24.75 -22.92
C ASN D 282 20.27 -23.56 -23.74
N ARG D 283 19.28 -23.74 -24.60
CA ARG D 283 18.70 -22.61 -25.31
C ARG D 283 18.04 -21.61 -24.38
N LEU D 284 17.81 -21.99 -23.13
CA LEU D 284 17.11 -21.15 -22.17
C LEU D 284 18.04 -20.24 -21.40
N ILE D 285 19.32 -20.19 -21.78
CA ILE D 285 20.26 -19.28 -21.17
C ILE D 285 20.10 -17.85 -21.68
N ARG D 286 19.51 -17.67 -22.85
CA ARG D 286 19.34 -16.35 -23.44
C ARG D 286 18.12 -15.59 -22.91
N TYR D 287 17.97 -15.47 -21.60
CA TYR D 287 16.79 -14.83 -21.05
C TYR D 287 16.91 -13.32 -21.01
N LYS D 288 18.10 -12.77 -21.22
CA LYS D 288 18.27 -11.32 -21.12
C LYS D 288 17.59 -10.61 -22.27
N ARG D 289 17.64 -11.18 -23.47
CA ARG D 289 16.94 -10.58 -24.59
C ARG D 289 15.43 -10.58 -24.38
N VAL D 290 14.91 -11.61 -23.68
CA VAL D 290 13.49 -11.69 -23.39
C VAL D 290 13.09 -10.67 -22.32
N ARG D 291 13.89 -10.56 -21.26
CA ARG D 291 13.63 -9.56 -20.25
C ARG D 291 13.70 -8.16 -20.82
N ASN D 292 14.66 -7.93 -21.72
CA ASN D 292 14.76 -6.66 -22.43
C ASN D 292 13.51 -6.38 -23.24
N CYS D 293 13.03 -7.38 -24.00
CA CYS D 293 11.82 -7.17 -24.78
C CYS D 293 10.64 -6.82 -23.90
N LEU D 294 10.52 -7.45 -22.74
CA LEU D 294 9.35 -7.17 -21.89
C LEU D 294 9.48 -5.81 -21.21
N GLU D 295 10.69 -5.43 -20.78
CA GLU D 295 10.93 -4.10 -20.27
C GLU D 295 10.59 -3.04 -21.32
N ARG D 296 10.98 -3.27 -22.58
CA ARG D 296 10.68 -2.31 -23.62
C ARG D 296 9.20 -2.29 -23.98
N THR D 297 8.52 -3.43 -23.85
CA THR D 297 7.10 -3.46 -24.14
C THR D 297 6.30 -2.75 -23.06
N GLU D 298 6.80 -2.74 -21.82
CA GLU D 298 6.10 -2.02 -20.77
C GLU D 298 6.17 -0.52 -20.97
N THR D 299 7.31 0.00 -21.44
CA THR D 299 7.45 1.44 -21.63
C THR D 299 6.66 1.92 -22.83
N ARG D 300 6.64 1.14 -23.91
CA ARG D 300 5.82 1.49 -25.07
C ARG D 300 4.35 1.29 -24.83
N SER D 301 3.95 0.80 -23.66
CA SER D 301 2.56 0.43 -23.45
C SER D 301 1.73 1.62 -22.99
N SER D 302 0.50 1.68 -23.48
CA SER D 302 -0.48 2.64 -23.01
C SER D 302 -1.18 2.17 -21.74
N MET D 303 -0.91 0.94 -21.30
CA MET D 303 -1.51 0.38 -20.09
C MET D 303 -0.43 -0.34 -19.29
N PRO D 304 0.50 0.42 -18.70
CA PRO D 304 1.68 -0.23 -18.10
C PRO D 304 1.39 -1.02 -16.82
N ASN D 305 0.35 -0.67 -16.06
CA ASN D 305 -0.03 -1.47 -14.91
C ASN D 305 -0.66 -2.79 -15.35
N ALA D 306 -1.62 -2.70 -16.28
CA ALA D 306 -2.27 -3.88 -16.82
C ALA D 306 -1.25 -4.83 -17.44
N PHE D 307 -0.30 -4.29 -18.21
CA PHE D 307 0.69 -5.13 -18.87
C PHE D 307 1.55 -5.86 -17.84
N ARG D 308 1.90 -5.19 -16.75
CA ARG D 308 2.70 -5.83 -15.71
C ARG D 308 1.94 -7.00 -15.08
N VAL D 309 0.66 -6.80 -14.78
CA VAL D 309 -0.15 -7.90 -14.25
C VAL D 309 -0.26 -9.04 -15.27
N VAL D 310 -0.40 -8.69 -16.56
CA VAL D 310 -0.52 -9.71 -17.60
C VAL D 310 0.75 -10.54 -17.71
N VAL D 311 1.90 -9.90 -17.58
CA VAL D 311 3.16 -10.62 -17.68
C VAL D 311 3.35 -11.55 -16.48
N VAL D 312 2.92 -11.12 -15.30
CA VAL D 312 2.98 -12.01 -14.14
C VAL D 312 2.05 -13.20 -14.33
N VAL D 313 0.88 -12.98 -14.92
CA VAL D 313 -0.05 -14.08 -15.19
C VAL D 313 0.55 -15.06 -16.20
N TRP D 314 1.23 -14.56 -17.22
CA TRP D 314 1.94 -15.42 -18.16
C TRP D 314 3.01 -16.24 -17.46
N TYR D 315 3.74 -15.64 -16.53
CA TYR D 315 4.73 -16.38 -15.76
C TYR D 315 4.08 -17.51 -14.97
N ILE D 316 2.93 -17.24 -14.36
CA ILE D 316 2.24 -18.25 -13.57
C ILE D 316 1.77 -19.39 -14.44
N VAL D 317 1.31 -19.09 -15.66
CA VAL D 317 0.83 -20.15 -16.55
C VAL D 317 1.97 -21.07 -16.98
N ILE D 318 3.15 -20.51 -17.21
CA ILE D 318 4.32 -21.30 -17.59
C ILE D 318 4.81 -22.13 -16.42
N ILE D 319 4.76 -21.57 -15.21
CA ILE D 319 5.07 -22.36 -14.02
C ILE D 319 4.10 -23.51 -13.87
N ILE D 320 2.80 -23.27 -14.11
CA ILE D 320 1.81 -24.35 -14.03
C ILE D 320 2.08 -25.42 -15.08
N HIS D 321 2.53 -25.03 -16.26
CA HIS D 321 2.89 -26.01 -17.30
C HIS D 321 4.09 -26.86 -16.88
N TRP D 322 5.13 -26.23 -16.35
CA TRP D 322 6.30 -26.97 -15.91
C TRP D 322 5.98 -27.87 -14.73
N ASN D 323 5.08 -27.44 -13.86
CA ASN D 323 4.69 -28.25 -12.72
C ASN D 323 3.73 -29.36 -13.13
N ALA D 324 3.00 -29.19 -14.22
CA ALA D 324 2.23 -30.28 -14.81
C ALA D 324 3.14 -31.37 -15.34
N CYS D 325 4.20 -30.97 -16.03
CA CYS D 325 5.19 -31.92 -16.50
C CYS D 325 5.90 -32.59 -15.34
N LEU D 326 6.15 -31.86 -14.26
CA LEU D 326 6.76 -32.44 -13.07
C LEU D 326 5.84 -33.46 -12.40
N TYR D 327 4.55 -33.12 -12.25
CA TYR D 327 3.59 -34.07 -11.70
C TYR D 327 3.55 -35.34 -12.52
N PHE D 328 3.51 -35.23 -13.85
CA PHE D 328 3.41 -36.45 -14.64
C PHE D 328 4.72 -37.24 -14.63
N TRP D 329 5.86 -36.56 -14.59
CA TRP D 329 7.13 -37.27 -14.51
C TRP D 329 7.26 -38.01 -13.19
N ILE D 330 6.82 -37.40 -12.09
CA ILE D 330 6.85 -38.08 -10.80
C ILE D 330 5.86 -39.24 -10.78
N SER D 331 4.70 -39.07 -11.40
CA SER D 331 3.73 -40.15 -11.48
C SER D 331 4.27 -41.33 -12.27
N GLU D 332 4.98 -41.05 -13.36
CA GLU D 332 5.51 -42.11 -14.19
C GLU D 332 6.72 -42.78 -13.54
N TRP D 333 7.47 -42.04 -12.73
CA TRP D 333 8.61 -42.62 -12.03
C TRP D 333 8.17 -43.50 -10.87
N ILE D 334 7.12 -43.11 -10.16
CA ILE D 334 6.53 -43.96 -9.14
C ILE D 334 5.86 -45.17 -9.77
N GLY D 335 5.22 -44.99 -10.92
CA GLY D 335 4.55 -46.03 -11.68
C GLY D 335 3.11 -45.60 -11.86
N LEU D 336 2.65 -45.62 -13.10
CA LEU D 336 1.30 -45.16 -13.39
C LEU D 336 0.29 -46.19 -12.93
N GLY D 337 -0.73 -45.74 -12.21
CA GLY D 337 -1.78 -46.61 -11.72
C GLY D 337 -1.45 -47.41 -10.51
N THR D 338 -0.40 -47.06 -9.77
CA THR D 338 0.02 -47.84 -8.62
C THR D 338 -0.64 -47.38 -7.32
N ASP D 339 -1.05 -46.13 -7.22
CA ASP D 339 -1.86 -45.69 -6.11
C ASP D 339 -2.91 -44.72 -6.63
N ALA D 340 -3.65 -44.12 -5.72
CA ALA D 340 -4.77 -43.26 -6.06
C ALA D 340 -4.37 -41.81 -6.21
N TRP D 341 -3.09 -41.50 -6.17
CA TRP D 341 -2.59 -40.15 -6.35
C TRP D 341 -1.93 -39.93 -7.70
N VAL D 342 -1.22 -40.93 -8.20
CA VAL D 342 -0.60 -40.80 -9.51
C VAL D 342 -1.66 -40.92 -10.60
N TYR D 343 -1.35 -40.33 -11.76
CA TYR D 343 -2.18 -40.52 -12.94
C TYR D 343 -2.29 -42.01 -13.22
N GLY D 344 -3.50 -42.47 -13.48
CA GLY D 344 -3.71 -43.87 -13.76
C GLY D 344 -5.13 -44.28 -13.44
N HIS D 345 -5.34 -45.59 -13.44
CA HIS D 345 -6.68 -46.14 -13.34
C HIS D 345 -7.18 -46.21 -11.91
N LEU D 346 -6.30 -46.12 -10.91
CA LEU D 346 -6.72 -46.06 -9.52
C LEU D 346 -7.03 -44.65 -9.08
N ASN D 347 -6.57 -43.65 -9.81
CA ASN D 347 -6.97 -42.27 -9.63
C ASN D 347 -8.22 -42.10 -10.48
N LYS D 348 -9.37 -42.03 -9.83
CA LYS D 348 -10.67 -41.96 -10.49
C LYS D 348 -11.05 -40.56 -10.89
N GLN D 349 -10.23 -39.57 -10.56
CA GLN D 349 -10.34 -38.26 -11.17
C GLN D 349 -9.53 -38.19 -12.46
N SER D 350 -8.38 -38.87 -12.51
CA SER D 350 -7.62 -39.02 -13.74
C SER D 350 -8.47 -39.67 -14.81
N LEU D 351 -8.93 -40.88 -14.53
CA LEU D 351 -9.62 -41.72 -15.50
C LEU D 351 -10.98 -42.09 -14.91
N PRO D 352 -11.98 -41.26 -15.08
CA PRO D 352 -13.34 -41.63 -14.69
C PRO D 352 -13.93 -42.70 -15.59
N ASP D 353 -15.24 -42.89 -15.48
CA ASP D 353 -15.90 -44.05 -16.06
C ASP D 353 -15.61 -44.19 -17.55
N ASP D 354 -16.10 -43.28 -18.37
CA ASP D 354 -16.07 -43.51 -19.81
C ASP D 354 -14.99 -42.69 -20.49
N ILE D 355 -13.86 -42.52 -19.84
CA ILE D 355 -12.79 -41.65 -20.28
C ILE D 355 -11.63 -42.51 -20.77
N THR D 356 -11.04 -42.11 -21.89
CA THR D 356 -9.96 -42.84 -22.53
C THR D 356 -8.61 -42.28 -22.10
N ASP D 357 -7.62 -43.16 -21.96
CA ASP D 357 -6.26 -42.77 -21.64
C ASP D 357 -5.54 -42.40 -22.92
N THR D 358 -5.36 -41.11 -23.15
CA THR D 358 -4.68 -40.60 -24.33
C THR D 358 -3.61 -39.62 -23.89
N LEU D 359 -2.79 -39.19 -24.84
CA LEU D 359 -1.80 -38.16 -24.56
C LEU D 359 -2.45 -36.84 -24.18
N LEU D 360 -3.54 -36.49 -24.85
CA LEU D 360 -4.31 -35.30 -24.48
C LEU D 360 -4.86 -35.42 -23.06
N ARG D 361 -5.35 -36.60 -22.68
CA ARG D 361 -5.87 -36.75 -21.32
C ARG D 361 -4.78 -36.62 -20.28
N ARG D 362 -3.61 -37.21 -20.53
CA ARG D 362 -2.50 -37.09 -19.59
C ARG D 362 -2.10 -35.64 -19.38
N TYR D 363 -1.98 -34.88 -20.47
CA TYR D 363 -1.61 -33.49 -20.31
C TYR D 363 -2.72 -32.67 -19.66
N VAL D 364 -3.97 -32.92 -20.05
CA VAL D 364 -5.10 -32.15 -19.53
C VAL D 364 -5.25 -32.37 -18.02
N TYR D 365 -5.15 -33.62 -17.60
CA TYR D 365 -5.27 -33.89 -16.17
C TYR D 365 -4.09 -33.34 -15.40
N SER D 366 -2.87 -33.46 -15.93
CA SER D 366 -1.72 -32.93 -15.20
C SER D 366 -1.79 -31.42 -15.08
N PHE D 367 -2.28 -30.74 -16.12
CA PHE D 367 -2.42 -29.29 -16.06
C PHE D 367 -3.50 -28.88 -15.05
N TYR D 368 -4.61 -29.60 -15.00
CA TYR D 368 -5.63 -29.29 -14.00
C TYR D 368 -5.14 -29.55 -12.58
N TRP D 369 -4.46 -30.68 -12.37
CA TRP D 369 -3.86 -30.97 -11.08
C TRP D 369 -2.94 -29.84 -10.64
N SER D 370 -2.06 -29.40 -11.53
CA SER D 370 -1.08 -28.39 -11.19
C SER D 370 -1.74 -27.03 -10.95
N THR D 371 -2.80 -26.73 -11.68
CA THR D 371 -3.54 -25.50 -11.43
C THR D 371 -4.19 -25.52 -10.06
N LEU D 372 -4.77 -26.65 -9.65
CA LEU D 372 -5.42 -26.70 -8.36
C LEU D 372 -4.43 -26.72 -7.22
N ILE D 373 -3.23 -27.22 -7.44
CA ILE D 373 -2.24 -27.26 -6.38
C ILE D 373 -1.53 -25.92 -6.23
N LEU D 374 -1.18 -25.27 -7.33
CA LEU D 374 -0.42 -24.03 -7.24
C LEU D 374 -1.30 -22.81 -7.01
N THR D 375 -2.62 -22.94 -7.09
CA THR D 375 -3.53 -21.91 -6.64
C THR D 375 -4.08 -22.20 -5.27
N THR D 376 -3.61 -23.28 -4.63
CA THR D 376 -3.98 -23.71 -3.28
C THR D 376 -5.48 -23.97 -3.15
N ILE D 377 -6.10 -24.44 -4.21
CA ILE D 377 -7.48 -24.89 -4.14
C ILE D 377 -7.53 -26.32 -3.59
N GLY D 378 -6.71 -27.20 -4.12
CA GLY D 378 -6.45 -28.49 -3.52
C GLY D 378 -7.57 -29.49 -3.61
N GLU D 379 -8.40 -29.42 -4.63
CA GLU D 379 -9.47 -30.39 -4.81
C GLU D 379 -9.03 -31.57 -5.66
N VAL D 380 -7.95 -32.20 -5.24
CA VAL D 380 -7.34 -33.33 -5.94
C VAL D 380 -7.14 -34.44 -4.91
N PRO D 381 -6.90 -35.66 -5.36
CA PRO D 381 -6.64 -36.75 -4.41
C PRO D 381 -5.47 -36.45 -3.49
N SER D 382 -5.60 -36.92 -2.25
CA SER D 382 -4.54 -36.76 -1.27
C SER D 382 -3.37 -37.69 -1.60
N PRO D 383 -2.16 -37.34 -1.20
CA PRO D 383 -1.02 -38.23 -1.43
C PRO D 383 -1.18 -39.51 -0.63
N VAL D 384 -0.42 -40.52 -1.04
CA VAL D 384 -0.51 -41.85 -0.44
C VAL D 384 0.81 -42.25 0.20
N ARG D 385 1.91 -42.04 -0.50
CA ARG D 385 3.24 -42.42 -0.04
C ARG D 385 3.99 -41.23 0.52
N ASN D 386 5.08 -41.51 1.23
CA ASN D 386 5.84 -40.45 1.88
C ASN D 386 6.46 -39.52 0.85
N ILE D 387 6.88 -40.06 -0.28
CA ILE D 387 7.50 -39.23 -1.32
C ILE D 387 6.47 -38.31 -1.96
N GLU D 388 5.24 -38.80 -2.11
CA GLU D 388 4.17 -37.96 -2.62
C GLU D 388 3.78 -36.89 -1.61
N TYR D 389 3.79 -37.23 -0.33
CA TYR D 389 3.55 -36.25 0.72
C TYR D 389 4.58 -35.14 0.68
N ALA D 390 5.85 -35.50 0.53
CA ALA D 390 6.92 -34.50 0.44
C ALA D 390 6.72 -33.59 -0.77
N PHE D 391 6.51 -34.18 -1.94
CA PHE D 391 6.29 -33.39 -3.15
C PHE D 391 5.10 -32.45 -2.98
N VAL D 392 3.98 -32.93 -2.44
CA VAL D 392 2.78 -32.13 -2.39
C VAL D 392 2.91 -31.04 -1.31
N THR D 393 3.56 -31.33 -0.20
CA THR D 393 3.78 -30.29 0.81
C THR D 393 4.60 -29.16 0.23
N LEU D 394 5.71 -29.49 -0.44
CA LEU D 394 6.53 -28.47 -1.07
C LEU D 394 5.76 -27.70 -2.14
N ASP D 395 4.99 -28.40 -2.95
CA ASP D 395 4.22 -27.80 -4.03
C ASP D 395 3.15 -26.85 -3.49
N LEU D 396 2.49 -27.22 -2.40
CA LEU D 396 1.46 -26.36 -1.83
C LEU D 396 2.07 -25.14 -1.16
N MET D 397 3.28 -25.25 -0.62
CA MET D 397 3.92 -24.05 -0.09
C MET D 397 4.33 -23.10 -1.21
N CYS D 398 4.86 -23.63 -2.31
CA CYS D 398 5.08 -22.83 -3.51
C CYS D 398 3.79 -22.19 -4.00
N GLY D 399 2.67 -22.91 -3.93
CA GLY D 399 1.41 -22.35 -4.39
C GLY D 399 0.88 -21.25 -3.51
N VAL D 400 1.11 -21.36 -2.20
CA VAL D 400 0.81 -20.26 -1.28
C VAL D 400 1.57 -19.00 -1.69
N LEU D 401 2.87 -19.15 -1.99
CA LEU D 401 3.66 -17.99 -2.41
C LEU D 401 3.20 -17.45 -3.76
N ILE D 402 2.80 -18.32 -4.69
CA ILE D 402 2.32 -17.90 -6.00
C ILE D 402 1.03 -17.10 -5.88
N VAL D 403 0.12 -17.54 -5.01
CA VAL D 403 -1.13 -16.81 -4.84
C VAL D 403 -0.86 -15.46 -4.18
N ALA D 404 0.05 -15.42 -3.22
CA ALA D 404 0.41 -14.14 -2.61
C ALA D 404 1.05 -13.20 -3.63
N THR D 405 1.78 -13.75 -4.60
CA THR D 405 2.38 -12.93 -5.65
C THR D 405 1.33 -12.35 -6.59
N ILE D 406 0.37 -13.17 -7.02
CA ILE D 406 -0.72 -12.66 -7.85
C ILE D 406 -1.49 -11.57 -7.12
N ALA D 407 -1.82 -11.82 -5.86
CA ALA D 407 -2.58 -10.85 -5.08
C ALA D 407 -1.79 -9.57 -4.88
N GLY D 408 -0.47 -9.67 -4.67
CA GLY D 408 0.33 -8.48 -4.48
C GLY D 408 0.44 -7.63 -5.72
N ASN D 409 0.56 -8.27 -6.88
CA ASN D 409 0.63 -7.51 -8.12
C ASN D 409 -0.70 -6.86 -8.45
N VAL D 410 -1.81 -7.58 -8.24
CA VAL D 410 -3.12 -6.98 -8.51
C VAL D 410 -3.40 -5.85 -7.54
N GLY D 411 -3.07 -6.02 -6.26
CA GLY D 411 -3.31 -4.97 -5.29
C GLY D 411 -2.45 -3.75 -5.50
N SER D 412 -1.21 -3.95 -5.95
CA SER D 412 -0.35 -2.85 -6.33
C SER D 412 -0.93 -2.07 -7.50
N MET D 413 -1.38 -2.78 -8.54
CA MET D 413 -2.02 -2.09 -9.67
C MET D 413 -3.26 -1.34 -9.25
N ILE D 414 -4.08 -1.93 -8.38
CA ILE D 414 -5.32 -1.28 -7.97
C ILE D 414 -5.03 -0.03 -7.16
N SER D 415 -4.02 -0.08 -6.30
CA SER D 415 -3.71 1.11 -5.51
C SER D 415 -3.01 2.18 -6.33
N ASN D 416 -2.30 1.80 -7.39
CA ASN D 416 -1.67 2.81 -8.24
C ASN D 416 -2.70 3.54 -9.09
N MET D 417 -3.74 2.84 -9.53
CA MET D 417 -4.69 3.44 -10.45
C MET D 417 -5.78 4.23 -9.74
N SER D 418 -5.76 4.30 -8.41
CA SER D 418 -6.70 5.11 -7.67
C SER D 418 -6.00 6.10 -6.76
N ALA D 419 -4.72 6.38 -7.02
CA ALA D 419 -3.94 7.25 -6.15
C ALA D 419 -4.31 8.71 -6.34
N ALA D 420 -4.64 9.11 -7.57
CA ALA D 420 -4.95 10.51 -7.86
C ALA D 420 -6.31 10.88 -7.28
N ARG D 421 -7.30 10.01 -7.43
CA ARG D 421 -8.60 10.26 -6.83
C ARG D 421 -8.50 10.32 -5.31
N THR D 422 -7.62 9.50 -4.73
CA THR D 422 -7.42 9.52 -3.29
C THR D 422 -6.79 10.82 -2.84
N GLU D 423 -5.79 11.31 -3.57
CA GLU D 423 -5.16 12.58 -3.23
C GLU D 423 -6.16 13.73 -3.34
N PHE D 424 -6.96 13.74 -4.39
CA PHE D 424 -7.99 14.75 -4.55
C PHE D 424 -8.98 14.72 -3.39
N GLN D 425 -9.41 13.53 -2.98
CA GLN D 425 -10.37 13.43 -1.90
C GLN D 425 -9.76 13.87 -0.57
N ASN D 426 -8.46 13.61 -0.38
CA ASN D 426 -7.78 14.11 0.80
C ASN D 426 -7.80 15.63 0.85
N LYS D 427 -7.46 16.28 -0.27
CA LYS D 427 -7.49 17.74 -0.30
C LYS D 427 -8.88 18.29 -0.06
N MET D 428 -9.89 17.69 -0.69
CA MET D 428 -11.26 18.15 -0.48
C MET D 428 -11.70 17.99 0.96
N ASP D 429 -11.33 16.87 1.59
CA ASP D 429 -11.66 16.66 3.00
C ASP D 429 -11.00 17.70 3.88
N GLY D 430 -9.73 18.00 3.62
CA GLY D 430 -9.06 19.05 4.39
C GLY D 430 -9.74 20.39 4.26
N ILE D 431 -10.15 20.75 3.04
CA ILE D 431 -10.83 22.03 2.83
C ILE D 431 -12.14 22.07 3.61
N LYS D 432 -12.92 20.99 3.54
CA LYS D 432 -14.22 20.99 4.23
C LYS D 432 -14.03 21.04 5.74
N GLN D 433 -13.02 20.33 6.24
CA GLN D 433 -12.67 20.40 7.66
C GLN D 433 -12.37 21.83 8.07
N TYR D 434 -11.52 22.51 7.30
CA TYR D 434 -11.19 23.90 7.60
C TYR D 434 -12.45 24.76 7.61
N MET D 435 -13.28 24.64 6.58
CA MET D 435 -14.42 25.54 6.47
C MET D 435 -15.45 25.26 7.56
N GLU D 436 -15.44 24.04 8.13
CA GLU D 436 -16.28 23.78 9.29
C GLU D 436 -15.71 24.41 10.54
N LEU D 437 -14.41 24.23 10.77
CA LEU D 437 -13.80 24.76 11.98
C LEU D 437 -13.89 26.27 12.05
N ARG D 438 -13.69 26.96 10.92
CA ARG D 438 -13.65 28.41 10.89
C ARG D 438 -14.99 29.05 10.53
N LYS D 439 -16.04 28.25 10.43
CA LYS D 439 -17.42 28.75 10.34
C LYS D 439 -17.63 29.63 9.12
N VAL D 440 -17.40 29.05 7.96
CA VAL D 440 -17.64 29.71 6.68
C VAL D 440 -19.10 29.47 6.30
N SER D 441 -19.64 30.35 5.47
CA SER D 441 -21.03 30.23 5.03
C SER D 441 -21.24 28.91 4.27
N LYS D 442 -22.50 28.55 4.11
CA LYS D 442 -22.84 27.42 3.24
C LYS D 442 -22.71 27.80 1.78
N GLN D 443 -22.99 29.06 1.44
CA GLN D 443 -22.93 29.48 0.04
C GLN D 443 -21.50 29.47 -0.48
N LEU D 444 -20.57 30.07 0.28
CA LEU D 444 -19.18 30.03 -0.14
C LEU D 444 -18.65 28.59 -0.14
N GLU D 445 -19.14 27.76 0.77
CA GLU D 445 -18.71 26.37 0.81
C GLU D 445 -19.15 25.63 -0.44
N ILE D 446 -20.39 25.82 -0.88
CA ILE D 446 -20.80 25.13 -2.09
C ILE D 446 -20.10 25.71 -3.31
N ARG D 447 -19.73 27.00 -3.26
CA ARG D 447 -18.94 27.57 -4.35
C ARG D 447 -17.55 26.95 -4.42
N VAL D 448 -16.91 26.79 -3.27
CA VAL D 448 -15.59 26.16 -3.23
C VAL D 448 -15.67 24.73 -3.76
N ILE D 449 -16.70 24.01 -3.36
CA ILE D 449 -16.81 22.61 -3.77
C ILE D 449 -17.13 22.50 -5.26
N LYS D 450 -17.96 23.41 -5.79
CA LYS D 450 -18.21 23.42 -7.22
C LYS D 450 -16.93 23.67 -8.00
N TRP D 451 -16.12 24.64 -7.57
CA TRP D 451 -14.90 24.94 -8.32
C TRP D 451 -13.91 23.79 -8.23
N PHE D 452 -13.80 23.17 -7.07
CA PHE D 452 -12.87 22.04 -6.93
C PHE D 452 -13.32 20.85 -7.74
N ASP D 453 -14.62 20.57 -7.77
CA ASP D 453 -15.14 19.49 -8.61
C ASP D 453 -14.92 19.77 -10.08
N TYR D 454 -15.09 21.02 -10.51
CA TYR D 454 -14.77 21.36 -11.90
C TYR D 454 -13.31 21.10 -12.21
N LEU D 455 -12.41 21.54 -11.33
CA LEU D 455 -10.98 21.34 -11.58
C LEU D 455 -10.64 19.86 -11.63
N TRP D 456 -11.39 19.03 -10.90
CA TRP D 456 -11.20 17.59 -11.00
C TRP D 456 -11.69 17.07 -12.35
N THR D 457 -12.97 17.25 -12.64
CA THR D 457 -13.51 16.63 -13.85
C THR D 457 -13.05 17.31 -15.14
N ASN D 458 -12.02 18.14 -15.10
CA ASN D 458 -11.46 18.74 -16.30
C ASN D 458 -9.95 18.63 -16.35
N LYS D 459 -9.33 17.96 -15.38
CA LYS D 459 -7.91 17.61 -15.41
C LYS D 459 -7.03 18.84 -15.63
N GLN D 460 -7.02 19.73 -14.64
CA GLN D 460 -6.23 20.94 -14.73
C GLN D 460 -5.06 21.00 -13.75
N SER D 461 -5.24 20.52 -12.52
CA SER D 461 -4.16 20.33 -11.55
C SER D 461 -3.62 21.62 -10.98
N LEU D 462 -4.03 22.76 -11.53
CA LEU D 462 -3.72 24.09 -10.99
C LEU D 462 -2.23 24.32 -10.79
N SER D 463 -1.37 23.60 -11.51
CA SER D 463 0.07 23.74 -11.33
C SER D 463 0.79 23.53 -12.66
N ASP D 464 1.83 24.32 -12.88
CA ASP D 464 2.81 24.10 -13.94
C ASP D 464 4.07 23.43 -13.40
N GLN D 465 4.04 22.97 -12.16
CA GLN D 465 5.16 22.25 -11.57
C GLN D 465 5.37 20.88 -12.21
N GLN D 466 4.32 20.33 -12.84
CA GLN D 466 4.49 19.13 -13.64
C GLN D 466 5.67 19.27 -14.59
N VAL D 467 5.63 20.28 -15.44
CA VAL D 467 6.74 20.57 -16.34
C VAL D 467 7.92 21.14 -15.58
N LEU D 468 7.66 22.00 -14.59
CA LEU D 468 8.73 22.75 -13.95
C LEU D 468 9.77 21.83 -13.34
N LYS D 469 9.37 20.99 -12.40
CA LYS D 469 10.38 20.29 -11.62
C LYS D 469 11.17 19.32 -12.46
N VAL D 470 10.50 18.38 -13.12
CA VAL D 470 11.15 17.14 -13.53
C VAL D 470 11.87 17.21 -14.86
N LEU D 471 11.69 18.27 -15.62
CA LEU D 471 12.36 18.34 -16.91
C LEU D 471 13.63 19.17 -16.79
N PRO D 472 14.58 18.97 -17.70
CA PRO D 472 15.74 19.87 -17.75
C PRO D 472 15.36 21.23 -18.32
N ASP D 473 16.11 22.24 -17.88
CA ASP D 473 15.80 23.62 -18.21
C ASP D 473 15.72 23.88 -19.70
N LYS D 474 16.44 23.10 -20.49
CA LYS D 474 16.33 23.24 -21.95
C LYS D 474 14.92 22.91 -22.41
N LEU D 475 14.38 21.78 -21.96
CA LEU D 475 13.03 21.40 -22.36
C LEU D 475 11.99 22.35 -21.78
N GLN D 476 12.19 22.81 -20.55
CA GLN D 476 11.27 23.77 -19.96
C GLN D 476 11.23 25.05 -20.77
N ALA D 477 12.39 25.56 -21.17
CA ALA D 477 12.43 26.78 -21.97
C ALA D 477 11.78 26.57 -23.32
N GLU D 478 12.01 25.41 -23.95
CA GLU D 478 11.40 25.17 -25.26
C GLU D 478 9.89 25.06 -25.15
N ILE D 479 9.40 24.35 -24.15
CA ILE D 479 7.95 24.23 -23.96
C ILE D 479 7.34 25.57 -23.67
N ALA D 480 7.98 26.39 -22.84
CA ALA D 480 7.44 27.70 -22.52
C ALA D 480 7.46 28.63 -23.73
N MET D 481 8.50 28.53 -24.56
CA MET D 481 8.57 29.38 -25.74
C MET D 481 7.54 28.97 -26.77
N GLN D 482 7.22 27.68 -26.83
CA GLN D 482 6.21 27.25 -27.80
C GLN D 482 4.80 27.65 -27.38
N VAL D 483 4.56 27.83 -26.09
CA VAL D 483 3.23 28.15 -25.60
C VAL D 483 2.98 29.65 -25.55
N HIS D 484 3.99 30.44 -25.18
CA HIS D 484 3.77 31.82 -24.80
C HIS D 484 4.40 32.85 -25.73
N PHE D 485 5.35 32.47 -26.59
CA PHE D 485 6.17 33.48 -27.25
C PHE D 485 5.39 34.26 -28.30
N GLU D 486 4.64 33.58 -29.16
CA GLU D 486 3.91 34.29 -30.20
C GLU D 486 2.82 35.17 -29.61
N THR D 487 2.19 34.72 -28.53
CA THR D 487 1.23 35.57 -27.84
C THR D 487 1.91 36.79 -27.24
N LEU D 488 3.12 36.61 -26.70
CA LEU D 488 3.81 37.70 -26.03
C LEU D 488 4.43 38.70 -27.00
N ARG D 489 4.70 38.29 -28.24
CA ARG D 489 5.33 39.18 -29.19
C ARG D 489 4.36 40.14 -29.86
N LYS D 490 3.06 39.96 -29.64
CA LYS D 490 2.04 40.83 -30.21
C LYS D 490 1.38 41.73 -29.15
N VAL D 491 2.10 42.04 -28.07
CA VAL D 491 1.49 42.70 -26.91
C VAL D 491 1.48 44.22 -27.04
N ARG D 492 2.07 44.77 -28.09
CA ARG D 492 2.06 46.18 -28.47
C ARG D 492 3.04 47.02 -27.64
N ILE D 493 3.65 46.46 -26.60
CA ILE D 493 4.85 47.05 -26.02
C ILE D 493 6.06 46.16 -26.19
N PHE D 494 5.87 44.90 -26.56
CA PHE D 494 6.95 43.95 -26.81
C PHE D 494 7.15 43.71 -28.30
N GLN D 495 6.50 44.49 -29.16
CA GLN D 495 6.61 44.26 -30.60
C GLN D 495 7.95 44.69 -31.16
N ASP D 496 8.72 45.51 -30.44
CA ASP D 496 9.99 46.02 -30.91
C ASP D 496 11.09 45.74 -29.89
N CYS D 497 11.16 44.50 -29.43
CA CYS D 497 12.17 44.09 -28.47
C CYS D 497 12.97 42.93 -29.04
N GLU D 498 14.09 42.63 -28.40
CA GLU D 498 14.89 41.48 -28.77
C GLU D 498 14.31 40.21 -28.17
N ALA D 499 14.45 39.10 -28.90
CA ALA D 499 13.84 37.85 -28.50
C ALA D 499 14.35 37.33 -27.17
N GLY D 500 15.54 37.75 -26.73
CA GLY D 500 16.06 37.27 -25.46
C GLY D 500 15.23 37.74 -24.28
N LEU D 501 14.86 39.02 -24.30
CA LEU D 501 13.97 39.54 -23.26
C LEU D 501 12.67 38.75 -23.21
N LEU D 502 12.08 38.50 -24.38
CA LEU D 502 10.81 37.77 -24.41
C LEU D 502 10.97 36.33 -23.96
N ALA D 503 12.12 35.71 -24.21
CA ALA D 503 12.36 34.38 -23.69
C ALA D 503 12.39 34.40 -22.16
N GLU D 504 13.12 35.35 -21.59
CA GLU D 504 13.15 35.47 -20.13
C GLU D 504 11.75 35.73 -19.58
N LEU D 505 10.93 36.49 -20.32
CA LEU D 505 9.59 36.80 -19.83
C LEU D 505 8.66 35.60 -19.92
N VAL D 506 8.66 34.89 -21.05
CA VAL D 506 7.79 33.71 -21.16
C VAL D 506 8.18 32.68 -20.12
N LEU D 507 9.40 32.77 -19.59
CA LEU D 507 9.70 31.92 -18.44
C LEU D 507 8.92 32.32 -17.20
N LYS D 508 8.72 33.62 -16.98
CA LYS D 508 8.08 34.14 -15.77
C LYS D 508 6.64 34.56 -16.05
N LEU D 509 5.77 33.57 -16.22
CA LEU D 509 4.34 33.81 -16.41
C LEU D 509 3.58 32.87 -15.49
N GLN D 510 2.61 33.41 -14.76
CA GLN D 510 1.90 32.66 -13.74
C GLN D 510 0.45 32.46 -14.17
N LEU D 511 -0.05 31.25 -14.01
CA LEU D 511 -1.43 30.95 -14.31
C LEU D 511 -2.31 31.37 -13.15
N GLN D 512 -3.43 32.01 -13.48
CA GLN D 512 -4.48 32.30 -12.52
C GLN D 512 -5.81 31.91 -13.15
N VAL D 513 -6.63 31.20 -12.41
CA VAL D 513 -7.92 30.71 -12.91
C VAL D 513 -9.04 31.44 -12.21
N PHE D 514 -10.12 31.69 -12.93
CA PHE D 514 -11.29 32.37 -12.41
C PHE D 514 -12.54 31.58 -12.80
N SER D 515 -13.58 31.72 -11.99
CA SER D 515 -14.84 31.04 -12.20
C SER D 515 -15.84 31.99 -12.82
N PRO D 516 -17.01 31.51 -13.24
CA PRO D 516 -17.98 32.40 -13.88
C PRO D 516 -18.40 33.54 -12.97
N GLY D 517 -18.36 34.76 -13.51
CA GLY D 517 -18.79 35.93 -12.80
C GLY D 517 -17.78 36.56 -11.88
N ASP D 518 -16.64 35.91 -11.66
CA ASP D 518 -15.60 36.48 -10.82
C ASP D 518 -15.04 37.73 -11.45
N PHE D 519 -14.68 38.71 -10.61
CA PHE D 519 -14.08 39.94 -11.07
C PHE D 519 -12.56 39.79 -11.09
N ILE D 520 -11.96 40.05 -12.24
CA ILE D 520 -10.50 40.07 -12.32
C ILE D 520 -9.95 41.28 -11.58
N CYS D 521 -10.61 42.43 -11.73
CA CYS D 521 -10.18 43.67 -11.14
C CYS D 521 -11.38 44.60 -11.08
N LYS D 522 -11.29 45.62 -10.24
CA LYS D 522 -12.35 46.60 -10.11
C LYS D 522 -11.76 48.00 -10.12
N LYS D 523 -12.64 48.98 -10.27
CA LYS D 523 -12.21 50.37 -10.39
C LYS D 523 -11.51 50.82 -9.12
N GLY D 524 -10.42 51.56 -9.29
CA GLY D 524 -9.66 52.07 -8.16
C GLY D 524 -9.05 50.98 -7.30
N ASP D 525 -8.41 50.02 -7.95
CA ASP D 525 -7.73 48.92 -7.29
C ASP D 525 -6.25 49.00 -7.64
N ILE D 526 -5.40 48.40 -6.80
CA ILE D 526 -3.97 48.46 -7.05
C ILE D 526 -3.65 47.60 -8.27
N GLY D 527 -3.09 48.23 -9.29
CA GLY D 527 -2.81 47.53 -10.53
C GLY D 527 -1.32 47.35 -10.78
N ARG D 528 -0.85 46.12 -10.69
CA ARG D 528 0.57 45.82 -10.75
C ARG D 528 0.83 44.59 -11.60
N GLU D 529 0.02 44.38 -12.64
CA GLU D 529 0.04 43.13 -13.39
C GLU D 529 -0.42 43.36 -14.82
N MET D 530 -0.18 42.37 -15.64
CA MET D 530 -0.69 42.31 -17.00
C MET D 530 -1.31 40.95 -17.22
N TYR D 531 -2.47 40.91 -17.86
CA TYR D 531 -3.23 39.66 -18.03
C TYR D 531 -3.29 39.30 -19.50
N ILE D 532 -3.10 38.03 -19.80
CA ILE D 532 -3.25 37.48 -21.13
C ILE D 532 -4.35 36.42 -21.08
N VAL D 533 -5.37 36.58 -21.91
CA VAL D 533 -6.52 35.68 -21.86
C VAL D 533 -6.19 34.42 -22.65
N LYS D 534 -6.04 33.31 -21.94
CA LYS D 534 -5.98 31.99 -22.53
C LYS D 534 -7.21 31.22 -22.07
N ARG D 535 -7.85 30.52 -22.97
CA ARG D 535 -8.90 29.58 -22.60
C ARG D 535 -10.01 30.24 -21.78
N GLY D 536 -10.53 31.35 -22.26
CA GLY D 536 -11.66 31.95 -21.59
C GLY D 536 -12.26 33.08 -22.36
N ARG D 537 -12.93 33.97 -21.64
CA ARG D 537 -13.49 35.18 -22.23
C ARG D 537 -13.82 36.15 -21.10
N LEU D 538 -13.26 37.36 -21.15
CA LEU D 538 -13.56 38.40 -20.17
C LEU D 538 -14.45 39.47 -20.81
N GLN D 539 -14.96 40.36 -19.96
CA GLN D 539 -15.72 41.49 -20.47
C GLN D 539 -15.65 42.63 -19.47
N VAL D 540 -15.59 43.85 -19.98
CA VAL D 540 -15.42 45.06 -19.20
C VAL D 540 -16.80 45.66 -18.94
N VAL D 541 -17.24 45.59 -17.69
CA VAL D 541 -18.60 45.94 -17.30
C VAL D 541 -18.61 47.31 -16.64
N ASP D 542 -19.66 48.09 -16.91
CA ASP D 542 -19.69 49.47 -16.46
C ASP D 542 -20.23 49.58 -15.04
N ASP D 543 -19.38 49.34 -14.06
CA ASP D 543 -19.55 49.82 -12.68
C ASP D 543 -20.76 49.25 -11.94
N ASP D 544 -21.59 48.47 -12.62
CA ASP D 544 -22.73 47.85 -11.95
C ASP D 544 -22.91 46.39 -12.32
N GLY D 545 -22.23 45.92 -13.36
CA GLY D 545 -22.45 44.57 -13.79
C GLY D 545 -23.68 44.39 -14.65
N LYS D 546 -24.29 45.49 -15.10
CA LYS D 546 -25.35 45.41 -16.10
C LYS D 546 -24.98 46.44 -17.17
N LYS D 547 -24.07 46.04 -18.04
CA LYS D 547 -23.63 46.76 -19.22
C LYS D 547 -22.49 45.99 -19.83
N VAL D 548 -21.95 46.47 -20.95
CA VAL D 548 -20.74 45.90 -21.51
C VAL D 548 -20.13 46.93 -22.43
N PHE D 549 -18.81 47.11 -22.33
CA PHE D 549 -18.10 47.96 -23.28
C PHE D 549 -17.41 47.12 -24.34
N VAL D 550 -16.52 46.23 -23.90
CA VAL D 550 -15.79 45.35 -24.80
C VAL D 550 -15.79 43.96 -24.19
N THR D 551 -15.60 42.97 -25.04
CA THR D 551 -15.47 41.58 -24.63
C THR D 551 -14.10 41.10 -25.10
N LEU D 552 -13.31 40.58 -24.16
CA LEU D 552 -11.94 40.18 -24.45
C LEU D 552 -11.91 38.68 -24.69
N GLN D 553 -11.40 38.28 -25.84
CA GLN D 553 -11.35 36.89 -26.25
C GLN D 553 -9.97 36.33 -25.95
N GLU D 554 -9.79 35.05 -26.25
CA GLU D 554 -8.50 34.41 -26.01
C GLU D 554 -7.40 35.13 -26.78
N GLY D 555 -6.24 35.24 -26.16
CA GLY D 555 -5.10 35.87 -26.79
C GLY D 555 -4.99 37.37 -26.59
N SER D 556 -6.04 38.02 -26.06
CA SER D 556 -5.97 39.45 -25.85
C SER D 556 -5.20 39.75 -24.57
N VAL D 557 -4.88 41.03 -24.37
CA VAL D 557 -4.02 41.47 -23.28
C VAL D 557 -4.69 42.65 -22.59
N PHE D 558 -4.62 42.67 -21.26
CA PHE D 558 -5.21 43.73 -20.47
C PHE D 558 -4.26 44.13 -19.36
N GLY D 559 -4.11 45.44 -19.16
CA GLY D 559 -3.27 45.95 -18.10
C GLY D 559 -1.81 46.10 -18.44
N GLU D 560 -1.48 46.29 -19.72
CA GLU D 560 -0.08 46.26 -20.14
C GLU D 560 0.65 47.56 -19.88
N LEU D 561 -0.06 48.65 -19.59
CA LEU D 561 0.59 49.89 -19.20
C LEU D 561 0.76 50.00 -17.70
N SER D 562 -0.05 49.29 -16.92
CA SER D 562 0.13 49.22 -15.48
C SER D 562 1.34 48.42 -15.07
N ILE D 563 2.16 47.98 -16.03
CA ILE D 563 3.31 47.14 -15.77
C ILE D 563 4.55 48.01 -15.93
N LEU D 564 4.41 49.10 -16.67
CA LEU D 564 5.43 50.13 -16.76
C LEU D 564 5.27 51.11 -15.60
N ASN D 565 6.18 52.08 -15.53
CA ASN D 565 6.12 53.14 -14.51
C ASN D 565 6.35 54.47 -15.22
N ILE D 566 5.24 55.10 -15.65
CA ILE D 566 5.37 56.30 -16.46
C ILE D 566 5.45 57.55 -15.59
N ALA D 567 5.34 57.38 -14.27
CA ALA D 567 5.66 58.46 -13.34
C ALA D 567 4.79 59.70 -13.55
N GLY D 568 3.51 59.61 -13.17
CA GLY D 568 2.58 60.69 -13.42
C GLY D 568 1.72 60.44 -14.64
N SER D 569 1.09 59.26 -14.65
CA SER D 569 0.33 58.79 -15.79
C SER D 569 -1.17 58.81 -15.58
N LYS D 570 -1.70 59.79 -14.83
CA LYS D 570 -3.15 59.96 -14.72
C LYS D 570 -3.82 58.71 -14.14
N ASN D 571 -3.67 58.51 -12.84
CA ASN D 571 -4.08 57.28 -12.15
C ASN D 571 -3.26 56.09 -12.65
N GLY D 572 -1.93 56.21 -12.44
CA GLY D 572 -1.03 55.18 -12.91
C GLY D 572 -1.15 53.87 -12.15
N ASN D 573 -1.41 53.94 -10.85
CA ASN D 573 -1.43 52.74 -10.02
C ASN D 573 -2.81 52.12 -9.88
N ARG D 574 -3.88 52.88 -10.08
CA ARG D 574 -5.22 52.34 -9.90
C ARG D 574 -5.74 51.74 -11.20
N ARG D 575 -6.71 50.83 -11.07
CA ARG D 575 -7.02 49.89 -12.15
C ARG D 575 -7.77 50.55 -13.29
N THR D 576 -8.68 51.49 -12.99
CA THR D 576 -9.46 52.33 -13.91
C THR D 576 -10.49 51.53 -14.74
N ALA D 577 -10.72 50.26 -14.45
CA ALA D 577 -11.75 49.52 -15.17
C ALA D 577 -12.17 48.31 -14.36
N ASN D 578 -13.39 47.84 -14.64
CA ASN D 578 -13.92 46.60 -14.07
C ASN D 578 -13.84 45.52 -15.14
N VAL D 579 -13.36 44.35 -14.77
CA VAL D 579 -13.25 43.22 -15.69
C VAL D 579 -13.70 41.97 -14.96
N ARG D 580 -14.70 41.28 -15.49
CA ARG D 580 -15.19 40.06 -14.89
C ARG D 580 -15.16 38.93 -15.90
N SER D 581 -15.04 37.71 -15.37
CA SER D 581 -14.96 36.51 -16.18
C SER D 581 -16.36 36.04 -16.58
N VAL D 582 -16.51 35.64 -17.83
CA VAL D 582 -17.80 35.14 -18.31
C VAL D 582 -18.04 33.73 -17.80
N GLY D 583 -17.15 32.80 -18.16
CA GLY D 583 -17.18 31.47 -17.59
C GLY D 583 -15.88 31.20 -16.88
N TYR D 584 -15.40 29.97 -16.92
CA TYR D 584 -14.10 29.65 -16.35
C TYR D 584 -13.01 30.17 -17.27
N THR D 585 -12.11 30.96 -16.72
CA THR D 585 -11.04 31.59 -17.48
C THR D 585 -9.69 31.10 -16.98
N ASP D 586 -8.69 31.14 -17.86
CA ASP D 586 -7.31 30.80 -17.54
C ASP D 586 -6.44 31.96 -17.96
N LEU D 587 -6.15 32.88 -17.04
CA LEU D 587 -5.29 33.99 -17.36
C LEU D 587 -3.84 33.66 -17.07
N PHE D 588 -2.94 34.31 -17.78
CA PHE D 588 -1.51 34.28 -17.49
C PHE D 588 -1.04 35.68 -17.18
N VAL D 589 -0.38 35.84 -16.04
CA VAL D 589 -0.08 37.16 -15.49
C VAL D 589 1.42 37.39 -15.54
N LEU D 590 1.81 38.55 -16.06
CA LEU D 590 3.20 39.01 -16.01
C LEU D 590 3.27 40.13 -14.99
N SER D 591 3.82 39.82 -13.81
CA SER D 591 3.95 40.81 -12.76
C SER D 591 4.86 41.95 -13.18
N LYS D 592 4.71 43.09 -12.49
CA LYS D 592 5.60 44.23 -12.75
C LYS D 592 6.99 43.96 -12.21
N THR D 593 7.07 43.34 -11.04
CA THR D 593 8.36 42.94 -10.48
C THR D 593 9.13 42.06 -11.45
N ASP D 594 8.46 41.05 -12.02
CA ASP D 594 9.11 40.16 -12.97
C ASP D 594 9.59 40.92 -14.20
N LEU D 595 8.74 41.80 -14.74
CA LEU D 595 9.16 42.55 -15.91
C LEU D 595 10.42 43.34 -15.62
N TRP D 596 10.50 44.01 -14.48
CA TRP D 596 11.66 44.88 -14.26
C TRP D 596 12.90 44.06 -13.88
N ASN D 597 12.72 42.96 -13.14
CA ASN D 597 13.84 42.06 -12.89
C ASN D 597 14.45 41.58 -14.19
N ALA D 598 13.63 41.10 -15.13
CA ALA D 598 14.18 40.66 -16.41
C ALA D 598 14.71 41.83 -17.21
N LEU D 599 14.10 43.01 -17.07
CA LEU D 599 14.44 44.14 -17.92
C LEU D 599 15.78 44.74 -17.55
N ARG D 600 16.18 44.62 -16.30
CA ARG D 600 17.43 45.24 -15.87
C ARG D 600 18.63 44.66 -16.62
N GLU D 601 18.50 43.44 -17.14
CA GLU D 601 19.59 42.85 -17.92
C GLU D 601 19.66 43.41 -19.33
N TYR D 602 18.57 43.96 -19.85
CA TYR D 602 18.54 44.56 -21.17
C TYR D 602 18.20 46.03 -21.00
N PRO D 603 19.18 46.94 -20.95
CA PRO D 603 18.85 48.34 -20.66
C PRO D 603 18.39 49.08 -21.90
N ASP D 604 18.82 48.58 -23.07
CA ASP D 604 18.35 49.15 -24.31
C ASP D 604 16.88 48.84 -24.52
N ALA D 605 16.46 47.60 -24.22
CA ALA D 605 15.05 47.27 -24.27
C ALA D 605 14.27 48.04 -23.21
N ARG D 606 14.92 48.33 -22.07
CA ARG D 606 14.26 49.07 -21.01
C ARG D 606 13.90 50.48 -21.46
N LYS D 607 14.88 51.23 -21.96
CA LYS D 607 14.60 52.58 -22.41
C LYS D 607 13.56 52.61 -23.52
N LEU D 608 13.54 51.58 -24.37
CA LEU D 608 12.62 51.52 -25.48
C LEU D 608 11.20 51.24 -25.01
N LEU D 609 11.06 50.29 -24.07
CA LEU D 609 9.78 50.04 -23.42
C LEU D 609 9.23 51.30 -22.76
N LEU D 610 10.09 52.03 -22.05
CA LEU D 610 9.64 53.28 -21.44
C LEU D 610 9.13 54.25 -22.49
N ALA D 611 9.88 54.40 -23.59
CA ALA D 611 9.45 55.30 -24.65
C ALA D 611 8.11 54.88 -25.23
N LYS D 612 7.93 53.58 -25.50
CA LYS D 612 6.69 53.11 -26.09
C LYS D 612 5.52 53.30 -25.13
N GLY D 613 5.75 53.07 -23.84
CA GLY D 613 4.70 53.28 -22.86
C GLY D 613 4.27 54.73 -22.77
N ARG D 614 5.24 55.66 -22.75
CA ARG D 614 4.91 57.07 -22.75
C ARG D 614 4.11 57.44 -24.01
N GLU D 615 4.51 56.90 -25.16
CA GLU D 615 3.80 57.18 -26.40
C GLU D 615 2.35 56.71 -26.32
N ILE D 616 2.15 55.43 -25.98
CA ILE D 616 0.80 54.87 -25.92
C ILE D 616 -0.04 55.64 -24.91
N LEU D 617 0.58 56.04 -23.79
CA LEU D 617 -0.14 56.78 -22.76
C LEU D 617 -0.61 58.12 -23.29
N LYS D 618 0.28 58.86 -23.97
CA LYS D 618 -0.09 60.18 -24.47
C LYS D 618 -1.17 60.08 -25.54
N LYS D 619 -0.95 59.24 -26.54
CA LYS D 619 -1.97 59.07 -27.58
C LYS D 619 -3.25 58.46 -27.01
C1 CPL E . -44.01 -22.48 -16.10
C2 CPL E . -42.64 -21.95 -15.68
C3 CPL E . -42.20 -20.84 -16.63
C4 CPL E . -45.93 -27.16 -16.12
C5 CPL E . -45.90 -27.70 -14.69
C6 CPL E . -46.23 -29.63 -13.37
C7 CPL E . -46.91 -29.65 -15.63
C8 CPL E . -44.60 -29.64 -15.08
C11 CPL E . -42.03 -18.63 -15.91
C12 CPL E . -42.32 -17.16 -16.16
C13 CPL E . -41.29 -16.34 -15.38
C14 CPL E . -41.78 -14.92 -15.21
C15 CPL E . -42.38 -14.40 -16.52
C16 CPL E . -42.85 -12.96 -16.34
C17 CPL E . -41.71 -12.11 -15.79
C18 CPL E . -41.76 -10.72 -16.39
C19 CPL E . -40.85 -9.85 -15.54
C20 CPL E . -40.45 -8.60 -16.31
C21 CPL E . -38.95 -8.36 -16.14
C22 CPL E . -38.59 -8.19 -14.68
C23 CPL E . -38.98 -6.80 -14.22
C24 CPL E . -37.79 -5.86 -14.32
C25 CPL E . -38.23 -4.47 -13.92
C26 CPL E . -37.04 -3.52 -13.95
C31 CPL E . -43.77 -21.35 -13.59
C32 CPL E . -44.66 -20.11 -13.69
C33 CPL E . -45.24 -19.76 -12.32
C34 CPL E . -45.32 -18.24 -12.18
C35 CPL E . -43.93 -17.65 -12.26
C36 CPL E . -43.87 -16.29 -11.58
C37 CPL E . -44.69 -15.29 -12.38
C38 CPL E . -44.27 -13.88 -12.01
C39 CPL E . -45.34 -12.89 -12.50
C40 CPL E . -45.11 -11.60 -12.51
C41 CPL E . -43.77 -11.01 -12.03
C42 CPL E . -43.91 -9.50 -12.04
C43 CPL E . -42.88 -8.71 -12.28
C44 CPL E . -43.08 -7.20 -12.27
C45 CPL E . -41.82 -6.51 -11.75
N CPL E . -45.91 -29.15 -14.70
O2 CPL E . -42.60 -21.47 -14.35
O3 CPL E . -42.86 -19.64 -16.38
O11 CPL E . -41.07 -18.91 -15.28
O31 CPL E . -44.07 -22.20 -12.85
O1P CPL E . -46.30 -23.93 -17.05
O2P CPL E . -46.64 -24.59 -14.75
O3P CPL E . -44.32 -23.65 -15.39
O4P CPL E . -45.07 -26.06 -16.22
P CPL E . -45.62 -24.55 -15.86
C1 CPL F . -40.71 -24.27 -8.27
C2 CPL F . -40.65 -22.85 -8.81
C3 CPL F . -40.60 -22.95 -10.34
C4 CPL F . -41.62 -27.10 -6.54
C5 CPL F . -42.02 -28.56 -6.41
C11 CPL F . -40.30 -20.82 -11.31
C12 CPL F . -39.88 -19.50 -10.69
C13 CPL F . -39.25 -18.63 -11.76
C14 CPL F . -37.91 -18.15 -11.25
C15 CPL F . -36.89 -18.32 -12.35
C16 CPL F . -35.49 -18.30 -11.77
C17 CPL F . -34.55 -17.82 -12.85
C18 CPL F . -34.21 -16.37 -12.57
C19 CPL F . -33.16 -15.88 -13.57
C20 CPL F . -33.28 -14.37 -13.62
C21 CPL F . -31.91 -13.73 -13.44
C22 CPL F . -31.83 -13.13 -12.06
C23 CPL F . -30.81 -12.00 -12.10
C24 CPL F . -30.11 -11.93 -10.75
C25 CPL F . -28.76 -11.23 -10.92
C26 CPL F . -27.93 -11.52 -9.68
C31 CPL F . -41.63 -21.01 -7.64
C32 CPL F . -41.02 -21.04 -6.24
C33 CPL F . -41.10 -19.66 -5.62
C34 CPL F . -39.76 -18.93 -5.73
C35 CPL F . -39.95 -17.65 -6.53
C36 CPL F . -38.67 -17.34 -7.29
C37 CPL F . -37.93 -16.18 -6.63
C38 CPL F . -37.28 -15.33 -7.71
C39 CPL F . -35.75 -15.45 -7.62
C40 CPL F . -35.01 -15.32 -8.70
C41 CPL F . -33.50 -15.44 -8.61
O2 CPL F . -41.80 -22.17 -8.41
O3 CPL F . -39.71 -22.04 -10.90
O11 CPL F . -41.14 -20.82 -12.13
O31 CPL F . -41.97 -19.96 -8.07
O1P CPL F . -39.08 -24.99 -4.86
O2P CPL F . -38.31 -25.70 -7.07
O3P CPL F . -40.49 -24.30 -6.89
O4P CPL F . -40.34 -26.90 -6.02
P CPL F . -39.54 -25.47 -6.21
O1 PX2 G . -17.97 -33.06 -28.38
O2 PX2 G . -17.10 -31.47 -26.71
P1 PX2 G . -16.97 -32.87 -27.28
O3 PX2 G . -17.22 -33.87 -26.19
O4 PX2 G . -15.45 -33.08 -27.86
C1 PX2 G . -14.94 -32.16 -28.77
C2 PX2 G . -14.30 -31.02 -28.00
C3 PX2 G . -13.03 -31.59 -27.36
O5 PX2 G . -12.11 -30.58 -27.15
C4 PX2 G . -11.14 -30.92 -26.21
O6 PX2 G . -10.79 -32.03 -26.15
C5 PX2 G . -10.56 -29.87 -25.29
C6 PX2 G . -9.13 -30.26 -24.95
C7 PX2 G . -8.54 -29.17 -24.08
C8 PX2 G . -7.43 -28.48 -24.86
C9 PX2 G . -6.29 -28.15 -23.91
O7 PX2 G . -14.00 -29.95 -28.86
C16 PX2 G . -15.06 -29.09 -29.18
O8 PX2 G . -16.03 -29.51 -29.71
C17 PX2 G . -14.99 -27.60 -28.88
C18 PX2 G . -13.56 -27.19 -28.53
C19 PX2 G . -13.53 -25.69 -28.24
C20 PX2 G . -12.38 -25.39 -27.28
C12 CPL H . -19.38 -24.72 -29.24
C13 CPL H . -19.13 -24.05 -27.90
C14 CPL H . -18.08 -24.81 -27.10
C15 CPL H . -17.81 -24.10 -25.77
C16 CPL H . -16.93 -24.96 -24.88
C17 CPL H . -16.29 -24.08 -23.81
C18 CPL H . -14.86 -24.52 -23.54
C19 CPL H . -14.11 -23.38 -22.88
C20 CPL H . -12.61 -23.58 -23.04
C12 CPL I . -23.57 -23.73 -30.98
C13 CPL I . -23.77 -22.26 -31.33
C14 CPL I . -22.45 -21.51 -31.22
C15 CPL I . -22.53 -20.50 -30.08
C16 CPL I . -21.17 -20.42 -29.40
C17 CPL I . -21.36 -20.09 -27.92
C18 CPL I . -20.02 -19.80 -27.27
C19 CPL I . -20.24 -19.48 -25.80
C20 CPL I . -19.25 -18.40 -25.34
C12 CPL J . -27.05 -19.89 -30.22
C13 CPL J . -26.36 -18.70 -29.56
C14 CPL J . -26.42 -18.90 -28.05
C15 CPL J . -25.25 -18.20 -27.38
C16 CPL J . -25.44 -18.30 -25.86
C17 CPL J . -24.11 -18.05 -25.16
C18 CPL J . -24.30 -18.36 -23.69
C19 CPL J . -23.06 -17.98 -22.90
C20 CPL J . -23.47 -17.17 -21.68
C21 CPL J . -22.27 -16.47 -21.07
C22 CPL J . -21.25 -16.08 -22.12
C23 CPL J . -20.01 -15.50 -21.43
C12 CPL K . -23.97 0.56 -7.24
C13 CPL K . -25.15 0.07 -8.09
C14 CPL K . -24.69 -0.21 -9.52
C15 CPL K . -23.25 -0.73 -9.51
C16 CPL K . -22.79 -1.02 -10.93
C17 CPL K . -23.31 -2.40 -11.36
C18 CPL K . -22.96 -2.62 -12.82
C19 CPL K . -23.56 -1.49 -13.66
C20 CPL K . -23.50 -1.89 -15.12
C21 CPL K . -22.08 -2.25 -15.51
C22 CPL K . -21.67 -1.37 -16.69
C23 CPL K . -20.31 -1.81 -17.22
C24 CPL K . -19.60 -0.60 -17.82
C11 CPL L . -28.01 6.76 -6.89
C12 CPL L . -28.11 5.34 -7.44
C13 CPL L . -26.77 4.90 -8.02
C14 CPL L . -26.87 4.86 -9.54
C15 CPL L . -27.33 3.48 -9.98
C16 CPL L . -28.75 3.57 -10.54
C17 CPL L . -29.58 2.46 -9.93
C18 CPL L . -28.98 1.10 -10.25
C19 CPL L . -29.80 0.00 -9.56
C20 CPL L . -30.56 -0.83 -10.59
C21 CPL L . -31.31 -1.95 -9.91
C22 CPL L . -32.56 -2.29 -10.70
C23 CPL L . -32.21 -3.12 -11.93
C24 CPL L . -33.43 -3.20 -12.84
C25 CPL L . -33.66 -4.64 -13.29
O1 PX2 M . -13.60 0.95 -13.88
O2 PX2 M . -12.26 1.90 -12.05
P1 PX2 M . -13.29 0.85 -12.42
O3 PX2 M . -14.55 1.06 -11.63
O4 PX2 M . -12.70 -0.65 -12.09
C1 PX2 M . -12.08 -0.89 -10.85
C2 PX2 M . -11.99 -2.39 -10.58
C3 PX2 M . -12.63 -3.18 -11.72
O5 PX2 M . -13.65 -4.03 -11.26
C4 PX2 M . -13.89 -5.10 -12.12
O6 PX2 M . -14.06 -4.89 -13.26
C5 PX2 M . -13.94 -6.53 -11.61
C6 PX2 M . -13.58 -7.47 -12.75
C7 PX2 M . -12.22 -8.11 -12.53
C8 PX2 M . -12.27 -9.57 -12.99
C9 PX2 M . -10.87 -10.07 -13.31
C10 PX2 M . -10.98 -11.22 -14.32
O7 PX2 M . -10.66 -2.75 -10.33
C16 PX2 M . -9.87 -3.20 -11.40
O8 PX2 M . -9.79 -2.58 -12.40
C17 PX2 M . -9.08 -4.49 -11.27
C18 PX2 M . -8.93 -5.21 -12.61
C19 PX2 M . -7.88 -6.29 -12.41
C20 PX2 M . -8.05 -7.42 -13.41
C21 PX2 M . -6.79 -8.26 -13.40
NA NA N . -12.87 -30.36 -0.33
C1 CPL O . -29.56 -29.07 31.44
C2 CPL O . -28.77 -28.28 30.39
C3 CPL O . -29.19 -26.81 30.42
C4 CPL O . -31.52 -33.73 31.32
C5 CPL O . -30.40 -34.73 31.09
C6 CPL O . -29.90 -36.99 30.62
C7 CPL O . -32.10 -36.39 31.23
C8 CPL O . -31.23 -35.75 29.13
C11 CPL O . -27.72 -25.15 31.16
C12 CPL O . -27.49 -23.92 32.01
C13 CPL O . -26.32 -23.15 31.39
C14 CPL O . -25.74 -22.18 32.42
C15 CPL O . -26.86 -21.46 33.16
C16 CPL O . -26.27 -20.48 34.17
C17 CPL O . -25.28 -19.57 33.46
C18 CPL O . -25.35 -18.17 34.06
C19 CPL O . -24.11 -17.43 33.58
C20 CPL O . -24.32 -15.93 33.72
C21 CPL O . -23.86 -15.23 32.44
C22 CPL O . -22.39 -15.53 32.17
C23 CPL O . -21.53 -14.66 33.10
C24 CPL O . -21.12 -13.40 32.37
C25 CPL O . -20.33 -12.53 33.34
C26 CPL O . -19.84 -11.27 32.62
C31 CPL O . -26.82 -28.99 31.68
C32 CPL O . -26.61 -28.23 32.99
C33 CPL O . -25.31 -28.67 33.66
C34 CPL O . -24.67 -27.47 34.35
C35 CPL O . -24.31 -26.43 33.30
C36 CPL O . -23.20 -25.52 33.80
C37 CPL O . -23.71 -24.67 34.95
C38 CPL O . -22.81 -23.45 35.13
C39 CPL O . -23.08 -22.82 36.49
C40 CPL O . -22.60 -21.64 36.81
C41 CPL O . -21.75 -20.84 35.82
C42 CPL O . -21.25 -19.60 36.55
C43 CPL O . -21.03 -18.47 35.91
C44 CPL O . -20.53 -17.26 36.70
C45 CPL O . -19.60 -16.42 35.82
N CPL O . -30.91 -35.96 30.52
O2 CPL O . -27.38 -28.36 30.55
O3 CPL O . -28.65 -26.13 31.52
O11 CPL O . -27.10 -25.29 30.18
O31 CPL O . -26.48 -30.11 31.61
O1P CPL O . -31.31 -30.77 32.95
O2P CPL O . -29.47 -32.35 33.01
O3P CPL O . -29.37 -30.44 31.26
O4P CPL O . -31.09 -32.44 30.98
P CPL O . -30.32 -31.50 32.09
C1 CPL P . -22.44 -32.39 27.72
C2 CPL P . -22.44 -30.96 28.24
C3 CPL P . -23.88 -30.43 28.14
C4 CPL P . -21.98 -35.79 27.45
C5 CPL P . -22.45 -37.22 27.22
C11 CPL P . -23.98 -28.16 28.72
C12 CPL P . -22.87 -27.12 28.86
C13 CPL P . -23.46 -25.73 28.63
C14 CPL P . -22.61 -25.03 27.59
C15 CPL P . -23.52 -24.37 26.58
C16 CPL P . -22.76 -24.08 25.31
C17 CPL P . -23.45 -22.90 24.62
C18 CPL P . -22.62 -21.65 24.90
C19 CPL P . -23.21 -20.47 24.14
C20 CPL P . -22.75 -19.22 24.85
C21 CPL P . -22.15 -18.25 23.85
C22 CPL P . -20.63 -18.23 24.02
C23 CPL P . -20.12 -16.89 23.53
C24 CPL P . -18.75 -17.09 22.93
C25 CPL P . -18.43 -15.94 21.98
C26 CPL P . -17.28 -16.35 21.09
C31 CPL P . -20.87 -30.20 29.88
C32 CPL P . -19.49 -30.55 29.30
C33 CPL P . -18.45 -29.64 29.94
C34 CPL P . -18.09 -28.49 29.01
C35 CPL P . -18.40 -27.17 29.67
C36 CPL P . -18.80 -26.14 28.63
C37 CPL P . -17.66 -25.15 28.40
C38 CPL P . -18.26 -23.77 28.15
C39 CPL P . -17.97 -23.35 26.71
C40 CPL P . -18.81 -22.55 26.08
C41 CPL P . -18.53 -22.12 24.64
O2 CPL P . -22.01 -30.96 29.56
O3 CPL P . -23.93 -29.11 27.69
O11 CPL P . -24.87 -28.13 29.49
O31 CPL P . -20.96 -29.27 30.61
O1P CPL P . -19.30 -33.71 25.95
O2P CPL P . -21.47 -33.18 24.96
O3P CPL P . -21.14 -32.86 27.52
O4P CPL P . -21.23 -35.34 26.34
P CPL P . -20.78 -33.76 26.18
O1 PX2 Q . -40.53 -23.74 3.30
O2 PX2 Q . -38.29 -22.72 3.13
P1 PX2 Q . -39.28 -23.64 2.45
O3 PX2 Q . -38.66 -25.00 2.29
O4 PX2 Q . -39.65 -23.05 0.96
C1 PX2 Q . -40.10 -21.72 0.87
C2 PX2 Q . -38.89 -20.82 0.73
C3 PX2 Q . -38.30 -21.08 -0.65
O5 PX2 Q . -37.60 -19.97 -1.10
C4 PX2 Q . -36.70 -20.26 -2.11
O6 PX2 Q . -36.98 -21.10 -2.88
C5 PX2 Q . -35.39 -19.53 -2.22
C6 PX2 Q . -35.00 -19.44 -3.68
C7 PX2 Q . -33.71 -18.65 -3.79
C8 PX2 Q . -34.02 -17.36 -4.54
C9 PX2 Q . -32.84 -17.01 -5.45
O7 PX2 Q . -39.26 -19.47 0.89
C16 PX2 Q . -39.42 -19.02 2.21
O8 PX2 Q . -40.20 -19.53 2.93
C17 PX2 Q . -38.60 -17.84 2.74
C18 PX2 Q . -37.92 -17.09 1.59
C19 PX2 Q . -37.11 -15.93 2.16
C20 PX2 Q . -35.95 -15.63 1.24
C12 CPL R . -38.62 -16.87 7.91
C13 CPL R . -37.11 -16.73 7.96
C14 CPL R . -36.47 -17.30 6.69
C15 CPL R . -34.95 -17.10 6.74
C16 CPL R . -34.30 -17.85 5.58
C17 CPL R . -32.90 -17.29 5.36
C18 CPL R . -32.57 -17.23 3.86
C19 CPL R . -31.44 -16.24 3.64
C20 CPL R . -31.43 -15.80 2.18
C12 CPL S . -40.53 -16.90 12.13
C13 CPL S . -40.37 -15.60 12.91
C14 CPL S . -39.80 -14.52 12.00
C15 CPL S . -38.41 -14.13 12.47
C16 CPL S . -37.53 -13.82 11.25
C17 CPL S . -36.08 -14.18 11.58
C18 CPL S . -35.17 -13.69 10.47
C19 CPL S . -33.72 -14.07 10.80
C20 CPL S . -32.78 -12.98 10.33
C12 CPL T . -39.04 -15.23 16.86
C13 CPL T . -37.90 -14.22 16.72
C14 CPL T . -36.58 -14.99 16.69
C15 CPL T . -35.53 -14.22 15.91
C16 CPL T . -34.20 -14.95 16.04
C17 CPL T . -33.25 -14.53 14.93
C18 CPL T . -32.03 -15.42 14.99
C19 CPL T . -30.97 -14.96 14.00
C20 CPL T . -29.64 -14.88 14.70
C21 CPL T . -28.62 -14.09 13.89
C22 CPL T . -29.30 -12.97 13.10
C23 CPL T . -28.27 -12.30 12.20
C12 CPL U . -10.16 -5.61 22.30
C13 CPL U . -11.30 -6.12 23.18
C14 CPL U . -12.65 -5.64 22.65
C15 CPL U . -12.59 -5.56 21.13
C16 CPL U . -13.94 -5.09 20.58
C17 CPL U . -14.90 -6.28 20.50
C18 CPL U . -16.26 -5.77 20.08
C19 CPL U . -16.74 -4.73 21.08
C20 CPL U . -18.23 -4.49 20.86
C21 CPL U . -18.48 -4.10 19.41
C22 CPL U . -19.20 -2.76 19.38
C23 CPL U . -19.62 -2.43 17.96
C24 CPL U . -19.65 -0.91 17.78
C11 CPL V . -8.29 -1.97 28.47
C12 CPL V . -9.32 -3.00 28.00
C13 CPL V . -9.79 -2.65 26.59
C14 CPL V . -11.23 -2.14 26.67
C15 CPL V . -12.19 -3.32 26.54
C16 CPL V . -12.90 -3.54 27.87
C17 CPL V . -12.86 -5.03 28.20
C18 CPL V . -13.53 -5.84 27.09
C19 CPL V . -13.41 -7.33 27.42
C20 CPL V . -14.77 -7.90 27.77
C21 CPL V . -14.65 -9.40 28.01
C22 CPL V . -15.71 -9.84 29.03
C23 CPL V . -17.07 -9.95 28.37
C24 CPL V . -18.13 -10.11 29.45
C25 CPL V . -19.08 -11.25 29.08
O1 PX2 W . -14.53 1.09 12.93
O2 PX2 W . -12.30 1.68 12.08
P1 PX2 W . -13.16 0.55 12.60
O3 PX2 W . -12.55 -0.04 13.85
O4 PX2 W . -13.29 -0.63 11.46
C1 PX2 W . -12.13 -1.08 10.81
C2 PX2 W . -12.39 -2.43 10.12
C3 PX2 W . -13.83 -2.88 10.39
O5 PX2 W . -13.86 -4.15 10.99
C4 PX2 W . -15.07 -4.82 10.78
O6 PX2 W . -16.08 -4.26 11.01
C5 PX2 W . -15.10 -6.24 10.26
C6 PX2 W . -16.43 -6.48 9.55
C7 PX2 W . -16.24 -6.61 8.04
C8 PX2 W . -17.19 -7.67 7.51
C9 PX2 W . -17.44 -7.47 6.02
C10 PX2 W . -18.79 -8.08 5.65
O7 PX2 W . -12.08 -2.33 8.76
C16 PX2 W . -13.11 -2.01 7.85
O8 PX2 W . -13.80 -1.07 8.03
C17 PX2 W . -13.31 -2.86 6.62
C18 PX2 W . -14.77 -2.90 6.19
C19 PX2 W . -14.81 -3.50 4.79
C20 PX2 W . -16.15 -4.14 4.50
C21 PX2 W . -16.24 -4.40 3.00
C1 CPL X . 14.24 -47.60 15.34
C2 CPL X . 13.68 -46.23 14.95
C3 CPL X . 14.15 -45.16 15.92
C4 CPL X . 12.19 -52.22 15.29
C5 CPL X . 11.78 -52.55 13.85
C6 CPL X . 10.64 -54.10 12.49
C7 CPL X . 11.08 -54.64 14.75
C8 CPL X . 9.49 -52.97 14.22
C11 CPL X . 15.64 -43.49 15.23
C12 CPL X . 16.89 -42.69 15.50
C13 CPL X . 16.77 -41.37 14.75
C14 CPL X . 18.15 -40.73 14.59
C15 CPL X . 18.92 -40.82 15.90
C16 CPL X . 20.30 -40.17 15.74
C17 CPL X . 20.12 -38.76 15.21
C18 CPL X . 21.15 -37.82 15.83
C19 CPL X . 21.15 -36.56 15.00
C20 CPL X . 21.77 -35.42 15.79
C21 CPL X . 20.92 -34.17 15.64
C22 CPL X . 20.78 -33.77 14.19
C23 CPL X . 22.06 -33.07 13.75
C24 CPL X . 21.91 -31.57 13.87
C25 CPL X . 23.23 -30.92 13.49
C26 CPL X . 23.09 -29.40 13.55
C31 CPL X . 14.90 -46.60 12.87
C32 CPL X . 16.41 -46.38 12.97
C33 CPL X . 17.07 -46.53 11.60
C34 CPL X . 18.22 -45.54 11.48
C35 CPL X . 17.67 -44.13 11.58
C36 CPL X . 18.62 -43.13 10.92
C37 CPL X . 19.91 -43.05 11.72
C38 CPL X . 20.64 -41.76 11.39
C39 CPL X . 22.08 -41.86 11.88
C40 CPL X . 22.86 -40.80 11.91
C41 CPL X . 22.36 -39.42 11.45
C42 CPL X . 23.55 -38.47 11.48
C43 CPL X . 23.40 -37.19 11.74
C44 CPL X . 24.63 -36.27 11.76
C45 CPL X . 24.26 -34.88 11.26
N CPL X . 10.75 -53.57 13.83
O2 CPL X . 14.00 -45.84 13.63
O3 CPL X . 15.49 -44.80 15.69
O11 CPL X . 14.78 -43.00 14.61
O31 CPL X . 14.48 -47.39 12.10
O1P CPL X . 14.77 -50.26 16.26
O2P CPL X . 14.54 -50.94 13.95
O3P CPL X . 13.62 -48.62 14.63
O4P CPL X . 12.39 -50.84 15.41
P CPL X . 13.86 -50.18 15.06
C1 CPL Y . 10.68 -46.33 7.52
C2 CPL Y . 11.68 -45.31 8.09
C3 CPL Y . 11.56 -45.38 9.62
C4 CPL Y . 9.30 -48.92 5.74
C5 CPL Y . 8.51 -50.22 5.59
C11 CPL Y . 12.88 -43.70 10.61
C12 CPL Y . 13.55 -42.47 10.02
C13 CPL Y . 13.73 -41.42 11.11
C14 CPL Y . 13.15 -40.12 10.61
C15 CPL Y . 12.31 -39.52 11.72
C16 CPL Y . 11.36 -38.49 11.16
C17 CPL Y . 11.05 -37.49 12.26
C18 CPL Y . 11.86 -36.24 11.99
C19 CPL Y . 11.49 -35.16 13.01
C20 CPL Y . 12.66 -34.21 13.08
C21 CPL Y . 12.17 -32.78 12.92
C22 CPL Y . 12.56 -32.27 11.55
C23 CPL Y . 12.66 -30.75 11.61
C24 CPL Y . 12.23 -30.18 10.28
C25 CPL Y . 11.81 -28.73 10.46
C26 CPL Y . 11.02 -28.29 9.23
C31 CPL Y . 13.69 -44.72 6.94
C32 CPL Y . 13.25 -44.29 5.54
C33 CPL Y . 14.30 -43.38 4.93
C34 CPL Y . 13.90 -41.91 5.07
C35 CPL Y . 14.95 -41.17 5.88
C36 CPL Y . 14.28 -40.04 6.67
C37 CPL Y . 14.60 -38.70 6.03
C38 CPL Y . 14.76 -37.65 7.13
C39 CPL Y . 13.63 -36.64 7.04
C40 CPL Y . 13.20 -36.03 8.13
C41 CPL Y . 12.07 -35.02 8.05
O2 CPL Y . 12.96 -45.67 7.68
O3 CPL Y . 11.60 -44.11 10.20
O11 CPL Y . 13.46 -44.31 11.43
O31 CPL Y . 14.68 -44.26 7.38
O1P CPL Y . 9.06 -45.59 4.12
O2P CPL Y . 8.01 -45.57 6.32
O3P CPL Y . 10.52 -46.16 6.14
O4P CPL Y . 8.55 -47.84 5.23
P CPL Y . 9.03 -46.28 5.46
O1 PX2 Z . -11.49 -36.35 27.70
O2 PX2 Z . -10.95 -34.60 26.06
P1 PX2 Z . -12.04 -35.48 26.60
O3 PX2 Z . -12.59 -36.33 25.49
O4 PX2 Z . -13.26 -34.55 27.19
C1 PX2 Z . -12.95 -33.56 28.12
C2 PX2 Z . -12.57 -32.29 27.38
C3 PX2 Z . -13.86 -31.76 26.74
O5 PX2 Z . -13.76 -30.38 26.55
C4 PX2 Z . -14.68 -29.91 25.62
O6 PX2 Z . -15.72 -30.43 25.54
C5 PX2 Z . -14.32 -28.76 24.71
C6 PX2 Z . -15.57 -27.99 24.39
C7 PX2 Z . -15.21 -26.80 23.53
C8 PX2 Z . -15.48 -25.53 24.33
C9 PX2 Z . -16.03 -24.46 23.40
O7 PX2 Z . -12.01 -31.35 28.25
C16 PX2 Z . -10.65 -31.52 28.58
O8 PX2 Z . -10.28 -32.52 29.08
C17 PX2 Z . -9.63 -30.43 28.30
C18 PX2 Z . -10.32 -29.12 27.98
C19 PX2 Z . -9.26 -28.05 27.70
C20 PX2 Z . -9.84 -26.99 26.76
C12 CPL AA . -4.51 -31.61 28.67
C13 CPL AA . -4.18 -30.95 27.33
C14 CPL AA . -5.47 -30.70 26.54
C15 CPL AA . -5.13 -29.99 25.22
C16 CPL AA . -6.36 -29.94 24.33
C17 CPL AA . -6.16 -28.85 23.27
C18 CPL AA . -7.47 -28.11 23.01
C19 CPL AA . -7.16 -26.77 22.36
C20 CPL AA . -8.35 -25.84 22.55
C12 CPL BA . -0.91 -33.97 30.37
C13 CPL BA . 0.30 -33.11 30.75
C14 CPL BA . -0.07 -31.63 30.67
C15 CPL BA . 0.71 -30.97 29.54
C16 CPL BA . -0.17 -29.92 28.87
C17 CPL BA . 0.21 -29.81 27.40
C18 CPL BA . -0.51 -28.63 26.75
C19 CPL BA . -0.12 -28.54 25.28
C20 CPL BA . -0.02 -27.08 24.86
C12 CPL CA . 4.28 -33.81 29.66
C13 CPL CA . 4.67 -32.48 29.01
C14 CPL CA . 4.56 -32.63 27.50
C15 CPL CA . 4.28 -31.29 26.84
C16 CPL CA . 4.33 -31.47 25.33
C17 CPL CA . 3.60 -30.33 24.64
C18 CPL CA . 3.52 -30.65 23.16
C19 CPL CA . 2.93 -29.49 22.39
C20 CPL CA . 3.80 -29.20 21.18
C21 CPL CA . 3.49 -27.83 20.58
C22 CPL CA . 3.06 -26.84 21.66
C23 CPL CA . 2.61 -25.55 20.99
C12 CPL DA . 17.00 -17.05 7.00
C13 CPL DA . 17.46 -18.24 7.84
C14 CPL DA . 16.94 -18.12 9.27
C15 CPL DA . 15.57 -17.45 9.25
C16 CPL DA . 15.03 -17.35 10.67
C17 CPL DA . 14.40 -18.68 11.09
C18 CPL DA . 13.98 -18.60 12.54
C19 CPL DA . 15.20 -18.28 13.39
C20 CPL DA . 14.88 -18.54 14.85
C21 CPL DA . 13.63 -17.76 15.25
C22 CPL DA . 13.97 -16.88 16.45
C23 CPL DA . 12.71 -16.21 16.97
C24 CPL DA . 13.08 -14.88 17.60
C11 CPL EA . 24.26 -15.66 6.72
C12 CPL EA . 23.31 -16.73 7.23
C13 CPL EA . 22.07 -16.06 7.83
C14 CPL EA . 22.11 -16.19 9.34
C15 CPL EA . 21.42 -17.49 9.75
C16 CPL EA . 22.46 -18.46 10.31
C17 CPL EA . 22.25 -19.82 9.67
C18 CPL EA . 20.85 -20.33 9.98
C19 CPL EA . 20.63 -21.67 9.26
C20 CPL EA . 20.55 -22.80 10.28
C21 CPL EA . 20.27 -24.12 9.57
C22 CPL EA . 20.88 -25.27 10.35
C23 CPL EA . 20.04 -25.61 11.57
C24 CPL EA . 20.82 -26.56 12.48
C25 CPL EA . 19.93 -27.72 12.88
O1 PX2 FA . 10.07 -9.40 13.75
O2 PX2 FA . 9.83 -7.75 11.93
P1 PX2 FA . 9.78 -9.22 12.28
O3 PX2 FA . 10.82 -9.98 11.48
O4 PX2 FA . 8.28 -9.83 11.93
C1 PX2 FA . 7.70 -9.53 10.70
C2 PX2 FA . 6.56 -10.51 10.39
C3 PX2 FA . 6.42 -11.54 11.53
O5 PX2 FA . 6.52 -12.85 11.04
C4 PX2 FA . 5.92 -13.77 11.88
O6 PX2 FA . 6.18 -13.76 13.03
C5 PX2 FA . 4.91 -14.79 11.35
C6 PX2 FA . 3.99 -15.20 12.48
C7 PX2 FA . 2.58 -14.67 12.26
C8 PX2 FA . 1.57 -15.72 12.70
C9 PX2 FA . 0.23 -15.07 13.03
C10 PX2 FA . -0.53 -15.95 14.02
O7 PX2 FA . 5.37 -9.78 10.16
C16 PX2 FA . 4.50 -9.55 11.23
O8 PX2 FA . 4.88 -9.07 12.24
C17 PX2 FA . 3.02 -9.87 11.08
C18 PX2 FA . 2.40 -10.28 12.42
C19 PX2 FA . 0.89 -10.27 12.21
C20 PX2 FA . 0.19 -11.19 13.19
C21 PX2 FA . -1.30 -10.88 13.17
C1 CPL GA . -0.34 -40.85 -32.06
C2 CPL GA . -0.32 -39.76 -30.99
C3 CPL GA . 1.03 -39.05 -31.01
C4 CPL GA . -2.34 -45.50 -32.03
C5 CPL GA . -3.84 -45.39 -31.80
C6 CPL GA . -5.82 -46.60 -31.35
C7 CPL GA . -3.86 -47.77 -31.97
C8 CPL GA . -4.01 -46.73 -29.86
C11 CPL GA . 1.20 -36.83 -31.71
C12 CPL GA . 1.93 -35.78 -32.54
C13 CPL GA . 1.68 -34.42 -31.89
C14 CPL GA . 1.98 -33.32 -32.91
C15 CPL GA . 3.27 -33.61 -33.65
C16 CPL GA . 3.56 -32.49 -34.64
C17 CPL GA . 3.54 -31.15 -33.92
C18 CPL GA . 4.60 -30.23 -34.50
C19 CPL GA . 4.27 -28.83 -33.99
C20 CPL GA . 5.50 -27.94 -34.11
C21 CPL GA . 5.67 -27.15 -32.82
C22 CPL GA . 4.45 -26.29 -32.54
C23 CPL GA . 4.48 -25.07 -33.43
C24 CPL GA . 5.10 -23.89 -32.69
C25 CPL GA . 5.18 -22.71 -33.64
C26 CPL GA . 5.74 -21.50 -32.90
C31 CPL GA . -2.19 -38.81 -32.27
C32 CPL GA . -1.78 -38.12 -33.56
C33 CPL GA . -3.00 -37.48 -34.23
C34 CPL GA . -2.59 -36.17 -34.90
C35 CPL GA . -2.08 -35.21 -33.82
C36 CPL GA . -2.20 -33.77 -34.30
C37 CPL GA . -1.22 -33.52 -35.44
C38 CPL GA . -0.97 -32.03 -35.60
C39 CPL GA . -0.33 -31.77 -36.96
C40 CPL GA . 0.19 -30.59 -37.25
C41 CPL GA . 0.17 -29.44 -36.24
C42 CPL GA . 0.72 -28.21 -36.95
C43 CPL GA . 1.39 -27.29 -36.30
C44 CPL GA . 1.91 -26.07 -37.06
C45 CPL GA . 1.88 -24.83 -36.16
N CPL GA . -4.38 -46.62 -31.24
O2 CPL GA . -1.35 -38.80 -31.14
O3 CPL GA . 1.15 -38.16 -32.09
O11 CPL GA . 0.68 -36.48 -30.72
O31 CPL GA . -3.23 -39.35 -32.21
O1P CPL GA . -0.36 -43.28 -33.62
O2P CPL GA . -2.77 -43.03 -33.67
O3P CPL GA . -1.46 -41.67 -31.91
O4P CPL GA . -1.71 -44.32 -31.67
P CPL GA . -1.57 -43.08 -32.76
C1 CPL HA . -7.68 -38.08 -28.30
C2 CPL HA . -6.64 -37.08 -28.80
C3 CPL HA . -5.26 -37.77 -28.72
C4 CPL HA . -10.43 -40.12 -28.06
C5 CPL HA . -11.15 -41.46 -27.86
C11 CPL HA . -3.56 -36.24 -29.26
C12 CPL HA . -3.57 -34.72 -29.38
C13 CPL HA . -2.17 -34.20 -29.13
C14 CPL HA . -2.26 -33.11 -28.08
C15 CPL HA . -1.14 -33.35 -27.07
C16 CPL HA . -1.46 -32.60 -25.78
C17 CPL HA . -0.14 -32.29 -25.10
C18 CPL HA . 0.20 -30.83 -25.34
C19 CPL HA . 1.44 -30.45 -24.57
C20 CPL HA . 2.04 -29.24 -25.26
C21 CPL HA . 2.32 -28.14 -24.25
C22 CPL HA . 1.29 -27.05 -24.40
C23 CPL HA . 1.89 -25.75 -23.89
C24 CPL HA . 0.80 -24.91 -23.25
C25 CPL HA . 1.41 -23.90 -22.29
C26 CPL HA . 0.30 -23.37 -21.40
C31 CPL HA . -7.18 -35.40 -30.41
C32 CPL HA . -8.39 -34.67 -29.82
C33 CPL HA . -8.47 -33.27 -30.43
C34 CPL HA . -7.89 -32.23 -29.48
C35 CPL HA . -6.72 -31.52 -30.14
C36 CPL HA . -5.70 -31.11 -29.08
C37 CPL HA . -5.77 -29.62 -28.84
C38 CPL HA . -4.36 -29.09 -28.57
C39 CPL HA . -4.25 -28.62 -27.12
C40 CPL HA . -3.10 -28.68 -26.49
C41 CPL HA . -2.98 -28.21 -25.04
O2 CPL HA . -6.93 -36.76 -30.12
O3 CPL HA . -4.28 -36.90 -28.24
O11 CPL HA . -2.93 -36.86 -30.04
O31 CPL HA . -6.46 -34.81 -31.13
O1P CPL HA . -10.80 -36.77 -26.51
O2P CPL HA . -8.92 -37.98 -25.54
O3P CPL HA . -8.92 -37.48 -28.08
O4P CPL HA . -10.64 -39.29 -26.94
P CPL HA . -9.81 -37.88 -26.75
O1 PX2 IA . 11.08 -45.57 -3.99
O2 PX2 IA . 10.27 -43.26 -3.78
P1 PX2 IA . 10.29 -44.61 -3.13
O3 PX2 IA . 8.88 -45.12 -2.98
O4 PX2 IA . 10.98 -44.51 -1.64
C1 PX2 IA . 12.23 -43.91 -1.53
C2 PX2 IA . 12.05 -42.41 -1.37
C3 PX2 IA . 11.45 -42.19 0.01
O5 PX2 IA . 11.77 -40.92 0.48
C4 PX2 IA . 10.94 -40.50 1.50
O6 PX2 IA . 10.53 -41.29 2.26
C5 PX2 IA . 10.56 -39.04 1.64
C6 PX2 IA . 10.34 -38.73 3.10
C7 PX2 IA . 10.03 -37.25 3.24
C8 PX2 IA . 11.17 -36.60 4.00
C9 PX2 IA . 10.60 -35.53 4.93
O7 PX2 IA . 13.28 -41.73 -1.51
C16 PX2 IA . 13.72 -41.51 -2.83
O8 PX2 IA . 13.90 -42.42 -3.57
C17 PX2 IA . 14.00 -40.10 -3.33
C18 PX2 IA . 14.07 -39.12 -2.17
C19 PX2 IA . 14.34 -37.72 -2.72
C20 PX2 IA . 13.76 -36.68 -1.77
C12 CPL JA . 14.71 -39.35 -8.50
C13 CPL JA . 13.77 -38.16 -8.52
C14 CPL JA . 12.93 -38.12 -7.25
C15 CPL JA . 12.01 -36.90 -7.28
C16 CPL JA . 11.01 -36.95 -6.12
C17 CPL JA . 10.45 -35.56 -5.88
C18 CPL JA . 10.26 -35.32 -4.38
C19 CPL JA . 10.19 -33.82 -4.12
C20 CPL JA . 10.50 -33.53 -2.66
C12 CPL KA . 16.01 -40.68 -12.73
C13 CPL KA . 16.85 -39.65 -13.50
C14 CPL KA . 17.23 -38.49 -12.57
C15 CPL KA . 16.55 -37.21 -13.02
C16 CPL KA . 16.16 -36.40 -11.79
C17 CPL KA . 14.89 -35.60 -12.10
C18 CPL KA . 14.62 -34.62 -10.97
C19 CPL KA . 13.35 -33.83 -11.29
C20 CPL KA . 13.48 -32.39 -10.80
C12 CPL LA . 16.20 -38.35 -17.43
C13 CPL LA . 16.13 -36.84 -17.26
C14 CPL LA . 14.67 -36.42 -17.22
C15 CPL LA . 14.48 -35.14 -16.42
C16 CPL LA . 13.03 -34.69 -16.54
C17 CPL LA . 12.68 -33.74 -15.41
C18 CPL LA . 11.19 -33.47 -15.47
C19 CPL LA . 10.81 -32.40 -14.46
C20 CPL LA . 9.93 -31.37 -15.15
C21 CPL LA . 9.80 -30.11 -14.31
C22 CPL LA . 11.07 -29.84 -13.52
C23 CPL LA . 10.84 -28.64 -12.60
C12 CPL MA . 3.11 -10.78 -22.38
C13 CPL MA . 3.54 -11.93 -23.29
C14 CPL MA . 4.82 -12.58 -22.76
C15 CPL MA . 4.84 -12.52 -21.24
C16 CPL MA . 6.10 -13.18 -20.71
C17 CPL MA . 5.91 -14.69 -20.65
C18 CPL MA . 7.23 -15.33 -20.24
C19 CPL MA . 8.31 -14.93 -21.24
C20 CPL MA . 9.51 -15.83 -21.04
C21 CPL MA . 9.97 -15.78 -19.58
C22 CPL MA . 11.44 -15.37 -19.55
C23 CPL MA . 11.96 -15.47 -18.12
C24 CPL MA . 13.07 -14.44 -17.93
C11 CPL NA . 4.45 -6.80 -28.49
C12 CPL NA . 4.41 -8.27 -28.05
C13 CPL NA . 5.00 -8.39 -26.64
C14 CPL NA . 6.36 -9.06 -26.72
C15 CPL NA . 6.18 -10.58 -26.62
C16 CPL NA . 6.51 -11.23 -27.95
C17 CPL NA . 5.41 -12.21 -28.31
C18 CPL NA . 5.29 -13.28 -27.23
C19 CPL NA . 4.14 -14.22 -27.56
C20 CPL NA . 4.67 -15.59 -27.95
C21 CPL NA . 3.50 -16.54 -28.21
C22 CPL NA . 3.91 -17.58 -29.23
C23 CPL NA . 4.79 -18.66 -28.60
C24 CPL NA . 5.41 -19.52 -29.69
C25 CPL NA . 5.24 -21.00 -29.34
O1 PX2 OA . 10.97 -9.45 -12.98
O2 PX2 OA . 9.84 -7.45 -12.10
P1 PX2 OA . 9.63 -8.84 -12.64
O3 PX2 OA . 8.79 -8.79 -13.89
O4 PX2 OA . 8.87 -9.77 -11.52
C1 PX2 OA . 7.75 -9.26 -10.86
C2 PX2 OA . 6.95 -10.40 -10.20
C3 PX2 OA . 7.62 -11.75 -10.49
O5 PX2 OA . 6.72 -12.63 -11.10
C4 PX2 OA . 7.08 -13.97 -10.92
O6 PX2 OA . 8.18 -14.31 -11.16
C5 PX2 OA . 6.07 -15.00 -10.41
C6 PX2 OA . 6.84 -16.12 -9.73
C7 PX2 OA . 6.60 -16.10 -8.22
C8 PX2 OA . 6.50 -17.53 -7.71
C9 PX2 OA . 6.81 -17.60 -6.22
C10 PX2 OA . 7.30 -19.01 -5.89
O7 PX2 OA . 6.81 -10.13 -8.82
C16 PX2 OA . 7.74 -10.67 -7.94
O8 PX2 OA . 8.90 -10.50 -8.10
C17 PX2 OA . 7.27 -11.42 -6.71
C18 PX2 OA . 8.26 -12.51 -6.30
C19 PX2 OA . 7.85 -12.98 -4.91
C20 PX2 OA . 8.32 -14.40 -4.64
C21 PX2 OA . 8.19 -14.67 -3.15
#